data_1Y7B
#
_entry.id   1Y7B
#
_cell.length_a   94.480
_cell.length_b   136.150
_cell.length_c   183.870
_cell.angle_alpha   90.00
_cell.angle_beta   90.00
_cell.angle_gamma   90.00
#
_symmetry.space_group_name_H-M   'P 21 21 21'
#
loop_
_entity.id
_entity.type
_entity.pdbx_description
1 polymer 'Beta-xylosidase, family 43 glycosyl hydrolase'
2 non-polymer 'CALCIUM ION'
3 non-polymer 'SULFATE ION'
4 non-polymer '4-(2-HYDROXYETHYL)-1-PIPERAZINE ETHANESULFONIC ACID'
5 non-polymer 'TRIETHYLENE GLYCOL'
6 non-polymer GLYCEROL
7 water water
#
_entity_poly.entity_id   1
_entity_poly.type   'polypeptide(L)'
_entity_poly.pdbx_seq_one_letter_code
;MSLIKNPILRGFNPDPSICRADTDYYIATSTFEWFPGVQIHHSKDLVNWHLVAHPLNRTSLLDMKGNPNSGGIWAPDLSY
HDGKFWLIYTDVKVTDGMWKDCHNYLTTCESVDGVWSDPITLNGSGFDASLFHDNDGKKYLVNMYWDQRTYNHNFYGIVL
QEYSDKEKKLIGKAKIIYKGTDIKYTEGPHIYHIGDYYYLFTAEGGTTYEHSETVARSKNIDGPYEIDPEYPLLTSWHDP
RNSLQKCGHASLVHTHTDEWYLAHLVGRPLPVGNQPVLEQRGYCPLGRETSIQRIEWVDNWPRVVGGKQGSVNVEAPKIP
EVKWEKTYDEKDNFDSDKLNINFQSLRIPLTENIASLKAKKGNLRLYGKESLTSTFTQAFIARRWQSFKFDASTSVSFSP
DTFQQAAGLTCYYNTENWSTIQVTWNEDKGRVIDIVCCDNFHFDMPLKSNVIPIPKDVEYIHLKVEVRVETYQYSYSFDG
INWSKVPAIFESRKLSDDYVQGGGFFTGAFVGINCIDITGNNKPADFDYFCYKEEGHHHHHH
;
_entity_poly.pdbx_strand_id   A,B,C,D
#
loop_
_chem_comp.id
_chem_comp.type
_chem_comp.name
_chem_comp.formula
CA non-polymer 'CALCIUM ION' 'Ca 2'
EPE non-polymer '4-(2-HYDROXYETHYL)-1-PIPERAZINE ETHANESULFONIC ACID' 'C8 H18 N2 O4 S'
GOL non-polymer GLYCEROL 'C3 H8 O3'
PGE non-polymer 'TRIETHYLENE GLYCOL' 'C6 H14 O4'
SO4 non-polymer 'SULFATE ION' 'O4 S -2'
#
# COMPACT_ATOMS: atom_id res chain seq x y z
N SER A 2 38.82 -26.07 -25.36
CA SER A 2 38.24 -24.80 -24.83
C SER A 2 36.84 -24.56 -25.40
N LEU A 3 35.98 -24.12 -24.51
CA LEU A 3 34.57 -23.85 -24.80
C LEU A 3 34.23 -22.58 -24.01
N ILE A 4 33.26 -21.82 -24.52
CA ILE A 4 32.75 -20.65 -23.82
C ILE A 4 31.74 -21.17 -22.80
N LYS A 5 31.98 -20.86 -21.52
CA LYS A 5 31.08 -21.27 -20.46
C LYS A 5 30.32 -20.06 -19.92
N ASN A 6 29.04 -19.92 -20.28
CA ASN A 6 28.31 -18.74 -19.84
C ASN A 6 27.83 -18.83 -18.39
N PRO A 7 27.74 -17.71 -17.67
CA PRO A 7 28.09 -16.36 -18.15
C PRO A 7 29.59 -16.15 -18.18
N ILE A 8 30.08 -15.42 -19.18
CA ILE A 8 31.53 -15.12 -19.23
C ILE A 8 31.97 -14.00 -18.25
N LEU A 9 31.05 -13.08 -17.95
CA LEU A 9 31.32 -12.01 -16.95
C LEU A 9 30.29 -12.18 -15.86
N ARG A 10 30.75 -12.58 -14.67
CA ARG A 10 29.83 -13.00 -13.60
C ARG A 10 29.53 -11.90 -12.59
N GLY A 11 28.41 -12.02 -11.91
CA GLY A 11 27.93 -10.91 -11.07
C GLY A 11 27.60 -9.69 -11.94
N PHE A 12 27.31 -8.59 -11.28
CA PHE A 12 26.69 -7.40 -11.87
C PHE A 12 27.55 -6.93 -13.06
N ASN A 13 27.04 -7.14 -14.27
CA ASN A 13 27.81 -6.86 -15.48
C ASN A 13 26.84 -6.85 -16.65
N PRO A 14 25.93 -5.87 -16.67
CA PRO A 14 24.85 -5.85 -17.64
C PRO A 14 25.23 -5.14 -18.95
N ASP A 15 24.32 -5.21 -19.91
CA ASP A 15 24.36 -4.40 -21.13
C ASP A 15 25.69 -4.49 -21.88
N PRO A 16 26.15 -5.71 -22.23
CA PRO A 16 27.49 -5.86 -22.78
C PRO A 16 27.59 -5.22 -24.16
N SER A 17 28.58 -4.37 -24.32
CA SER A 17 28.90 -3.80 -25.62
C SER A 17 30.24 -4.45 -26.03
N ILE A 18 30.17 -5.37 -26.99
CA ILE A 18 31.40 -6.04 -27.43
C ILE A 18 32.06 -5.33 -28.59
N CYS A 19 33.38 -5.27 -28.55
CA CYS A 19 34.15 -4.48 -29.48
C CYS A 19 35.44 -5.24 -29.85
N ARG A 20 35.72 -5.35 -31.15
CA ARG A 20 36.98 -5.93 -31.64
C ARG A 20 37.94 -4.82 -32.05
N ALA A 21 39.19 -4.93 -31.62
CA ALA A 21 40.23 -4.02 -32.09
C ALA A 21 41.37 -4.95 -32.56
N ASP A 22 41.41 -5.20 -33.89
CA ASP A 22 42.36 -6.18 -34.45
C ASP A 22 42.12 -7.57 -33.88
N THR A 23 43.04 -8.11 -33.07
CA THR A 23 42.82 -9.40 -32.42
C THR A 23 42.47 -9.30 -30.95
N ASP A 24 42.22 -8.09 -30.46
CA ASP A 24 41.76 -7.93 -29.07
C ASP A 24 40.26 -7.75 -29.04
N TYR A 25 39.63 -8.36 -28.02
CA TYR A 25 38.18 -8.32 -27.80
C TYR A 25 37.93 -7.70 -26.46
N TYR A 26 36.97 -6.76 -26.42
CA TYR A 26 36.61 -6.03 -25.17
C TYR A 26 35.12 -6.03 -24.99
N ILE A 27 34.69 -6.07 -23.73
CA ILE A 27 33.27 -5.89 -23.42
C ILE A 27 33.16 -4.77 -22.42
N ALA A 28 32.37 -3.75 -22.75
CA ALA A 28 32.01 -2.72 -21.76
C ALA A 28 30.67 -3.09 -21.13
N THR A 29 30.58 -3.03 -19.79
CA THR A 29 29.30 -3.22 -19.06
C THR A 29 28.89 -2.01 -18.22
N SER A 30 27.58 -1.85 -18.02
CA SER A 30 27.03 -0.70 -17.27
C SER A 30 27.35 -0.84 -15.78
N THR A 31 27.52 0.30 -15.13
CA THR A 31 27.90 0.36 -13.72
C THR A 31 26.97 1.19 -12.85
N PHE A 32 26.04 1.92 -13.46
CA PHE A 32 25.07 2.71 -12.69
C PHE A 32 25.72 3.64 -11.66
N GLU A 33 25.36 3.51 -10.37
CA GLU A 33 25.88 4.44 -9.35
C GLU A 33 27.30 4.09 -8.86
N TRP A 34 27.85 2.98 -9.32
CA TRP A 34 29.15 2.52 -8.76
C TRP A 34 30.30 3.17 -9.53
N PHE A 35 31.28 3.63 -8.77
CA PHE A 35 32.37 4.42 -9.31
C PHE A 35 33.73 3.72 -9.03
N PRO A 36 34.69 3.78 -9.97
CA PRO A 36 34.62 4.43 -11.29
C PRO A 36 33.72 3.74 -12.32
N GLY A 37 33.25 4.50 -13.32
CA GLY A 37 32.20 4.04 -14.21
C GLY A 37 32.72 3.27 -15.43
N VAL A 38 31.86 2.35 -15.88
CA VAL A 38 32.00 1.48 -17.06
C VAL A 38 33.08 0.43 -16.89
N GLN A 39 32.68 -0.82 -16.67
CA GLN A 39 33.70 -1.89 -16.60
C GLN A 39 34.09 -2.29 -18.01
N ILE A 40 35.40 -2.42 -18.24
CA ILE A 40 35.86 -2.98 -19.51
C ILE A 40 36.66 -4.25 -19.22
N HIS A 41 36.25 -5.34 -19.86
CA HIS A 41 36.97 -6.61 -19.73
C HIS A 41 37.59 -6.87 -21.09
N HIS A 42 38.70 -7.60 -21.08
CA HIS A 42 39.45 -7.97 -22.30
C HIS A 42 39.55 -9.49 -22.46
N SER A 43 39.64 -9.91 -23.71
CA SER A 43 39.87 -11.32 -24.05
C SER A 43 40.56 -11.43 -25.41
N LYS A 44 41.34 -12.49 -25.56
CA LYS A 44 41.91 -12.87 -26.83
C LYS A 44 41.03 -13.92 -27.51
N ASP A 45 40.35 -14.75 -26.71
CA ASP A 45 39.75 -15.94 -27.27
C ASP A 45 38.24 -16.10 -27.08
N LEU A 46 37.61 -15.12 -26.41
CA LEU A 46 36.17 -15.12 -26.03
C LEU A 46 35.81 -16.09 -24.93
N VAL A 47 36.78 -16.90 -24.52
CA VAL A 47 36.61 -17.86 -23.45
C VAL A 47 37.04 -17.29 -22.12
N ASN A 48 38.26 -16.79 -22.07
CA ASN A 48 38.87 -16.27 -20.82
C ASN A 48 38.87 -14.73 -20.81
N TRP A 49 38.34 -14.12 -19.74
CA TRP A 49 38.14 -12.67 -19.69
C TRP A 49 38.80 -12.14 -18.44
N HIS A 50 39.32 -10.93 -18.51
CA HIS A 50 39.87 -10.30 -17.32
C HIS A 50 39.49 -8.82 -17.32
N LEU A 51 39.27 -8.32 -16.10
CA LEU A 51 38.80 -6.95 -15.88
C LEU A 51 39.99 -6.03 -15.99
N VAL A 52 39.92 -5.05 -16.89
CA VAL A 52 41.14 -4.23 -17.17
C VAL A 52 41.03 -2.72 -17.02
N ALA A 53 39.82 -2.19 -17.04
CA ALA A 53 39.71 -0.72 -17.02
C ALA A 53 38.34 -0.26 -16.49
N HIS A 54 38.33 0.96 -16.00
CA HIS A 54 37.09 1.72 -15.77
C HIS A 54 37.36 3.15 -16.23
N PRO A 55 37.01 3.46 -17.46
CA PRO A 55 37.30 4.75 -18.06
C PRO A 55 36.85 5.97 -17.30
N LEU A 56 35.68 5.89 -16.66
CA LEU A 56 35.05 7.11 -16.17
C LEU A 56 35.44 7.32 -14.70
N ASN A 57 36.65 7.84 -14.51
CA ASN A 57 37.30 7.74 -13.20
C ASN A 57 37.67 9.08 -12.66
N ARG A 58 37.09 10.11 -13.25
CA ARG A 58 37.20 11.46 -12.68
C ARG A 58 35.88 12.22 -12.80
N THR A 59 35.68 13.19 -11.91
CA THR A 59 34.44 13.93 -11.81
C THR A 59 34.10 14.64 -13.07
N SER A 60 35.13 15.15 -13.75
CA SER A 60 34.89 15.81 -15.04
C SER A 60 34.31 14.84 -16.10
N LEU A 61 34.58 13.55 -15.98
CA LEU A 61 33.90 12.59 -16.85
C LEU A 61 32.56 12.11 -16.30
N LEU A 62 32.49 11.99 -14.98
CA LEU A 62 31.31 11.39 -14.41
C LEU A 62 31.04 11.93 -13.01
N ASP A 63 29.92 12.63 -12.87
CA ASP A 63 29.57 13.32 -11.62
C ASP A 63 28.22 12.78 -11.19
N MET A 64 28.24 11.83 -10.25
CA MET A 64 27.01 11.13 -9.86
C MET A 64 26.64 11.40 -8.39
N LYS A 65 27.24 12.44 -7.78
CA LYS A 65 26.92 12.81 -6.38
C LYS A 65 25.40 13.09 -6.33
N GLY A 66 24.68 12.43 -5.42
CA GLY A 66 23.21 12.54 -5.33
C GLY A 66 22.37 11.76 -6.32
N ASN A 67 23.01 11.02 -7.23
CA ASN A 67 22.24 10.27 -8.22
C ASN A 67 21.32 9.25 -7.48
N PRO A 68 20.16 8.99 -8.05
CA PRO A 68 19.28 7.96 -7.52
C PRO A 68 19.92 6.57 -7.71
N ASN A 69 19.49 5.61 -6.88
CA ASN A 69 19.86 4.22 -7.07
C ASN A 69 19.52 3.79 -8.49
N SER A 70 20.46 3.11 -9.13
CA SER A 70 20.25 2.61 -10.48
C SER A 70 20.06 3.75 -11.48
N GLY A 71 20.49 4.95 -11.09
CA GLY A 71 20.75 6.03 -12.05
C GLY A 71 22.22 5.90 -12.50
N GLY A 72 22.80 7.01 -12.98
CA GLY A 72 24.17 7.04 -13.42
C GLY A 72 24.32 6.23 -14.68
N ILE A 73 25.36 5.39 -14.73
CA ILE A 73 25.80 4.83 -16.01
C ILE A 73 24.92 3.67 -16.45
N TRP A 74 24.09 3.94 -17.46
CA TRP A 74 23.24 2.91 -18.05
C TRP A 74 24.05 2.20 -19.16
N ALA A 75 23.41 1.46 -20.08
CA ALA A 75 24.16 0.68 -21.10
C ALA A 75 25.21 1.56 -21.77
N PRO A 76 26.48 1.14 -21.78
CA PRO A 76 27.55 1.88 -22.49
C PRO A 76 27.71 1.37 -23.92
N ASP A 77 28.46 2.09 -24.74
CA ASP A 77 28.70 1.65 -26.13
C ASP A 77 30.17 1.90 -26.42
N LEU A 78 30.90 0.81 -26.65
CA LEU A 78 32.33 0.87 -26.91
C LEU A 78 32.55 0.42 -28.34
N SER A 79 33.25 1.28 -29.10
CA SER A 79 33.56 1.00 -30.52
C SER A 79 35.06 1.29 -30.76
N TYR A 80 35.59 0.80 -31.88
CA TYR A 80 37.01 1.01 -32.22
C TYR A 80 37.03 1.38 -33.68
N HIS A 81 37.50 2.58 -33.98
CA HIS A 81 37.52 3.06 -35.35
C HIS A 81 38.56 4.16 -35.47
N ASP A 82 39.15 4.28 -36.67
CA ASP A 82 40.14 5.31 -36.93
C ASP A 82 41.27 5.19 -35.92
N GLY A 83 41.57 3.96 -35.48
CA GLY A 83 42.73 3.73 -34.63
C GLY A 83 42.57 4.14 -33.17
N LYS A 84 41.36 4.47 -32.74
CA LYS A 84 41.14 4.76 -31.31
C LYS A 84 39.79 4.22 -30.83
N PHE A 85 39.63 4.16 -29.50
CA PHE A 85 38.38 3.66 -28.90
C PHE A 85 37.43 4.82 -28.66
N TRP A 86 36.13 4.58 -28.81
CA TRP A 86 35.08 5.59 -28.65
C TRP A 86 34.12 5.01 -27.64
N LEU A 87 33.79 5.79 -26.61
CA LEU A 87 32.85 5.30 -25.59
C LEU A 87 31.70 6.29 -25.47
N ILE A 88 30.49 5.81 -25.75
CA ILE A 88 29.29 6.59 -25.55
C ILE A 88 28.75 6.12 -24.21
N TYR A 89 28.48 7.08 -23.32
CA TYR A 89 27.88 6.74 -22.01
C TYR A 89 26.75 7.68 -21.65
N THR A 90 25.94 7.25 -20.68
CA THR A 90 24.71 7.96 -20.32
C THR A 90 24.69 8.11 -18.82
N ASP A 91 24.42 9.32 -18.33
CA ASP A 91 24.29 9.56 -16.89
C ASP A 91 22.81 9.82 -16.71
N VAL A 92 22.10 8.89 -16.07
CA VAL A 92 20.66 9.01 -15.91
C VAL A 92 20.43 9.68 -14.56
N LYS A 93 19.60 10.74 -14.53
CA LYS A 93 19.36 11.49 -13.28
C LYS A 93 18.00 11.21 -12.62
N VAL A 94 17.06 10.71 -13.43
CA VAL A 94 15.70 10.37 -13.00
C VAL A 94 15.39 8.96 -13.48
N THR A 95 15.05 8.09 -12.53
CA THR A 95 14.91 6.65 -12.83
C THR A 95 13.49 6.13 -12.73
N ASP A 96 12.50 7.00 -12.49
CA ASP A 96 11.15 6.47 -12.38
C ASP A 96 10.19 7.59 -12.76
N GLY A 97 8.93 7.25 -12.98
CA GLY A 97 7.96 8.28 -13.30
C GLY A 97 7.83 8.46 -14.79
N MET A 98 7.22 9.59 -15.19
CA MET A 98 6.87 9.80 -16.59
C MET A 98 8.08 10.21 -17.44
N TRP A 99 9.16 10.68 -16.80
CA TRP A 99 10.38 11.01 -17.54
C TRP A 99 11.55 10.13 -17.13
N LYS A 100 12.60 10.09 -17.96
CA LYS A 100 13.84 9.38 -17.60
C LYS A 100 14.99 10.35 -17.92
N ASP A 101 14.98 11.53 -17.29
CA ASP A 101 16.00 12.53 -17.58
C ASP A 101 17.41 11.96 -17.60
N CYS A 102 18.16 12.21 -18.67
CA CYS A 102 19.52 11.61 -18.77
C CYS A 102 20.36 12.42 -19.74
N HIS A 103 21.66 12.14 -19.77
CA HIS A 103 22.56 12.88 -20.65
C HIS A 103 23.57 11.92 -21.30
N ASN A 104 23.70 12.02 -22.61
CA ASN A 104 24.67 11.20 -23.33
C ASN A 104 25.92 11.98 -23.65
N TYR A 105 27.05 11.27 -23.58
CA TYR A 105 28.36 11.85 -23.78
C TYR A 105 29.23 10.92 -24.60
N LEU A 106 30.26 11.50 -25.23
CA LEU A 106 31.27 10.71 -25.93
C LEU A 106 32.65 11.02 -25.34
N THR A 107 33.44 9.98 -25.04
CA THR A 107 34.86 10.18 -24.75
C THR A 107 35.67 9.18 -25.56
N THR A 108 36.95 9.46 -25.82
CA THR A 108 37.78 8.57 -26.63
C THR A 108 39.14 8.39 -25.97
N CYS A 109 39.87 7.37 -26.41
CA CYS A 109 41.19 7.08 -25.86
C CYS A 109 41.91 6.13 -26.81
N GLU A 110 43.24 6.26 -26.89
CA GLU A 110 44.04 5.36 -27.73
C GLU A 110 44.06 3.92 -27.17
N SER A 111 43.73 3.73 -25.89
CA SER A 111 43.70 2.38 -25.31
C SER A 111 42.62 2.34 -24.22
N VAL A 112 42.09 1.16 -23.91
CA VAL A 112 40.96 1.15 -22.96
C VAL A 112 41.37 1.54 -21.54
N ASP A 113 42.64 1.31 -21.21
CA ASP A 113 43.12 1.56 -19.85
C ASP A 113 43.91 2.90 -19.74
N GLY A 114 43.81 3.75 -20.75
CA GLY A 114 44.52 5.03 -20.74
C GLY A 114 43.70 6.15 -20.08
N VAL A 115 44.07 7.38 -20.37
CA VAL A 115 43.43 8.55 -19.83
C VAL A 115 42.48 9.00 -20.90
N TRP A 116 41.18 8.85 -20.60
CA TRP A 116 40.18 9.16 -21.60
C TRP A 116 39.97 10.67 -21.74
N SER A 117 39.59 11.10 -22.94
CA SER A 117 39.41 12.55 -23.25
C SER A 117 38.24 13.22 -22.52
N ASP A 118 38.29 14.54 -22.38
CA ASP A 118 37.19 15.25 -21.77
C ASP A 118 35.96 14.99 -22.62
N PRO A 119 34.80 14.84 -22.00
CA PRO A 119 33.62 14.38 -22.75
C PRO A 119 33.03 15.45 -23.67
N ILE A 120 32.47 14.98 -24.77
CA ILE A 120 31.75 15.79 -25.70
C ILE A 120 30.31 15.55 -25.39
N THR A 121 29.57 16.64 -25.21
CA THR A 121 28.15 16.60 -24.94
C THR A 121 27.35 16.20 -26.19
N LEU A 122 26.47 15.22 -26.04
CA LEU A 122 25.64 14.76 -27.15
C LEU A 122 24.22 15.25 -26.91
N ASN A 123 23.28 14.33 -26.75
CA ASN A 123 21.87 14.68 -26.61
C ASN A 123 21.34 14.03 -25.32
N GLY A 124 20.03 14.09 -25.14
CA GLY A 124 19.39 13.46 -23.99
C GLY A 124 17.99 12.92 -24.30
N SER A 125 17.66 12.76 -25.58
CA SER A 125 16.32 12.34 -25.96
C SER A 125 15.97 10.90 -25.55
N GLY A 126 16.98 10.13 -25.12
CA GLY A 126 16.72 8.85 -24.50
C GLY A 126 18.04 8.20 -24.14
N PHE A 127 17.98 7.04 -23.51
CA PHE A 127 19.20 6.35 -23.09
C PHE A 127 19.63 5.34 -24.17
N ASP A 128 20.58 4.46 -23.86
CA ASP A 128 21.02 3.41 -24.84
C ASP A 128 21.59 4.04 -26.12
N ALA A 129 22.40 5.09 -25.96
CA ALA A 129 23.05 5.75 -27.12
C ALA A 129 24.20 4.90 -27.64
N SER A 130 24.38 4.86 -28.95
CA SER A 130 25.33 3.99 -29.60
C SER A 130 25.93 4.68 -30.83
N LEU A 131 27.24 4.56 -30.98
CA LEU A 131 27.94 5.26 -32.08
C LEU A 131 28.30 4.31 -33.22
N PHE A 132 27.70 4.55 -34.40
CA PHE A 132 27.90 3.70 -35.54
C PHE A 132 28.84 4.36 -36.55
N HIS A 133 29.90 3.67 -36.93
CA HIS A 133 30.88 4.20 -37.89
C HIS A 133 30.69 3.54 -39.26
N ASP A 134 30.11 4.26 -40.21
CA ASP A 134 29.79 3.64 -41.50
C ASP A 134 31.05 3.58 -42.39
N ASN A 135 31.01 2.77 -43.45
CA ASN A 135 32.23 2.55 -44.23
C ASN A 135 32.57 3.68 -45.20
N ASP A 136 31.71 4.69 -45.24
CA ASP A 136 31.98 5.91 -46.01
C ASP A 136 32.58 7.01 -45.16
N GLY A 137 32.99 6.68 -43.94
CA GLY A 137 33.55 7.67 -43.03
C GLY A 137 32.52 8.50 -42.28
N LYS A 138 31.25 8.36 -42.61
CA LYS A 138 30.21 9.04 -41.83
C LYS A 138 29.97 8.31 -40.51
N LYS A 139 29.51 9.06 -39.50
CA LYS A 139 29.20 8.51 -38.18
C LYS A 139 27.81 9.02 -37.74
N TYR A 140 27.13 8.14 -37.00
CA TYR A 140 25.78 8.40 -36.56
C TYR A 140 25.60 7.94 -35.11
N LEU A 141 24.80 8.70 -34.36
CA LEU A 141 24.35 8.23 -33.05
C LEU A 141 22.90 7.70 -33.15
N VAL A 142 22.67 6.52 -32.55
CA VAL A 142 21.33 5.99 -32.40
C VAL A 142 21.07 5.85 -30.90
N ASN A 143 19.82 6.11 -30.51
CA ASN A 143 19.40 5.93 -29.16
C ASN A 143 17.90 5.74 -29.14
N MET A 144 17.40 5.20 -28.02
CA MET A 144 15.94 5.15 -27.83
C MET A 144 15.39 6.59 -27.65
N TYR A 145 14.20 6.83 -28.16
CA TYR A 145 13.56 8.15 -28.02
C TYR A 145 12.37 8.04 -27.02
N TRP A 146 12.46 8.82 -25.93
CA TRP A 146 11.51 8.71 -24.83
C TRP A 146 10.26 9.57 -25.08
N ASP A 147 9.09 8.95 -24.90
CA ASP A 147 7.81 9.66 -24.95
C ASP A 147 7.21 9.68 -23.53
N GLN A 148 7.13 10.85 -22.90
CA GLN A 148 6.72 10.92 -21.51
C GLN A 148 5.20 10.88 -21.38
N ARG A 149 4.47 11.05 -22.50
CA ARG A 149 3.03 11.28 -22.38
C ARG A 149 2.35 10.13 -21.65
N THR A 150 1.55 10.43 -20.64
CA THR A 150 1.15 9.38 -19.69
C THR A 150 0.26 8.29 -20.24
N TYR A 151 -0.46 8.56 -21.33
CA TYR A 151 -1.33 7.59 -21.95
C TYR A 151 -0.61 6.80 -23.03
N ASN A 152 0.70 7.04 -23.23
CA ASN A 152 1.49 6.28 -24.22
C ASN A 152 2.56 5.40 -23.59
N HIS A 153 2.88 4.29 -24.24
CA HIS A 153 4.08 3.52 -23.85
C HIS A 153 5.28 4.46 -24.04
N ASN A 154 6.24 4.43 -23.12
CA ASN A 154 7.33 5.43 -23.13
C ASN A 154 8.39 5.25 -24.24
N PHE A 155 8.37 4.09 -24.89
CA PHE A 155 9.43 3.72 -25.82
C PHE A 155 9.00 3.99 -27.25
N TYR A 156 9.30 5.21 -27.67
CA TYR A 156 8.73 5.74 -28.93
C TYR A 156 9.40 5.15 -30.18
N GLY A 157 10.52 4.44 -30.00
CA GLY A 157 11.33 3.96 -31.13
C GLY A 157 12.78 4.38 -31.04
N ILE A 158 13.45 4.33 -32.18
CA ILE A 158 14.90 4.55 -32.31
C ILE A 158 15.12 5.78 -33.19
N VAL A 159 15.85 6.75 -32.64
CA VAL A 159 16.24 7.97 -33.34
C VAL A 159 17.67 7.84 -33.83
N LEU A 160 17.95 8.42 -35.00
CA LEU A 160 19.26 8.43 -35.61
C LEU A 160 19.62 9.87 -35.92
N GLN A 161 20.86 10.26 -35.67
CA GLN A 161 21.33 11.58 -36.07
C GLN A 161 22.82 11.48 -36.37
N GLU A 162 23.27 12.23 -37.39
CA GLU A 162 24.68 12.17 -37.76
C GLU A 162 25.54 12.80 -36.69
N TYR A 163 26.72 12.21 -36.47
CA TYR A 163 27.68 12.80 -35.56
C TYR A 163 28.88 13.28 -36.38
N SER A 164 29.32 14.49 -36.11
CA SER A 164 30.50 15.10 -36.77
C SER A 164 31.69 15.17 -35.81
N ASP A 165 32.69 14.34 -36.07
CA ASP A 165 33.93 14.43 -35.31
C ASP A 165 34.66 15.76 -35.53
N LYS A 166 34.63 16.26 -36.76
CA LYS A 166 35.14 17.63 -37.02
C LYS A 166 34.53 18.70 -36.11
N GLU A 167 33.20 18.78 -36.06
CA GLU A 167 32.55 19.82 -35.23
C GLU A 167 32.34 19.43 -33.77
N LYS A 168 32.65 18.17 -33.45
CA LYS A 168 32.45 17.66 -32.09
C LYS A 168 31.01 17.84 -31.62
N LYS A 169 30.07 17.46 -32.45
CA LYS A 169 28.66 17.56 -32.10
C LYS A 169 27.82 16.80 -33.09
N LEU A 170 26.59 16.54 -32.69
CA LEU A 170 25.58 15.98 -33.57
C LEU A 170 25.19 17.07 -34.59
N ILE A 171 24.99 16.68 -35.84
CA ILE A 171 24.64 17.66 -36.85
C ILE A 171 23.41 17.19 -37.63
N GLY A 172 22.86 18.07 -38.47
CA GLY A 172 21.73 17.70 -39.32
C GLY A 172 20.52 17.41 -38.45
N LYS A 173 19.51 16.77 -39.01
CA LYS A 173 18.28 16.54 -38.27
C LYS A 173 18.21 15.12 -37.71
N ALA A 174 17.57 15.00 -36.55
CA ALA A 174 17.36 13.69 -35.94
C ALA A 174 16.07 13.10 -36.53
N LYS A 175 16.05 11.78 -36.74
CA LYS A 175 14.92 11.10 -37.42
C LYS A 175 14.59 9.83 -36.68
N ILE A 176 13.30 9.56 -36.50
CA ILE A 176 12.91 8.25 -35.95
C ILE A 176 13.01 7.27 -37.10
N ILE A 177 13.82 6.22 -36.98
CA ILE A 177 14.04 5.31 -38.13
C ILE A 177 13.35 3.94 -38.01
N TYR A 178 12.80 3.67 -36.83
CA TYR A 178 12.31 2.31 -36.50
C TYR A 178 11.45 2.44 -35.24
N LYS A 179 10.34 1.72 -35.22
CA LYS A 179 9.38 1.84 -34.10
C LYS A 179 9.36 0.57 -33.23
N GLY A 180 10.01 -0.50 -33.70
CA GLY A 180 10.10 -1.74 -32.94
C GLY A 180 8.90 -2.66 -33.22
N THR A 181 8.83 -3.79 -32.51
CA THR A 181 7.74 -4.78 -32.67
C THR A 181 6.65 -4.62 -31.61
N ASP A 182 5.65 -5.48 -31.69
CA ASP A 182 4.56 -5.45 -30.71
C ASP A 182 5.04 -5.88 -29.31
N ILE A 183 6.30 -6.33 -29.20
CA ILE A 183 6.85 -6.66 -27.86
C ILE A 183 7.14 -5.36 -27.09
N LYS A 184 7.54 -4.33 -27.83
CA LYS A 184 7.78 -2.96 -27.32
C LYS A 184 8.96 -2.92 -26.33
N TYR A 185 9.00 -1.93 -25.44
CA TYR A 185 10.23 -1.57 -24.72
C TYR A 185 11.45 -1.53 -25.69
N THR A 186 11.28 -0.94 -26.86
CA THR A 186 12.32 -1.02 -27.86
C THR A 186 13.49 -0.13 -27.46
N GLU A 187 14.66 -0.74 -27.28
CA GLU A 187 15.82 0.02 -26.81
C GLU A 187 17.11 -0.67 -27.30
N GLY A 188 18.25 -0.29 -26.72
CA GLY A 188 19.53 -0.91 -27.06
C GLY A 188 19.89 -0.93 -28.52
N PRO A 189 19.65 0.13 -29.29
CA PRO A 189 19.90 0.04 -30.76
C PRO A 189 21.40 -0.03 -31.05
N HIS A 190 21.75 -0.92 -31.97
CA HIS A 190 23.05 -0.88 -32.61
C HIS A 190 22.85 -1.15 -34.11
N ILE A 191 23.60 -0.41 -34.93
CA ILE A 191 23.59 -0.65 -36.37
C ILE A 191 24.88 -1.32 -36.83
N TYR A 192 24.75 -2.32 -37.71
CA TYR A 192 25.90 -2.97 -38.34
C TYR A 192 25.67 -2.95 -39.84
N HIS A 193 26.62 -2.42 -40.59
CA HIS A 193 26.51 -2.39 -42.05
C HIS A 193 27.31 -3.59 -42.53
N ILE A 194 26.62 -4.63 -42.97
CA ILE A 194 27.27 -5.89 -43.32
C ILE A 194 26.79 -6.31 -44.71
N GLY A 195 27.68 -6.36 -45.68
CA GLY A 195 27.26 -6.63 -47.05
C GLY A 195 26.19 -5.64 -47.49
N ASP A 196 25.10 -6.15 -48.03
CA ASP A 196 24.06 -5.33 -48.66
C ASP A 196 23.14 -4.61 -47.68
N TYR A 197 23.27 -4.91 -46.38
CA TYR A 197 22.24 -4.44 -45.43
C TYR A 197 22.81 -3.69 -44.27
N TYR A 198 22.05 -2.69 -43.81
CA TYR A 198 22.21 -2.16 -42.43
C TYR A 198 21.30 -2.97 -41.55
N TYR A 199 21.88 -3.59 -40.53
CA TYR A 199 21.12 -4.43 -39.61
C TYR A 199 20.98 -3.60 -38.35
N LEU A 200 19.73 -3.44 -37.91
CA LEU A 200 19.45 -2.73 -36.67
C LEU A 200 19.05 -3.77 -35.61
N PHE A 201 19.90 -3.94 -34.58
CA PHE A 201 19.56 -4.82 -33.49
C PHE A 201 18.94 -3.95 -32.37
N THR A 202 17.86 -4.44 -31.77
CA THR A 202 17.32 -3.76 -30.59
C THR A 202 16.97 -4.76 -29.51
N ALA A 203 17.03 -4.31 -28.25
CA ALA A 203 16.49 -5.08 -27.12
C ALA A 203 15.01 -4.76 -27.01
N GLU A 204 14.20 -5.73 -26.61
CA GLU A 204 12.77 -5.47 -26.43
C GLU A 204 12.27 -6.22 -25.22
N GLY A 205 11.10 -5.81 -24.71
CA GLY A 205 10.40 -6.58 -23.70
C GLY A 205 10.71 -6.10 -22.28
N GLY A 206 11.74 -5.27 -22.14
CA GLY A 206 12.17 -4.77 -20.82
C GLY A 206 13.15 -5.78 -20.24
N THR A 207 14.04 -5.35 -19.34
CA THR A 207 15.18 -6.21 -18.90
C THR A 207 14.79 -7.22 -17.79
N THR A 208 13.58 -7.78 -17.89
CA THR A 208 13.04 -8.74 -16.94
C THR A 208 13.01 -10.10 -17.66
N TYR A 209 12.15 -11.01 -17.21
CA TYR A 209 12.06 -12.32 -17.82
C TYR A 209 11.47 -12.18 -19.20
N GLU A 210 10.91 -11.02 -19.49
CA GLU A 210 10.30 -10.78 -20.82
C GLU A 210 11.31 -10.22 -21.86
N HIS A 211 12.56 -10.09 -21.45
CA HIS A 211 13.63 -9.55 -22.31
C HIS A 211 13.85 -10.36 -23.58
N SER A 212 14.25 -9.65 -24.65
CA SER A 212 14.54 -10.27 -25.94
C SER A 212 15.47 -9.35 -26.74
N GLU A 213 15.98 -9.85 -27.86
CA GLU A 213 16.64 -9.03 -28.86
C GLU A 213 15.99 -9.37 -30.20
N THR A 214 15.75 -8.35 -31.02
CA THR A 214 15.21 -8.58 -32.37
C THR A 214 16.10 -7.84 -33.37
N VAL A 215 16.12 -8.34 -34.60
CA VAL A 215 16.91 -7.73 -35.68
C VAL A 215 15.97 -7.27 -36.80
N ALA A 216 16.25 -6.09 -37.37
CA ALA A 216 15.56 -5.60 -38.56
C ALA A 216 16.65 -5.19 -39.55
N ARG A 217 16.35 -5.06 -40.84
CA ARG A 217 17.41 -4.71 -41.81
C ARG A 217 16.85 -3.76 -42.89
N SER A 218 17.73 -2.98 -43.51
CA SER A 218 17.29 -2.07 -44.57
C SER A 218 18.47 -1.90 -45.52
N LYS A 219 18.22 -1.60 -46.79
CA LYS A 219 19.34 -1.30 -47.67
C LYS A 219 19.86 0.10 -47.42
N ASN A 220 19.09 0.93 -46.73
CA ASN A 220 19.57 2.26 -46.40
C ASN A 220 19.49 2.56 -44.90
N ILE A 221 20.42 3.36 -44.41
CA ILE A 221 20.54 3.53 -42.97
C ILE A 221 19.27 4.14 -42.33
N ASP A 222 18.52 4.91 -43.12
CA ASP A 222 17.33 5.64 -42.68
C ASP A 222 16.08 4.79 -42.67
N GLY A 223 16.19 3.55 -43.14
CA GLY A 223 15.03 2.65 -43.26
C GLY A 223 14.24 2.95 -44.53
N PRO A 224 13.03 2.43 -44.63
CA PRO A 224 12.40 1.64 -43.57
C PRO A 224 13.08 0.29 -43.36
N TYR A 225 12.97 -0.18 -42.13
CA TYR A 225 13.57 -1.44 -41.73
C TYR A 225 12.54 -2.56 -41.73
N GLU A 226 12.90 -3.68 -42.35
CA GLU A 226 12.03 -4.86 -42.28
C GLU A 226 12.42 -5.74 -41.11
N ILE A 227 11.41 -6.15 -40.34
CA ILE A 227 11.63 -6.97 -39.15
C ILE A 227 11.81 -8.45 -39.55
N ASP A 228 12.73 -9.13 -38.88
CA ASP A 228 12.95 -10.55 -39.08
C ASP A 228 11.63 -11.30 -38.89
N PRO A 229 11.17 -12.04 -39.88
CA PRO A 229 9.90 -12.78 -39.72
C PRO A 229 10.00 -13.78 -38.57
N GLU A 230 11.20 -14.22 -38.19
CA GLU A 230 11.33 -15.16 -37.08
C GLU A 230 11.60 -14.52 -35.73
N TYR A 231 11.34 -13.22 -35.60
CA TYR A 231 11.67 -12.49 -34.34
C TYR A 231 10.95 -13.13 -33.15
N PRO A 232 11.54 -13.06 -31.96
CA PRO A 232 12.87 -12.47 -31.76
C PRO A 232 14.06 -13.35 -32.12
N LEU A 233 15.21 -12.70 -32.25
CA LEU A 233 16.50 -13.39 -32.41
C LEU A 233 16.85 -14.16 -31.14
N LEU A 234 16.64 -13.52 -29.99
CA LEU A 234 17.12 -14.08 -28.72
C LEU A 234 16.07 -13.80 -27.66
N THR A 235 15.69 -14.83 -26.91
CA THR A 235 14.85 -14.64 -25.74
C THR A 235 14.65 -15.97 -25.04
N SER A 236 14.57 -15.94 -23.71
CA SER A 236 14.14 -17.16 -23.00
C SER A 236 12.80 -16.97 -22.27
N TRP A 237 12.05 -15.94 -22.64
CA TRP A 237 10.75 -15.72 -22.03
C TRP A 237 9.89 -17.00 -22.02
N HIS A 238 9.76 -17.66 -23.17
CA HIS A 238 8.88 -18.82 -23.30
C HIS A 238 9.45 -20.07 -22.60
N ASP A 239 10.68 -19.98 -22.06
CA ASP A 239 11.33 -21.16 -21.46
C ASP A 239 11.81 -20.85 -20.04
N PRO A 240 10.94 -21.08 -19.05
CA PRO A 240 11.20 -20.65 -17.64
C PRO A 240 12.21 -21.58 -16.97
N ARG A 241 12.56 -22.66 -17.64
CA ARG A 241 13.48 -23.65 -17.07
C ARG A 241 14.93 -23.47 -17.53
N ASN A 242 15.13 -22.69 -18.59
CA ASN A 242 16.48 -22.41 -19.11
C ASN A 242 17.40 -21.83 -18.06
N SER A 243 18.66 -22.29 -18.03
CA SER A 243 19.65 -21.74 -17.08
C SER A 243 19.85 -20.22 -17.24
N LEU A 244 19.77 -19.74 -18.49
CA LEU A 244 19.96 -18.33 -18.77
C LEU A 244 18.61 -17.67 -18.98
N GLN A 245 18.31 -16.68 -18.16
CA GLN A 245 17.06 -15.93 -18.30
C GLN A 245 17.32 -14.44 -18.67
N LYS A 246 16.26 -13.73 -19.03
CA LYS A 246 16.35 -12.30 -19.31
C LYS A 246 17.35 -12.02 -20.44
N CYS A 247 17.37 -12.90 -21.45
CA CYS A 247 18.37 -12.81 -22.52
C CYS A 247 18.02 -11.70 -23.49
N GLY A 248 18.83 -10.65 -23.49
CA GLY A 248 18.56 -9.53 -24.36
C GLY A 248 19.64 -8.48 -24.17
N HIS A 249 19.41 -7.33 -24.79
CA HIS A 249 20.39 -6.26 -24.80
C HIS A 249 21.75 -6.72 -25.33
N ALA A 250 21.77 -7.08 -26.59
CA ALA A 250 22.90 -7.77 -27.24
C ALA A 250 23.75 -6.80 -28.09
N SER A 251 24.99 -7.20 -28.37
CA SER A 251 25.81 -6.53 -29.38
C SER A 251 26.52 -7.65 -30.15
N LEU A 252 26.86 -7.39 -31.40
CA LEU A 252 27.36 -8.41 -32.34
C LEU A 252 28.81 -8.11 -32.65
N VAL A 253 29.62 -9.18 -32.72
CA VAL A 253 31.01 -9.07 -33.11
C VAL A 253 31.35 -10.08 -34.21
N HIS A 254 32.18 -9.61 -35.14
CA HIS A 254 32.68 -10.45 -36.23
C HIS A 254 34.15 -10.63 -35.89
N THR A 255 34.57 -11.87 -35.59
CA THR A 255 35.96 -12.08 -35.16
C THR A 255 36.90 -11.99 -36.36
N HIS A 256 38.19 -11.87 -36.09
CA HIS A 256 39.19 -11.80 -37.16
C HIS A 256 39.38 -13.18 -37.82
N THR A 257 38.70 -14.18 -37.29
CA THR A 257 38.70 -15.52 -37.88
C THR A 257 37.41 -15.77 -38.66
N ASP A 258 36.68 -14.70 -38.97
CA ASP A 258 35.44 -14.79 -39.73
C ASP A 258 34.43 -15.69 -39.01
N GLU A 259 34.30 -15.49 -37.71
CA GLU A 259 33.22 -16.16 -36.96
C GLU A 259 32.36 -15.06 -36.32
N TRP A 260 31.11 -15.41 -35.97
CA TRP A 260 30.16 -14.38 -35.51
C TRP A 260 29.68 -14.71 -34.09
N TYR A 261 29.66 -13.72 -33.20
CA TYR A 261 29.23 -13.95 -31.83
C TYR A 261 28.34 -12.80 -31.34
N LEU A 262 27.51 -13.11 -30.36
CA LEU A 262 26.53 -12.18 -29.84
C LEU A 262 26.65 -12.12 -28.31
N ALA A 263 27.20 -11.01 -27.79
CA ALA A 263 27.21 -10.78 -26.33
C ALA A 263 25.82 -10.33 -25.89
N HIS A 264 25.37 -10.74 -24.71
CA HIS A 264 24.06 -10.29 -24.26
C HIS A 264 24.01 -10.44 -22.75
N LEU A 265 23.06 -9.78 -22.11
CA LEU A 265 22.96 -9.94 -20.66
C LEU A 265 22.04 -11.09 -20.36
N VAL A 266 22.16 -11.58 -19.14
CA VAL A 266 21.28 -12.61 -18.64
C VAL A 266 21.10 -12.45 -17.14
N GLY A 267 20.12 -13.15 -16.59
CA GLY A 267 20.03 -13.30 -15.13
C GLY A 267 19.95 -14.81 -14.83
N ARG A 268 20.55 -15.22 -13.72
CA ARG A 268 20.57 -16.60 -13.23
C ARG A 268 19.86 -16.66 -11.88
N PRO A 269 18.60 -17.05 -11.89
CA PRO A 269 17.79 -17.20 -10.66
C PRO A 269 18.37 -18.15 -9.63
N LEU A 270 18.24 -17.77 -8.37
CA LEU A 270 18.39 -18.71 -7.26
C LEU A 270 17.41 -19.87 -7.48
N PRO A 271 17.69 -21.06 -6.92
CA PRO A 271 16.71 -22.14 -7.01
C PRO A 271 15.33 -21.70 -6.52
N VAL A 272 14.31 -22.05 -7.30
CA VAL A 272 12.95 -21.63 -7.00
C VAL A 272 12.25 -22.59 -6.04
N GLY A 273 12.79 -23.81 -5.93
CA GLY A 273 12.22 -24.84 -5.06
C GLY A 273 10.87 -25.30 -5.59
N ASN A 274 10.03 -25.81 -4.69
CA ASN A 274 8.82 -26.51 -5.10
C ASN A 274 7.68 -25.50 -5.23
N GLN A 275 7.81 -24.64 -6.24
CA GLN A 275 6.96 -23.45 -6.47
C GLN A 275 6.61 -23.35 -7.99
N PRO A 276 5.46 -22.77 -8.31
CA PRO A 276 4.97 -22.74 -9.70
C PRO A 276 6.00 -22.10 -10.64
N VAL A 277 6.47 -22.90 -11.59
CA VAL A 277 7.60 -22.49 -12.45
C VAL A 277 7.31 -21.26 -13.32
N LEU A 278 6.06 -21.07 -13.75
CA LEU A 278 5.71 -19.88 -14.54
C LEU A 278 5.53 -18.61 -13.71
N GLU A 279 5.08 -18.80 -12.47
CA GLU A 279 4.80 -17.64 -11.62
C GLU A 279 6.08 -17.07 -11.02
N GLN A 280 6.91 -17.94 -10.48
CA GLN A 280 8.09 -17.51 -9.76
C GLN A 280 9.31 -17.80 -10.60
N ARG A 281 9.60 -16.84 -11.49
CA ARG A 281 10.65 -16.98 -12.49
C ARG A 281 12.02 -16.91 -11.87
N GLY A 282 12.11 -16.20 -10.75
CA GLY A 282 13.38 -16.21 -10.02
C GLY A 282 13.85 -14.90 -9.42
N TYR A 283 14.71 -15.03 -8.42
CA TYR A 283 15.43 -13.90 -7.82
C TYR A 283 16.93 -14.02 -8.14
N CYS A 284 17.51 -12.94 -8.67
CA CYS A 284 18.88 -12.92 -9.20
C CYS A 284 19.80 -12.00 -8.37
N PRO A 285 20.42 -12.53 -7.31
CA PRO A 285 21.28 -11.67 -6.46
C PRO A 285 22.59 -11.31 -7.16
N LEU A 286 22.98 -12.07 -8.17
CA LEU A 286 24.14 -11.67 -8.97
C LEU A 286 23.81 -10.63 -10.04
N GLY A 287 22.59 -10.12 -10.01
CA GLY A 287 22.16 -9.08 -10.92
C GLY A 287 22.08 -9.59 -12.36
N ARG A 288 22.40 -8.72 -13.32
CA ARG A 288 22.47 -9.10 -14.73
C ARG A 288 23.93 -9.32 -15.14
N GLU A 289 24.21 -10.51 -15.67
CA GLU A 289 25.56 -10.93 -16.03
C GLU A 289 25.71 -10.97 -17.55
N THR A 290 26.93 -11.19 -18.04
CA THR A 290 27.13 -11.19 -19.49
C THR A 290 27.41 -12.60 -20.02
N SER A 291 26.70 -12.97 -21.09
CA SER A 291 26.91 -14.25 -21.80
C SER A 291 27.21 -13.95 -23.25
N ILE A 292 27.69 -14.98 -23.97
CA ILE A 292 27.94 -14.83 -25.40
C ILE A 292 27.44 -16.06 -26.15
N GLN A 293 26.73 -15.83 -27.25
CA GLN A 293 26.23 -16.89 -28.10
C GLN A 293 26.94 -16.87 -29.44
N ARG A 294 26.97 -18.01 -30.12
CA ARG A 294 27.46 -18.08 -31.48
C ARG A 294 26.32 -17.82 -32.45
N ILE A 295 26.64 -17.12 -33.54
CA ILE A 295 25.68 -16.67 -34.53
C ILE A 295 25.95 -17.38 -35.86
N GLU A 296 24.90 -17.83 -36.54
CA GLU A 296 25.04 -18.31 -37.92
C GLU A 296 24.06 -17.51 -38.78
N TRP A 297 24.22 -17.58 -40.09
CA TRP A 297 23.44 -16.74 -40.99
C TRP A 297 22.53 -17.62 -41.84
N VAL A 298 21.26 -17.26 -41.89
CA VAL A 298 20.28 -17.96 -42.71
C VAL A 298 19.45 -16.95 -43.46
N ASP A 299 19.44 -17.07 -44.79
CA ASP A 299 18.69 -16.12 -45.63
C ASP A 299 19.00 -14.67 -45.30
N ASN A 300 20.28 -14.37 -45.09
CA ASN A 300 20.68 -13.01 -44.73
C ASN A 300 20.07 -12.47 -43.41
N TRP A 301 19.65 -13.38 -42.52
CA TRP A 301 19.34 -13.02 -41.13
C TRP A 301 20.30 -13.74 -40.18
N PRO A 302 20.74 -13.07 -39.12
CA PRO A 302 21.51 -13.78 -38.08
C PRO A 302 20.56 -14.66 -37.27
N ARG A 303 21.10 -15.79 -36.83
CA ARG A 303 20.34 -16.74 -35.98
C ARG A 303 21.22 -17.28 -34.85
N VAL A 304 20.66 -17.43 -33.65
CA VAL A 304 21.46 -17.93 -32.51
C VAL A 304 21.61 -19.44 -32.59
N VAL A 305 22.86 -19.90 -32.61
CA VAL A 305 23.14 -21.35 -32.70
C VAL A 305 22.67 -21.98 -31.41
N GLY A 306 21.91 -23.07 -31.49
CA GLY A 306 21.45 -23.74 -30.31
C GLY A 306 20.05 -23.34 -29.87
N GLY A 307 19.46 -22.36 -30.57
CA GLY A 307 18.08 -21.90 -30.24
C GLY A 307 18.03 -20.55 -29.54
N LYS A 308 16.91 -19.85 -29.69
CA LYS A 308 16.86 -18.46 -29.20
C LYS A 308 16.98 -18.27 -27.70
N GLN A 309 16.76 -19.35 -26.92
CA GLN A 309 16.83 -19.26 -25.46
C GLN A 309 18.22 -18.93 -24.95
N GLY A 310 19.24 -19.25 -25.77
CA GLY A 310 20.62 -19.02 -25.40
C GLY A 310 21.18 -20.22 -24.66
N SER A 311 22.42 -20.58 -24.98
CA SER A 311 23.03 -21.80 -24.42
C SER A 311 24.15 -21.48 -23.41
N VAL A 312 24.37 -22.39 -22.47
CA VAL A 312 25.40 -22.20 -21.45
C VAL A 312 26.77 -22.55 -22.06
N ASN A 313 26.84 -23.68 -22.79
CA ASN A 313 28.11 -24.11 -23.40
C ASN A 313 28.17 -23.79 -24.86
N VAL A 314 29.08 -22.89 -25.23
CA VAL A 314 29.07 -22.34 -26.60
C VAL A 314 30.43 -22.60 -27.28
N GLU A 315 30.40 -22.95 -28.57
CA GLU A 315 31.61 -23.23 -29.31
C GLU A 315 32.56 -22.04 -29.35
N ALA A 316 33.79 -22.25 -28.95
CA ALA A 316 34.79 -21.15 -29.00
C ALA A 316 35.30 -20.86 -30.42
N PRO A 317 35.67 -19.61 -30.68
CA PRO A 317 36.23 -19.27 -31.99
C PRO A 317 37.60 -19.97 -32.16
N LYS A 318 38.05 -20.06 -33.41
CA LYS A 318 39.28 -20.77 -33.75
C LYS A 318 40.52 -19.89 -33.52
N ILE A 319 40.80 -19.64 -32.22
CA ILE A 319 41.87 -18.77 -31.72
C ILE A 319 42.60 -19.52 -30.57
N PRO A 320 43.94 -19.54 -30.58
CA PRO A 320 44.67 -20.20 -29.49
C PRO A 320 44.27 -19.65 -28.12
N GLU A 321 44.01 -20.54 -27.16
CA GLU A 321 43.59 -20.10 -25.83
C GLU A 321 44.64 -19.23 -25.16
N VAL A 322 44.16 -18.16 -24.51
CA VAL A 322 45.00 -17.28 -23.69
C VAL A 322 44.29 -17.03 -22.34
N LYS A 323 44.84 -17.64 -21.28
CA LYS A 323 44.32 -17.57 -19.93
C LYS A 323 44.94 -16.38 -19.23
N TRP A 324 44.23 -15.86 -18.23
CA TRP A 324 44.65 -14.68 -17.48
C TRP A 324 44.85 -15.00 -15.99
N GLU A 325 45.80 -14.31 -15.38
CA GLU A 325 45.98 -14.39 -13.93
C GLU A 325 44.72 -13.80 -13.29
N LYS A 326 44.35 -14.28 -12.10
CA LYS A 326 43.31 -13.61 -11.32
C LYS A 326 43.67 -12.14 -11.10
N THR A 327 42.65 -11.29 -11.06
CA THR A 327 42.86 -9.86 -10.88
C THR A 327 42.72 -9.40 -9.42
N TYR A 328 42.57 -10.34 -8.49
CA TYR A 328 42.56 -10.02 -7.05
C TYR A 328 43.17 -11.19 -6.28
N ASP A 329 43.68 -10.92 -5.09
CA ASP A 329 44.09 -11.97 -4.15
C ASP A 329 42.88 -12.35 -3.31
N GLU A 330 42.73 -13.63 -3.04
CA GLU A 330 41.68 -14.10 -2.14
C GLU A 330 41.77 -13.40 -0.81
N LYS A 331 42.99 -13.20 -0.32
CA LYS A 331 43.13 -12.36 0.86
C LYS A 331 43.91 -11.13 0.49
N ASP A 332 43.21 -10.00 0.41
CA ASP A 332 43.83 -8.74 0.12
C ASP A 332 44.35 -8.09 1.40
N ASN A 333 45.67 -7.98 1.54
CA ASN A 333 46.24 -7.44 2.79
C ASN A 333 46.42 -5.91 2.81
N PHE A 334 45.90 -5.23 1.78
CA PHE A 334 45.96 -3.78 1.72
C PHE A 334 47.40 -3.24 1.87
N ASP A 335 48.36 -3.96 1.30
CA ASP A 335 49.79 -3.57 1.25
C ASP A 335 50.15 -2.78 0.00
N SER A 336 49.27 -2.71 -0.98
CA SER A 336 49.58 -2.06 -2.25
C SER A 336 49.16 -0.60 -2.14
N ASP A 337 49.69 0.29 -2.97
CA ASP A 337 49.27 1.70 -2.84
C ASP A 337 48.06 2.08 -3.69
N LYS A 338 47.43 1.09 -4.31
CA LYS A 338 46.23 1.35 -5.11
C LYS A 338 45.18 0.30 -4.76
N LEU A 339 43.92 0.74 -4.62
CA LEU A 339 42.87 -0.19 -4.30
C LEU A 339 42.63 -1.13 -5.49
N ASN A 340 42.36 -2.39 -5.17
CA ASN A 340 42.16 -3.41 -6.19
C ASN A 340 41.05 -3.01 -7.17
N ILE A 341 41.26 -3.36 -8.43
CA ILE A 341 40.33 -2.99 -9.51
C ILE A 341 38.94 -3.55 -9.34
N ASN A 342 38.80 -4.60 -8.53
CA ASN A 342 37.48 -5.18 -8.26
C ASN A 342 36.64 -4.43 -7.17
N PHE A 343 37.24 -3.45 -6.52
CA PHE A 343 36.51 -2.64 -5.56
C PHE A 343 35.99 -1.37 -6.26
N GLN A 344 34.75 -1.02 -5.96
CA GLN A 344 34.23 0.27 -6.37
C GLN A 344 33.67 0.96 -5.14
N SER A 345 33.32 2.24 -5.29
CA SER A 345 32.68 2.99 -4.22
C SER A 345 31.40 3.59 -4.80
N LEU A 346 30.53 4.16 -3.96
CA LEU A 346 29.29 4.75 -4.44
C LEU A 346 29.49 6.16 -4.97
N ARG A 347 29.18 6.34 -6.26
CA ARG A 347 28.89 7.66 -6.85
C ARG A 347 30.10 8.56 -7.15
N ILE A 348 31.00 8.66 -6.19
CA ILE A 348 32.06 9.65 -6.28
C ILE A 348 33.44 9.06 -6.16
N PRO A 349 34.42 9.78 -6.70
CA PRO A 349 35.84 9.40 -6.51
C PRO A 349 36.22 9.35 -5.05
N LEU A 350 36.98 8.31 -4.68
CA LEU A 350 37.53 8.31 -3.34
C LEU A 350 38.59 9.41 -3.26
N THR A 351 38.69 10.04 -2.11
CA THR A 351 39.82 10.94 -1.83
C THR A 351 40.45 10.49 -0.54
N GLU A 352 41.62 11.06 -0.25
CA GLU A 352 42.36 10.72 0.94
C GLU A 352 41.61 11.13 2.23
N ASN A 353 40.62 12.02 2.13
CA ASN A 353 39.79 12.36 3.29
C ASN A 353 38.70 11.35 3.56
N ILE A 354 38.53 10.44 2.62
CA ILE A 354 37.54 9.37 2.74
C ILE A 354 38.17 8.02 2.98
N ALA A 355 39.20 7.69 2.19
CA ALA A 355 39.83 6.38 2.27
C ALA A 355 41.33 6.55 1.99
N SER A 356 42.18 5.89 2.78
CA SER A 356 43.61 6.04 2.53
C SER A 356 44.34 4.74 2.79
N LEU A 357 45.23 4.36 1.86
CA LEU A 357 46.11 3.22 2.08
C LEU A 357 47.49 3.70 2.56
N LYS A 358 47.70 5.02 2.60
CA LYS A 358 49.00 5.59 3.01
C LYS A 358 49.07 5.94 4.52
N ALA A 359 47.93 6.26 5.11
CA ALA A 359 47.88 6.72 6.50
C ALA A 359 48.49 5.69 7.45
N LYS A 360 48.14 4.42 7.24
CA LYS A 360 48.71 3.32 8.01
C LYS A 360 49.04 2.16 7.11
N LYS A 361 50.32 1.98 6.83
CA LYS A 361 50.73 0.95 5.88
C LYS A 361 50.18 -0.43 6.24
N GLY A 362 49.63 -1.15 5.26
CA GLY A 362 49.06 -2.49 5.50
C GLY A 362 47.61 -2.47 5.97
N ASN A 363 46.99 -1.28 5.97
CA ASN A 363 45.58 -1.15 6.31
C ASN A 363 44.93 -0.19 5.32
N LEU A 364 43.63 -0.38 5.12
CA LEU A 364 42.83 0.66 4.51
C LEU A 364 42.14 1.43 5.63
N ARG A 365 42.40 2.73 5.71
CA ARG A 365 41.76 3.58 6.69
C ARG A 365 40.58 4.25 6.03
N LEU A 366 39.41 4.07 6.63
CA LEU A 366 38.20 4.68 6.13
C LEU A 366 37.82 5.72 7.18
N TYR A 367 37.72 6.98 6.77
CA TYR A 367 37.36 8.04 7.70
C TYR A 367 35.84 8.20 7.63
N GLY A 368 35.18 7.96 8.77
CA GLY A 368 33.72 7.88 8.80
C GLY A 368 32.98 8.99 8.11
N LYS A 369 32.04 8.63 7.21
CA LYS A 369 31.20 9.63 6.57
C LYS A 369 29.72 9.32 6.85
N GLU A 370 28.87 9.48 5.85
CA GLU A 370 27.43 9.41 6.03
C GLU A 370 26.95 7.96 6.09
N SER A 371 25.67 7.78 6.43
CA SER A 371 25.09 6.44 6.66
C SER A 371 24.94 5.65 5.35
N LEU A 372 24.57 4.38 5.50
CA LEU A 372 24.31 3.46 4.41
C LEU A 372 23.11 3.90 3.57
N THR A 373 22.32 4.85 4.09
CA THR A 373 21.13 5.36 3.34
C THR A 373 21.43 6.60 2.49
N SER A 374 22.66 7.11 2.56
CA SER A 374 23.01 8.37 1.85
C SER A 374 23.38 8.20 0.37
N THR A 375 22.83 9.08 -0.47
CA THR A 375 23.17 9.07 -1.90
C THR A 375 24.27 10.09 -2.18
N PHE A 376 24.94 10.55 -1.13
CA PHE A 376 26.02 11.52 -1.30
C PHE A 376 27.39 10.91 -1.01
N THR A 377 27.83 10.98 0.25
CA THR A 377 29.22 10.54 0.57
C THR A 377 29.27 9.43 1.59
N GLN A 378 29.44 8.19 1.12
CA GLN A 378 29.67 7.11 2.05
C GLN A 378 31.15 6.65 2.01
N ALA A 379 31.72 6.44 3.20
CA ALA A 379 33.05 5.87 3.28
C ALA A 379 32.92 4.34 3.25
N PHE A 380 32.85 3.81 2.02
CA PHE A 380 32.34 2.45 1.73
C PHE A 380 32.97 1.98 0.42
N ILE A 381 33.69 0.85 0.46
CA ILE A 381 34.18 0.24 -0.80
C ILE A 381 33.66 -1.21 -0.81
N ALA A 382 33.38 -1.74 -1.98
CA ALA A 382 32.71 -3.02 -2.01
C ALA A 382 33.04 -3.68 -3.33
N ARG A 383 32.83 -5.00 -3.37
CA ARG A 383 33.07 -5.76 -4.60
C ARG A 383 31.82 -6.64 -4.88
N ARG A 384 31.65 -7.06 -6.12
CA ARG A 384 30.43 -7.77 -6.51
C ARG A 384 30.34 -9.17 -5.91
N TRP A 385 29.14 -9.61 -5.52
CA TRP A 385 28.94 -11.05 -5.43
C TRP A 385 29.14 -11.64 -6.83
N GLN A 386 29.96 -12.68 -6.97
CA GLN A 386 30.18 -13.30 -8.29
C GLN A 386 29.97 -14.81 -8.30
N SER A 387 29.40 -15.29 -7.22
CA SER A 387 28.99 -16.68 -7.07
C SER A 387 27.86 -16.76 -6.05
N PHE A 388 27.05 -17.83 -6.11
CA PHE A 388 26.02 -18.04 -5.12
C PHE A 388 26.58 -18.56 -3.79
N LYS A 389 27.85 -19.00 -3.80
CA LYS A 389 28.46 -19.53 -2.57
C LYS A 389 29.86 -18.96 -2.40
N PHE A 390 30.08 -18.25 -1.29
CA PHE A 390 31.38 -17.70 -0.98
C PHE A 390 31.48 -17.25 0.48
N ASP A 391 32.71 -17.02 0.93
CA ASP A 391 32.96 -16.35 2.22
C ASP A 391 33.66 -15.03 1.91
N ALA A 392 33.32 -13.99 2.66
CA ALA A 392 34.05 -12.75 2.61
C ALA A 392 34.27 -12.32 4.07
N SER A 393 35.42 -11.73 4.34
CA SER A 393 35.74 -11.38 5.72
C SER A 393 36.74 -10.23 5.75
N THR A 394 36.85 -9.61 6.90
CA THR A 394 37.73 -8.46 7.06
C THR A 394 38.10 -8.41 8.53
N SER A 395 39.00 -7.51 8.88
CA SER A 395 39.14 -7.19 10.30
C SER A 395 39.35 -5.72 10.47
N VAL A 396 38.80 -5.18 11.56
CA VAL A 396 38.72 -3.75 11.67
C VAL A 396 39.10 -3.31 13.06
N SER A 397 39.90 -2.26 13.12
CA SER A 397 40.19 -1.57 14.38
C SER A 397 39.38 -0.27 14.40
N PHE A 398 38.60 -0.07 15.47
CA PHE A 398 37.64 1.04 15.51
C PHE A 398 37.31 1.31 16.98
N SER A 399 37.32 2.58 17.37
CA SER A 399 37.07 2.92 18.78
C SER A 399 35.92 3.89 18.90
N PRO A 400 34.71 3.42 18.62
CA PRO A 400 33.55 4.28 18.67
C PRO A 400 33.22 4.66 20.10
N ASP A 401 32.74 5.87 20.29
CA ASP A 401 32.27 6.31 21.62
C ASP A 401 30.83 6.84 21.61
N THR A 402 30.11 6.50 20.53
CA THR A 402 28.71 6.80 20.42
C THR A 402 28.07 5.85 19.42
N PHE A 403 26.76 5.67 19.55
CA PHE A 403 25.98 4.90 18.56
C PHE A 403 25.97 5.61 17.19
N GLN A 404 26.45 6.85 17.15
CA GLN A 404 26.65 7.59 15.89
C GLN A 404 27.85 7.13 15.06
N GLN A 405 28.63 6.17 15.61
CA GLN A 405 29.83 5.69 14.96
C GLN A 405 29.72 4.18 14.80
N ALA A 406 29.96 3.68 13.59
CA ALA A 406 29.87 2.24 13.30
C ALA A 406 30.74 1.92 12.11
N ALA A 407 31.42 0.77 12.15
CA ALA A 407 32.23 0.34 11.00
C ALA A 407 32.06 -1.15 10.95
N GLY A 408 32.03 -1.70 9.73
CA GLY A 408 31.97 -3.16 9.60
C GLY A 408 31.87 -3.66 8.20
N LEU A 409 31.20 -4.80 8.08
CA LEU A 409 31.15 -5.59 6.86
C LEU A 409 29.69 -5.58 6.43
N THR A 410 29.45 -5.36 5.14
CA THR A 410 28.11 -5.06 4.70
C THR A 410 27.84 -5.81 3.40
N CYS A 411 26.66 -6.41 3.33
CA CYS A 411 26.13 -6.91 2.04
C CYS A 411 25.06 -5.89 1.59
N TYR A 412 25.17 -5.39 0.36
CA TYR A 412 24.48 -4.13 -0.01
C TYR A 412 24.00 -4.22 -1.47
N TYR A 413 22.73 -3.83 -1.67
CA TYR A 413 22.16 -3.65 -3.02
C TYR A 413 22.02 -2.16 -3.33
N ASN A 414 21.21 -1.46 -2.53
CA ASN A 414 21.06 -0.02 -2.69
C ASN A 414 20.78 0.61 -1.33
N THR A 415 20.47 1.92 -1.32
CA THR A 415 20.36 2.62 0.01
C THR A 415 19.21 2.09 0.90
N GLU A 416 18.28 1.34 0.34
CA GLU A 416 17.21 0.79 1.13
C GLU A 416 17.14 -0.74 1.15
N ASN A 417 18.25 -1.40 0.77
CA ASN A 417 18.31 -2.86 0.80
C ASN A 417 19.75 -3.25 1.08
N TRP A 418 20.03 -3.58 2.33
CA TRP A 418 21.35 -4.03 2.73
C TRP A 418 21.25 -4.69 4.10
N SER A 419 22.36 -5.27 4.53
CA SER A 419 22.50 -5.71 5.91
C SER A 419 23.95 -5.51 6.30
N THR A 420 24.22 -5.49 7.61
CA THR A 420 25.60 -5.26 8.04
C THR A 420 25.83 -5.78 9.43
N ILE A 421 27.04 -6.30 9.69
CA ILE A 421 27.52 -6.54 11.04
C ILE A 421 28.54 -5.43 11.36
N GLN A 422 28.39 -4.77 12.52
CA GLN A 422 29.08 -3.53 12.83
C GLN A 422 29.80 -3.64 14.17
N VAL A 423 30.94 -2.96 14.25
CA VAL A 423 31.50 -2.55 15.52
C VAL A 423 30.98 -1.15 15.86
N THR A 424 30.25 -1.03 16.95
CA THR A 424 29.66 0.29 17.29
C THR A 424 29.69 0.41 18.82
N TRP A 425 28.89 1.31 19.38
CA TRP A 425 28.94 1.57 20.82
C TRP A 425 27.56 1.71 21.46
N ASN A 426 27.46 1.28 22.72
CA ASN A 426 26.23 1.32 23.46
C ASN A 426 26.46 1.94 24.84
N GLU A 427 25.44 2.63 25.39
CA GLU A 427 25.60 3.36 26.68
C GLU A 427 26.04 2.48 27.84
N ASP A 428 25.54 1.27 27.87
CA ASP A 428 25.68 0.43 29.05
C ASP A 428 26.81 -0.55 28.87
N LYS A 429 27.07 -0.92 27.62
CA LYS A 429 27.97 -2.02 27.35
C LYS A 429 29.29 -1.59 26.67
N GLY A 430 29.38 -0.33 26.24
CA GLY A 430 30.59 0.14 25.52
C GLY A 430 30.63 -0.40 24.09
N ARG A 431 31.85 -0.74 23.61
CA ARG A 431 31.97 -1.27 22.23
C ARG A 431 31.23 -2.58 22.10
N VAL A 432 30.41 -2.71 21.05
CA VAL A 432 29.60 -3.91 20.88
C VAL A 432 29.57 -4.24 19.38
N ILE A 433 29.30 -5.51 19.10
CA ILE A 433 28.97 -5.98 17.75
C ILE A 433 27.46 -5.92 17.64
N ASP A 434 26.97 -5.41 16.50
CA ASP A 434 25.54 -5.27 16.33
C ASP A 434 25.20 -5.59 14.88
N ILE A 435 23.91 -5.83 14.64
CA ILE A 435 23.43 -6.12 13.29
C ILE A 435 22.40 -5.07 12.88
N VAL A 436 22.51 -4.57 11.65
CA VAL A 436 21.52 -3.61 11.16
C VAL A 436 21.11 -4.02 9.75
N CYS A 437 19.84 -3.85 9.42
CA CYS A 437 19.43 -4.17 8.03
C CYS A 437 18.30 -3.31 7.52
N CYS A 438 18.16 -3.28 6.19
CA CYS A 438 17.06 -2.53 5.59
C CYS A 438 16.51 -3.41 4.49
N ASP A 439 15.19 -3.58 4.51
CA ASP A 439 14.47 -4.47 3.59
C ASP A 439 13.42 -3.60 2.92
N ASN A 440 13.70 -3.18 1.68
CA ASN A 440 12.84 -2.25 0.97
C ASN A 440 12.34 -1.17 1.92
N PHE A 441 13.29 -0.54 2.59
CA PHE A 441 13.02 0.65 3.42
C PHE A 441 12.40 0.33 4.78
N HIS A 442 12.27 -0.95 5.10
CA HIS A 442 11.87 -1.31 6.47
C HIS A 442 13.16 -1.61 7.24
N PHE A 443 13.49 -0.78 8.23
CA PHE A 443 14.76 -0.95 8.95
C PHE A 443 14.58 -1.84 10.15
N ASP A 444 15.62 -2.60 10.50
CA ASP A 444 15.55 -3.38 11.72
C ASP A 444 16.93 -3.56 12.32
N MET A 445 16.93 -3.74 13.63
CA MET A 445 18.15 -4.14 14.37
C MET A 445 17.75 -5.34 15.22
N PRO A 446 17.85 -6.53 14.62
CA PRO A 446 17.23 -7.73 15.17
C PRO A 446 17.81 -8.21 16.49
N LEU A 447 19.07 -7.88 16.80
CA LEU A 447 19.63 -8.31 18.11
C LEU A 447 19.00 -7.56 19.27
N LYS A 448 18.41 -6.40 18.99
CA LYS A 448 17.86 -5.57 20.07
C LYS A 448 18.89 -5.36 21.19
N SER A 449 18.59 -5.76 22.41
CA SER A 449 19.55 -5.52 23.50
C SER A 449 20.65 -6.57 23.59
N ASN A 450 20.50 -7.63 22.80
CA ASN A 450 21.46 -8.73 22.82
C ASN A 450 22.66 -8.50 21.91
N VAL A 451 23.16 -7.27 21.96
CA VAL A 451 24.44 -6.93 21.29
C VAL A 451 25.59 -7.70 21.98
N ILE A 452 26.68 -7.90 21.25
CA ILE A 452 27.82 -8.67 21.74
C ILE A 452 28.96 -7.75 22.19
N PRO A 453 29.21 -7.75 23.48
CA PRO A 453 30.28 -6.90 24.01
C PRO A 453 31.64 -7.27 23.41
N ILE A 454 32.41 -6.26 23.01
CA ILE A 454 33.78 -6.48 22.56
C ILE A 454 34.73 -6.14 23.74
N PRO A 455 35.57 -7.10 24.12
CA PRO A 455 36.56 -6.86 25.18
C PRO A 455 37.37 -5.64 24.87
N LYS A 456 37.71 -4.87 25.90
CA LYS A 456 38.41 -3.61 25.73
C LYS A 456 39.77 -3.75 25.07
N ASP A 457 40.36 -4.91 25.19
CA ASP A 457 41.73 -5.03 24.71
C ASP A 457 41.80 -5.46 23.25
N VAL A 458 40.65 -5.78 22.63
CA VAL A 458 40.70 -6.19 21.23
C VAL A 458 41.06 -5.00 20.33
N GLU A 459 42.09 -5.18 19.51
CA GLU A 459 42.44 -4.12 18.60
C GLU A 459 41.73 -4.36 17.28
N TYR A 460 41.91 -5.54 16.71
CA TYR A 460 41.24 -5.88 15.42
C TYR A 460 40.11 -6.87 15.62
N ILE A 461 38.89 -6.48 15.23
CA ILE A 461 37.72 -7.39 15.27
C ILE A 461 37.53 -7.98 13.88
N HIS A 462 37.56 -9.30 13.79
CA HIS A 462 37.36 -9.98 12.50
C HIS A 462 35.85 -10.19 12.31
N LEU A 463 35.39 -9.98 11.08
CA LEU A 463 33.99 -10.10 10.74
C LEU A 463 33.93 -10.92 9.46
N LYS A 464 32.92 -11.77 9.35
CA LYS A 464 32.80 -12.62 8.17
C LYS A 464 31.34 -12.76 7.77
N VAL A 465 31.10 -12.87 6.47
CA VAL A 465 29.81 -13.35 6.00
C VAL A 465 30.00 -14.64 5.22
N GLU A 466 29.07 -15.57 5.45
CA GLU A 466 29.09 -16.83 4.76
C GLU A 466 27.86 -16.87 3.89
N VAL A 467 28.05 -16.77 2.58
CA VAL A 467 26.92 -16.78 1.64
C VAL A 467 26.71 -18.21 1.12
N ARG A 468 25.49 -18.71 1.30
CA ARG A 468 25.17 -20.11 1.02
C ARG A 468 23.88 -20.23 0.23
N VAL A 469 23.93 -19.77 -1.03
CA VAL A 469 22.79 -19.84 -1.95
C VAL A 469 21.58 -19.06 -1.37
N GLU A 470 20.59 -19.75 -0.80
CA GLU A 470 19.38 -19.02 -0.39
C GLU A 470 19.60 -18.09 0.79
N THR A 471 20.57 -18.40 1.64
CA THR A 471 20.79 -17.59 2.86
C THR A 471 22.22 -17.22 3.11
N TYR A 472 22.43 -16.23 3.97
CA TYR A 472 23.76 -15.86 4.40
C TYR A 472 23.71 -15.45 5.87
N GLN A 473 24.86 -15.49 6.52
CA GLN A 473 24.93 -15.24 7.94
C GLN A 473 26.27 -14.65 8.31
N TYR A 474 26.28 -13.81 9.36
CA TYR A 474 27.51 -13.13 9.74
C TYR A 474 28.12 -13.81 10.97
N SER A 475 29.43 -13.68 11.10
CA SER A 475 30.18 -14.21 12.23
C SER A 475 31.27 -13.21 12.60
N TYR A 476 31.79 -13.33 13.83
CA TYR A 476 32.86 -12.47 14.26
C TYR A 476 33.91 -13.31 15.00
N SER A 477 35.09 -12.72 15.19
CA SER A 477 36.17 -13.35 15.93
C SER A 477 37.08 -12.30 16.51
N PHE A 478 37.52 -12.52 17.76
CA PHE A 478 38.40 -11.58 18.44
C PHE A 478 39.86 -11.96 18.32
N ASP A 479 40.13 -13.09 17.68
CA ASP A 479 41.51 -13.54 17.54
C ASP A 479 41.83 -14.00 16.12
N GLY A 480 40.84 -13.98 15.24
CA GLY A 480 41.05 -14.35 13.84
C GLY A 480 41.06 -15.87 13.61
N ILE A 481 40.77 -16.65 14.63
CA ILE A 481 40.85 -18.11 14.51
C ILE A 481 39.57 -18.78 14.96
N ASN A 482 39.05 -18.30 16.08
CA ASN A 482 37.82 -18.83 16.65
C ASN A 482 36.66 -17.91 16.29
N TRP A 483 35.72 -18.43 15.51
CA TRP A 483 34.59 -17.61 15.07
C TRP A 483 33.31 -17.95 15.80
N SER A 484 32.48 -16.95 16.06
CA SER A 484 31.16 -17.16 16.65
C SER A 484 30.09 -16.62 15.70
N LYS A 485 29.05 -17.42 15.50
CA LYS A 485 27.95 -17.01 14.62
C LYS A 485 27.08 -16.02 15.32
N VAL A 486 26.54 -15.06 14.56
CA VAL A 486 25.57 -14.12 15.08
C VAL A 486 24.22 -14.64 14.59
N PRO A 487 23.26 -14.79 15.49
CA PRO A 487 21.98 -15.43 15.18
C PRO A 487 21.05 -14.48 14.44
N ALA A 488 21.42 -14.14 13.22
CA ALA A 488 20.51 -13.45 12.30
C ALA A 488 20.76 -13.98 10.88
N ILE A 489 19.78 -14.67 10.34
CA ILE A 489 19.97 -15.31 9.02
C ILE A 489 19.25 -14.44 8.01
N PHE A 490 19.91 -14.15 6.90
CA PHE A 490 19.35 -13.24 5.89
C PHE A 490 19.08 -14.00 4.60
N GLU A 491 18.08 -13.54 3.84
CA GLU A 491 17.76 -14.14 2.56
C GLU A 491 18.52 -13.46 1.43
N SER A 492 19.26 -14.27 0.67
CA SER A 492 20.02 -13.74 -0.45
C SER A 492 19.07 -13.12 -1.49
N ARG A 493 17.85 -13.69 -1.62
CA ARG A 493 16.93 -13.16 -2.63
C ARG A 493 16.59 -11.69 -2.42
N LYS A 494 16.75 -11.21 -1.21
CA LYS A 494 16.38 -9.83 -0.93
C LYS A 494 17.42 -8.77 -1.38
N LEU A 495 18.57 -9.23 -1.84
CA LEU A 495 19.58 -8.37 -2.46
C LEU A 495 19.61 -8.67 -3.96
N SER A 496 18.44 -8.77 -4.57
CA SER A 496 18.39 -9.10 -6.01
C SER A 496 17.59 -8.09 -6.79
N ASP A 497 17.85 -8.02 -8.10
CA ASP A 497 17.11 -7.10 -9.01
C ASP A 497 15.60 -7.34 -8.90
N ASP A 498 15.21 -8.60 -8.76
CA ASP A 498 13.81 -8.98 -8.79
C ASP A 498 13.07 -8.65 -7.49
N TYR A 499 13.80 -8.48 -6.40
CA TYR A 499 13.20 -8.17 -5.12
C TYR A 499 13.08 -6.68 -4.81
N VAL A 500 14.12 -5.89 -5.10
CA VAL A 500 14.14 -4.47 -4.69
C VAL A 500 13.02 -3.65 -5.37
N GLN A 501 12.45 -2.72 -4.63
CA GLN A 501 11.32 -1.91 -5.13
C GLN A 501 11.87 -0.70 -5.90
N GLY A 502 11.03 -0.02 -6.68
CA GLY A 502 11.45 1.21 -7.30
C GLY A 502 11.74 1.03 -8.79
N GLY A 503 11.88 2.14 -9.52
CA GLY A 503 11.99 2.05 -10.98
C GLY A 503 13.34 1.56 -11.45
N GLY A 504 14.36 1.71 -10.60
CA GLY A 504 15.74 1.34 -10.96
C GLY A 504 16.13 0.08 -10.20
N PHE A 505 16.31 -1.02 -10.91
CA PHE A 505 16.58 -2.31 -10.27
C PHE A 505 17.69 -3.03 -11.06
N PHE A 506 18.79 -2.32 -11.25
CA PHE A 506 19.68 -2.56 -12.39
C PHE A 506 21.10 -2.93 -12.02
N THR A 507 21.39 -3.17 -10.74
CA THR A 507 22.77 -3.51 -10.35
C THR A 507 22.95 -4.94 -9.89
N GLY A 508 23.00 -5.20 -8.59
CA GLY A 508 23.29 -6.57 -8.08
C GLY A 508 23.89 -6.46 -6.69
N ALA A 509 24.05 -7.61 -6.03
CA ALA A 509 24.54 -7.58 -4.67
C ALA A 509 26.02 -7.35 -4.63
N PHE A 510 26.47 -6.58 -3.64
CA PHE A 510 27.89 -6.35 -3.37
C PHE A 510 28.18 -6.78 -1.91
N VAL A 511 29.45 -6.89 -1.57
CA VAL A 511 29.90 -7.10 -0.19
C VAL A 511 31.11 -6.19 0.01
N GLY A 512 31.15 -5.46 1.12
CA GLY A 512 32.24 -4.55 1.24
C GLY A 512 32.36 -4.10 2.69
N ILE A 513 33.10 -3.02 2.88
CA ILE A 513 33.41 -2.58 4.23
C ILE A 513 33.14 -1.09 4.30
N ASN A 514 32.65 -0.61 5.44
CA ASN A 514 32.38 0.81 5.53
C ASN A 514 32.64 1.39 6.93
N CYS A 515 32.59 2.72 6.99
CA CYS A 515 32.73 3.40 8.26
C CYS A 515 31.75 4.56 8.27
N ILE A 516 30.87 4.54 9.27
CA ILE A 516 29.90 5.62 9.46
C ILE A 516 30.28 6.48 10.67
N ASP A 517 30.31 7.79 10.51
CA ASP A 517 30.45 8.65 11.70
C ASP A 517 29.52 9.86 11.52
N ILE A 518 28.31 9.76 12.07
CA ILE A 518 27.31 10.84 11.94
C ILE A 518 27.75 12.13 12.64
N THR A 519 28.68 12.03 13.60
CA THR A 519 29.01 13.19 14.43
C THR A 519 29.68 14.28 13.61
N GLY A 520 30.44 13.90 12.58
CA GLY A 520 31.20 14.85 11.79
C GLY A 520 32.66 14.83 12.22
N ASN A 521 33.01 13.90 13.12
CA ASN A 521 34.38 13.79 13.62
C ASN A 521 35.29 12.95 12.69
N ASN A 522 34.71 12.37 11.65
CA ASN A 522 35.51 11.62 10.68
C ASN A 522 36.32 10.49 11.33
N LYS A 523 35.72 9.79 12.30
CA LYS A 523 36.50 8.81 13.05
C LYS A 523 37.02 7.72 12.13
N PRO A 524 38.32 7.41 12.19
CA PRO A 524 38.88 6.38 11.33
C PRO A 524 38.63 4.97 11.82
N ALA A 525 38.41 4.09 10.85
CA ALA A 525 38.38 2.64 11.02
C ALA A 525 39.46 2.08 10.11
N ASP A 526 40.33 1.23 10.66
CA ASP A 526 41.43 0.64 9.92
C ASP A 526 41.15 -0.82 9.66
N PHE A 527 41.08 -1.14 8.37
CA PHE A 527 40.86 -2.52 7.97
C PHE A 527 42.15 -3.18 7.55
N ASP A 528 42.44 -4.29 8.20
CA ASP A 528 43.70 -4.99 7.95
C ASP A 528 43.70 -5.84 6.66
N TYR A 529 42.56 -6.40 6.27
CA TYR A 529 42.51 -7.21 5.08
C TYR A 529 41.09 -7.29 4.58
N PHE A 530 40.93 -7.77 3.36
CA PHE A 530 39.59 -8.11 2.88
C PHE A 530 39.71 -9.41 2.10
N CYS A 531 38.99 -10.44 2.54
CA CYS A 531 38.97 -11.74 1.86
C CYS A 531 37.69 -11.95 1.09
N TYR A 532 37.82 -12.60 -0.06
CA TYR A 532 36.68 -13.03 -0.85
C TYR A 532 37.06 -14.37 -1.48
N LYS A 533 36.36 -15.42 -1.11
CA LYS A 533 36.69 -16.72 -1.68
C LYS A 533 35.43 -17.50 -2.04
N GLU A 534 35.35 -17.87 -3.31
CA GLU A 534 34.21 -18.57 -3.85
C GLU A 534 34.38 -20.07 -3.65
N GLU A 535 33.28 -20.81 -3.68
CA GLU A 535 33.28 -22.25 -3.36
C GLU A 535 32.22 -23.01 -4.14
N SER B 2 0.69 50.33 17.38
CA SER B 2 -0.29 49.59 16.53
C SER B 2 -0.46 48.14 17.04
N LEU B 3 -1.10 47.32 16.22
CA LEU B 3 -1.10 45.88 16.49
C LEU B 3 -0.29 45.19 15.41
N ILE B 4 0.38 44.12 15.83
CA ILE B 4 0.94 43.14 14.89
C ILE B 4 -0.22 42.25 14.46
N LYS B 5 -0.26 41.92 13.17
CA LYS B 5 -1.24 41.01 12.58
C LYS B 5 -0.57 39.73 12.10
N ASN B 6 -0.76 38.64 12.83
CA ASN B 6 -0.15 37.38 12.42
C ASN B 6 -0.91 36.70 11.26
N PRO B 7 -0.20 35.96 10.38
CA PRO B 7 1.25 35.79 10.40
C PRO B 7 1.97 37.03 9.86
N ILE B 8 3.16 37.32 10.39
CA ILE B 8 3.93 38.47 9.87
C ILE B 8 4.69 38.13 8.59
N LEU B 9 5.12 36.88 8.44
CA LEU B 9 5.74 36.47 7.18
C LEU B 9 4.84 35.39 6.58
N ARG B 10 4.26 35.67 5.43
CA ARG B 10 3.24 34.81 4.84
C ARG B 10 3.79 33.82 3.83
N GLY B 11 3.05 32.73 3.60
CA GLY B 11 3.57 31.68 2.76
C GLY B 11 4.81 31.02 3.37
N PHE B 12 5.46 30.16 2.59
CA PHE B 12 6.51 29.28 3.08
C PHE B 12 7.64 30.07 3.75
N ASN B 13 7.63 30.07 5.09
CA ASN B 13 8.59 30.81 5.86
C ASN B 13 8.73 30.25 7.26
N PRO B 14 9.28 29.02 7.36
CA PRO B 14 9.27 28.30 8.63
C PRO B 14 10.47 28.60 9.50
N ASP B 15 10.43 28.03 10.71
CA ASP B 15 11.56 28.02 11.63
C ASP B 15 12.19 29.40 11.84
N PRO B 16 11.40 30.39 12.29
CA PRO B 16 11.94 31.77 12.40
C PRO B 16 13.01 31.92 13.47
N SER B 17 14.16 32.45 13.06
CA SER B 17 15.25 32.78 13.98
C SER B 17 15.28 34.31 14.04
N ILE B 18 14.77 34.89 15.12
CA ILE B 18 14.66 36.34 15.16
C ILE B 18 15.92 36.91 15.80
N CYS B 19 16.35 38.09 15.31
CA CYS B 19 17.64 38.61 15.72
C CYS B 19 17.59 40.14 15.82
N ARG B 20 18.09 40.71 16.92
CA ARG B 20 18.17 42.16 17.06
C ARG B 20 19.60 42.63 16.83
N ALA B 21 19.77 43.65 16.00
CA ALA B 21 21.08 44.27 15.83
C ALA B 21 20.87 45.75 16.09
N ASP B 22 21.18 46.18 17.32
CA ASP B 22 20.93 47.57 17.71
C ASP B 22 19.42 47.84 17.59
N THR B 23 18.98 48.67 16.65
CA THR B 23 17.53 48.88 16.54
C THR B 23 16.92 48.27 15.31
N ASP B 24 17.68 47.40 14.62
CA ASP B 24 17.10 46.61 13.55
C ASP B 24 16.73 45.20 14.04
N TYR B 25 15.64 44.67 13.49
CA TYR B 25 15.16 43.33 13.78
C TYR B 25 15.16 42.51 12.48
N TYR B 26 15.66 41.28 12.60
CA TYR B 26 15.69 40.39 11.44
C TYR B 26 15.13 39.03 11.82
N ILE B 27 14.55 38.34 10.84
CA ILE B 27 14.12 36.96 11.01
C ILE B 27 14.68 36.19 9.83
N ALA B 28 15.48 35.19 10.13
CA ALA B 28 15.85 34.17 9.12
C ALA B 28 14.85 33.02 9.14
N THR B 29 14.49 32.53 7.96
CA THR B 29 13.62 31.35 7.83
C THR B 29 14.23 30.31 6.91
N SER B 30 13.79 29.06 7.07
CA SER B 30 14.35 27.95 6.32
C SER B 30 13.82 27.90 4.87
N THR B 31 14.66 27.39 3.98
CA THR B 31 14.38 27.41 2.54
C THR B 31 14.53 26.03 1.86
N PHE B 32 15.07 25.07 2.62
CA PHE B 32 15.16 23.69 2.13
C PHE B 32 15.85 23.63 0.77
N GLU B 33 15.20 23.04 -0.25
CA GLU B 33 15.84 22.89 -1.56
C GLU B 33 15.76 24.20 -2.39
N TRP B 34 15.14 25.26 -1.90
CA TRP B 34 14.99 26.44 -2.74
C TRP B 34 16.22 27.36 -2.64
N PHE B 35 16.70 27.84 -3.79
CA PHE B 35 17.96 28.58 -3.90
C PHE B 35 17.72 30.03 -4.43
N PRO B 36 18.41 31.04 -3.90
CA PRO B 36 19.43 30.94 -2.83
C PRO B 36 18.88 30.73 -1.40
N GLY B 37 19.73 30.24 -0.50
CA GLY B 37 19.22 29.74 0.78
C GLY B 37 19.16 30.76 1.90
N VAL B 38 18.21 30.50 2.81
CA VAL B 38 17.91 31.28 4.02
C VAL B 38 17.30 32.64 3.66
N GLN B 39 16.00 32.77 3.84
CA GLN B 39 15.37 34.06 3.62
C GLN B 39 15.62 34.93 4.85
N ILE B 40 16.00 36.19 4.64
CA ILE B 40 16.10 37.10 5.76
C ILE B 40 15.15 38.28 5.53
N HIS B 41 14.25 38.49 6.50
CA HIS B 41 13.36 39.66 6.49
C HIS B 41 13.82 40.64 7.54
N HIS B 42 13.51 41.91 7.32
CA HIS B 42 13.90 43.00 8.21
C HIS B 42 12.69 43.78 8.74
N SER B 43 12.83 44.38 9.93
CA SER B 43 11.76 45.25 10.47
C SER B 43 12.39 46.24 11.44
N LYS B 44 11.80 47.43 11.52
CA LYS B 44 12.12 48.38 12.59
C LYS B 44 11.16 48.22 13.77
N ASP B 45 9.96 47.69 13.50
CA ASP B 45 8.90 47.76 14.52
C ASP B 45 8.21 46.48 14.90
N LEU B 46 8.57 45.36 14.26
CA LEU B 46 7.95 44.03 14.46
C LEU B 46 6.56 43.86 13.84
N VAL B 47 6.00 44.97 13.39
CA VAL B 47 4.72 44.97 12.72
C VAL B 47 4.87 44.79 11.21
N ASN B 48 5.78 45.55 10.61
CA ASN B 48 5.94 45.62 9.18
C ASN B 48 7.25 44.96 8.80
N TRP B 49 7.19 44.03 7.85
CA TRP B 49 8.39 43.28 7.45
C TRP B 49 8.63 43.36 5.96
N HIS B 50 9.89 43.28 5.57
CA HIS B 50 10.20 43.20 4.15
C HIS B 50 11.37 42.25 3.90
N LEU B 51 11.27 41.48 2.82
CA LEU B 51 12.32 40.50 2.47
C LEU B 51 13.55 41.23 1.93
N VAL B 52 14.71 40.99 2.54
CA VAL B 52 15.90 41.74 2.16
C VAL B 52 17.15 40.96 1.73
N ALA B 53 17.20 39.66 2.01
CA ALA B 53 18.46 38.95 1.72
C ALA B 53 18.29 37.42 1.68
N HIS B 54 19.17 36.77 0.91
CA HIS B 54 19.36 35.30 0.96
C HIS B 54 20.86 35.07 0.97
N PRO B 55 21.43 34.91 2.17
CA PRO B 55 22.90 34.76 2.28
C PRO B 55 23.54 33.63 1.50
N LEU B 56 22.88 32.49 1.36
CA LEU B 56 23.54 31.31 0.81
C LEU B 56 23.34 31.27 -0.72
N ASN B 57 24.10 32.12 -1.43
CA ASN B 57 23.83 32.34 -2.83
C ASN B 57 24.97 31.92 -3.75
N ARG B 58 25.87 31.06 -3.27
CA ARG B 58 26.89 30.53 -4.14
C ARG B 58 27.18 29.09 -3.74
N THR B 59 27.62 28.30 -4.71
CA THR B 59 27.85 26.89 -4.47
C THR B 59 28.80 26.59 -3.31
N SER B 60 29.87 27.41 -3.15
CA SER B 60 30.79 27.24 -2.03
C SER B 60 30.09 27.32 -0.67
N LEU B 61 29.03 28.14 -0.59
CA LEU B 61 28.21 28.17 0.64
C LEU B 61 27.18 27.03 0.71
N LEU B 62 26.60 26.71 -0.44
CA LEU B 62 25.41 25.86 -0.44
C LEU B 62 25.36 25.06 -1.72
N ASP B 63 25.60 23.77 -1.62
CA ASP B 63 25.57 22.85 -2.78
C ASP B 63 24.50 21.79 -2.58
N MET B 64 23.35 21.97 -3.25
CA MET B 64 22.18 21.09 -3.04
C MET B 64 21.81 20.34 -4.32
N LYS B 65 22.72 20.29 -5.28
CA LYS B 65 22.47 19.54 -6.52
C LYS B 65 22.18 18.09 -6.15
N GLY B 66 21.04 17.55 -6.56
CA GLY B 66 20.66 16.21 -6.20
C GLY B 66 19.99 16.02 -4.81
N ASN B 67 19.85 17.08 -4.02
CA ASN B 67 19.26 16.92 -2.68
C ASN B 67 17.82 16.44 -2.77
N PRO B 68 17.38 15.66 -1.78
CA PRO B 68 16.00 15.18 -1.73
C PRO B 68 15.06 16.37 -1.51
N ASN B 69 13.80 16.20 -1.89
CA ASN B 69 12.80 17.21 -1.57
C ASN B 69 12.80 17.42 -0.06
N SER B 70 12.67 18.68 0.34
CA SER B 70 12.69 19.01 1.77
C SER B 70 13.98 18.60 2.51
N GLY B 71 15.06 18.33 1.76
CA GLY B 71 16.41 18.28 2.31
C GLY B 71 17.02 19.70 2.22
N GLY B 72 18.33 19.81 2.15
CA GLY B 72 18.92 21.15 2.13
C GLY B 72 18.65 21.92 3.42
N ILE B 73 18.33 23.21 3.30
CA ILE B 73 18.38 24.12 4.45
C ILE B 73 17.21 23.95 5.41
N TRP B 74 17.50 23.34 6.56
CA TRP B 74 16.52 23.23 7.63
C TRP B 74 16.57 24.50 8.50
N ALA B 75 16.04 24.41 9.72
CA ALA B 75 15.97 25.63 10.56
C ALA B 75 17.34 26.36 10.57
N PRO B 76 17.37 27.64 10.21
CA PRO B 76 18.58 28.46 10.36
C PRO B 76 18.71 29.18 11.70
N ASP B 77 19.92 29.69 12.00
CA ASP B 77 20.11 30.39 13.25
C ASP B 77 20.91 31.65 12.97
N LEU B 78 20.27 32.81 13.15
CA LEU B 78 20.92 34.10 12.88
C LEU B 78 21.16 34.80 14.19
N SER B 79 22.39 35.23 14.43
CA SER B 79 22.70 36.02 15.61
C SER B 79 23.51 37.26 15.25
N TYR B 80 23.58 38.20 16.19
CA TYR B 80 24.38 39.38 15.95
C TYR B 80 25.21 39.60 17.20
N HIS B 81 26.52 39.69 17.01
CA HIS B 81 27.41 39.77 18.16
C HIS B 81 28.79 40.19 17.69
N ASP B 82 29.52 40.90 18.54
CA ASP B 82 30.83 41.44 18.16
C ASP B 82 30.78 42.21 16.83
N GLY B 83 29.76 43.04 16.65
CA GLY B 83 29.67 43.87 15.44
C GLY B 83 29.34 43.16 14.14
N LYS B 84 29.02 41.87 14.18
CA LYS B 84 28.65 41.19 12.93
C LYS B 84 27.57 40.11 13.10
N PHE B 85 27.02 39.70 11.96
CA PHE B 85 26.01 38.64 11.90
C PHE B 85 26.69 37.28 11.76
N TRP B 86 26.12 36.31 12.46
CA TRP B 86 26.57 34.93 12.43
C TRP B 86 25.40 34.09 11.98
N LEU B 87 25.62 33.21 11.01
CA LEU B 87 24.51 32.37 10.53
C LEU B 87 24.95 30.92 10.61
N ILE B 88 24.19 30.12 11.38
CA ILE B 88 24.43 28.69 11.42
C ILE B 88 23.38 28.09 10.50
N TYR B 89 23.79 27.19 9.61
CA TYR B 89 22.85 26.54 8.72
C TYR B 89 23.18 25.06 8.56
N THR B 90 22.18 24.31 8.12
CA THR B 90 22.27 22.85 8.03
C THR B 90 21.85 22.42 6.65
N ASP B 91 22.69 21.61 6.01
CA ASP B 91 22.38 21.03 4.68
C ASP B 91 22.02 19.57 4.93
N VAL B 92 20.73 19.23 4.79
CA VAL B 92 20.26 17.87 5.09
C VAL B 92 20.29 17.04 3.82
N LYS B 93 21.00 15.92 3.86
CA LYS B 93 21.16 15.08 2.66
C LYS B 93 20.21 13.89 2.61
N VAL B 94 19.67 13.50 3.78
CA VAL B 94 18.81 12.33 3.91
C VAL B 94 17.62 12.74 4.79
N THR B 95 16.41 12.65 4.24
CA THR B 95 15.21 13.20 4.87
C THR B 95 14.27 12.15 5.41
N ASP B 96 14.63 10.88 5.31
CA ASP B 96 13.74 9.82 5.79
C ASP B 96 14.54 8.58 6.20
N GLY B 97 13.88 7.70 6.95
CA GLY B 97 14.52 6.42 7.35
C GLY B 97 15.15 6.56 8.72
N MET B 98 16.04 5.63 9.07
CA MET B 98 16.59 5.62 10.43
C MET B 98 17.65 6.72 10.68
N TRP B 99 18.24 7.29 9.63
CA TRP B 99 19.21 8.41 9.73
C TRP B 99 18.66 9.71 9.15
N LYS B 100 19.26 10.82 9.60
CA LYS B 100 19.02 12.16 8.99
C LYS B 100 20.35 12.83 8.67
N ASP B 101 21.16 12.17 7.85
CA ASP B 101 22.44 12.69 7.49
C ASP B 101 22.39 14.17 7.12
N CYS B 102 23.16 14.96 7.84
CA CYS B 102 23.15 16.40 7.62
C CYS B 102 24.49 17.01 8.03
N HIS B 103 24.70 18.27 7.64
CA HIS B 103 25.96 18.95 7.93
C HIS B 103 25.66 20.40 8.31
N ASN B 104 26.24 20.80 9.44
CA ASN B 104 26.08 22.15 9.98
C ASN B 104 27.31 22.98 9.68
N TYR B 105 27.08 24.28 9.48
CA TYR B 105 28.09 25.21 9.00
C TYR B 105 27.79 26.58 9.65
N LEU B 106 28.86 27.37 9.72
CA LEU B 106 28.79 28.75 10.21
C LEU B 106 29.32 29.68 9.14
N THR B 107 28.61 30.79 8.89
CA THR B 107 29.15 31.84 8.03
C THR B 107 28.86 33.18 8.69
N THR B 108 29.56 34.25 8.31
CA THR B 108 29.36 35.53 8.98
C THR B 108 29.40 36.64 7.96
N CYS B 109 28.87 37.79 8.36
CA CYS B 109 28.91 38.95 7.51
C CYS B 109 28.59 40.22 8.33
N GLU B 110 29.15 41.35 7.93
CA GLU B 110 28.86 42.62 8.56
C GLU B 110 27.42 43.12 8.31
N SER B 111 26.80 42.66 7.23
CA SER B 111 25.44 43.02 6.91
C SER B 111 24.70 41.82 6.36
N VAL B 112 23.38 41.80 6.49
CA VAL B 112 22.66 40.60 6.11
C VAL B 112 22.66 40.41 4.59
N ASP B 113 22.71 41.53 3.87
CA ASP B 113 22.66 41.51 2.42
C ASP B 113 24.05 41.65 1.79
N GLY B 114 25.08 41.50 2.62
CA GLY B 114 26.45 41.54 2.13
C GLY B 114 26.92 40.20 1.55
N VAL B 115 28.23 40.10 1.31
CA VAL B 115 28.83 38.85 0.84
C VAL B 115 29.32 38.06 2.03
N TRP B 116 28.65 36.94 2.30
CA TRP B 116 28.97 36.13 3.50
C TRP B 116 30.28 35.36 3.39
N SER B 117 30.90 35.07 4.50
CA SER B 117 32.23 34.48 4.46
C SER B 117 32.17 33.01 4.07
N ASP B 118 33.27 32.47 3.55
CA ASP B 118 33.30 31.02 3.27
C ASP B 118 33.02 30.25 4.54
N PRO B 119 32.29 29.15 4.44
CA PRO B 119 31.75 28.53 5.64
C PRO B 119 32.75 27.75 6.44
N ILE B 120 32.56 27.80 7.75
CA ILE B 120 33.33 26.98 8.71
C ILE B 120 32.55 25.69 8.98
N THR B 121 33.22 24.55 8.86
CA THR B 121 32.62 23.27 9.09
C THR B 121 32.42 23.03 10.57
N LEU B 122 31.19 22.68 10.93
CA LEU B 122 30.87 22.37 12.31
C LEU B 122 30.72 20.85 12.49
N ASN B 123 29.54 20.39 12.84
CA ASN B 123 29.36 18.98 13.16
C ASN B 123 28.21 18.45 12.33
N GLY B 124 27.78 17.21 12.60
CA GLY B 124 26.63 16.59 11.90
C GLY B 124 25.72 15.75 12.79
N SER B 125 25.92 15.83 14.12
CA SER B 125 25.25 14.95 15.07
C SER B 125 23.71 15.11 15.12
N GLY B 126 23.22 16.21 14.52
CA GLY B 126 21.80 16.49 14.41
C GLY B 126 21.61 17.83 13.72
N PHE B 127 20.35 18.11 13.38
CA PHE B 127 19.99 19.38 12.78
C PHE B 127 19.62 20.42 13.87
N ASP B 128 19.07 21.55 13.45
CA ASP B 128 18.63 22.61 14.39
C ASP B 128 19.79 23.14 15.23
N ALA B 129 20.91 23.38 14.55
CA ALA B 129 22.09 23.95 15.23
C ALA B 129 21.95 25.46 15.46
N SER B 130 22.48 25.92 16.58
CA SER B 130 22.23 27.29 17.00
C SER B 130 23.47 27.77 17.77
N LEU B 131 23.88 29.02 17.54
CA LEU B 131 25.08 29.56 18.16
C LEU B 131 24.73 30.54 19.29
N PHE B 132 25.19 30.21 20.48
CA PHE B 132 24.89 31.00 21.65
C PHE B 132 26.15 31.76 22.06
N HIS B 133 26.02 33.08 22.18
CA HIS B 133 27.16 33.95 22.56
C HIS B 133 26.98 34.34 24.03
N ASP B 134 27.79 33.77 24.92
CA ASP B 134 27.67 34.08 26.36
C ASP B 134 28.31 35.45 26.69
N ASN B 135 27.99 35.97 27.87
CA ASN B 135 28.46 37.31 28.22
C ASN B 135 29.90 37.37 28.70
N ASP B 136 30.51 36.21 28.89
CA ASP B 136 31.91 36.13 29.24
C ASP B 136 32.79 35.96 28.01
N GLY B 137 32.21 36.13 26.82
CA GLY B 137 33.02 36.02 25.60
C GLY B 137 33.15 34.62 25.06
N LYS B 138 32.60 33.65 25.77
CA LYS B 138 32.57 32.27 25.26
C LYS B 138 31.39 32.07 24.29
N LYS B 139 31.49 31.05 23.43
CA LYS B 139 30.42 30.78 22.48
C LYS B 139 30.17 29.29 22.46
N TYR B 140 28.94 28.88 22.22
CA TYR B 140 28.59 27.44 22.26
C TYR B 140 27.65 27.11 21.13
N LEU B 141 27.81 25.92 20.53
CA LEU B 141 26.82 25.39 19.60
C LEU B 141 25.89 24.42 20.32
N VAL B 142 24.57 24.59 20.16
CA VAL B 142 23.60 23.56 20.58
C VAL B 142 22.88 23.06 19.35
N ASN B 143 22.59 21.77 19.32
CA ASN B 143 21.79 21.16 18.27
C ASN B 143 21.08 19.94 18.87
N MET B 144 20.12 19.38 18.13
CA MET B 144 19.50 18.12 18.54
C MET B 144 20.50 17.01 18.23
N TYR B 145 20.45 15.95 19.01
CA TYR B 145 21.34 14.81 18.79
C TYR B 145 20.51 13.61 18.32
N TRP B 146 20.87 13.06 17.16
CA TRP B 146 20.07 12.01 16.50
C TRP B 146 20.41 10.59 16.97
N ASP B 147 19.40 9.82 17.33
CA ASP B 147 19.63 8.42 17.66
C ASP B 147 18.97 7.59 16.58
N GLN B 148 19.77 6.86 15.80
CA GLN B 148 19.22 6.10 14.66
C GLN B 148 18.61 4.72 15.07
N ARG B 149 18.81 4.28 16.30
CA ARG B 149 18.50 2.89 16.64
C ARG B 149 17.01 2.63 16.45
N THR B 150 16.69 1.53 15.79
CA THR B 150 15.31 1.43 15.26
C THR B 150 14.25 1.27 16.34
N TYR B 151 14.67 0.81 17.52
CA TYR B 151 13.72 0.57 18.59
C TYR B 151 13.62 1.83 19.48
N ASN B 152 14.33 2.90 19.12
CA ASN B 152 14.27 4.10 19.93
C ASN B 152 13.64 5.28 19.19
N HIS B 153 13.02 6.18 19.93
CA HIS B 153 12.68 7.48 19.35
C HIS B 153 13.97 8.18 18.88
N ASN B 154 13.94 8.83 17.72
CA ASN B 154 15.18 9.37 17.12
C ASN B 154 15.77 10.63 17.83
N PHE B 155 14.96 11.28 18.67
CA PHE B 155 15.32 12.58 19.22
C PHE B 155 15.89 12.39 20.60
N TYR B 156 17.22 12.29 20.64
CA TYR B 156 17.97 11.87 21.87
C TYR B 156 18.12 12.97 22.91
N GLY B 157 17.81 14.20 22.51
CA GLY B 157 18.00 15.35 23.39
C GLY B 157 18.82 16.41 22.71
N ILE B 158 19.40 17.30 23.52
CA ILE B 158 20.08 18.47 23.04
C ILE B 158 21.56 18.34 23.45
N VAL B 159 22.46 18.47 22.47
CA VAL B 159 23.91 18.42 22.69
C VAL B 159 24.47 19.85 22.71
N LEU B 160 25.51 20.05 23.53
CA LEU B 160 26.15 21.38 23.66
C LEU B 160 27.66 21.19 23.52
N GLN B 161 28.31 22.13 22.83
CA GLN B 161 29.75 22.04 22.68
C GLN B 161 30.29 23.44 22.41
N GLU B 162 31.41 23.78 23.05
CA GLU B 162 31.96 25.12 22.89
C GLU B 162 32.44 25.31 21.46
N TYR B 163 32.20 26.50 20.91
CA TYR B 163 32.76 26.91 19.63
C TYR B 163 33.85 27.96 19.86
N SER B 164 34.97 27.78 19.19
CA SER B 164 36.10 28.72 19.27
C SER B 164 36.24 29.57 18.00
N ASP B 165 35.89 30.85 18.09
CA ASP B 165 36.07 31.76 16.99
C ASP B 165 37.56 31.86 16.62
N LYS B 166 38.43 31.81 17.63
CA LYS B 166 39.86 31.90 17.36
C LYS B 166 40.38 30.68 16.58
N GLU B 167 39.91 29.48 16.93
CA GLU B 167 40.43 28.26 16.28
C GLU B 167 39.60 27.89 15.05
N LYS B 168 38.48 28.59 14.85
CA LYS B 168 37.49 28.30 13.80
C LYS B 168 36.97 26.87 13.84
N LYS B 169 36.66 26.36 15.04
CA LYS B 169 36.08 25.02 15.16
C LYS B 169 35.48 24.80 16.54
N LEU B 170 34.63 23.79 16.65
CA LEU B 170 34.17 23.28 17.94
C LEU B 170 35.36 22.73 18.70
N ILE B 171 35.41 23.00 20.01
CA ILE B 171 36.49 22.51 20.87
C ILE B 171 35.93 21.77 22.08
N GLY B 172 36.82 21.08 22.81
CA GLY B 172 36.43 20.40 24.06
C GLY B 172 35.43 19.30 23.77
N LYS B 173 34.73 18.84 24.81
CA LYS B 173 33.85 17.70 24.66
C LYS B 173 32.44 18.20 24.40
N ALA B 174 31.70 17.44 23.63
CA ALA B 174 30.26 17.64 23.49
C ALA B 174 29.52 16.90 24.59
N LYS B 175 28.47 17.52 25.12
CA LYS B 175 27.71 16.96 26.24
C LYS B 175 26.20 17.02 25.98
N ILE B 176 25.47 15.95 26.31
CA ILE B 176 24.01 16.01 26.27
C ILE B 176 23.56 16.80 27.49
N ILE B 177 22.92 17.95 27.28
CA ILE B 177 22.51 18.78 28.42
C ILE B 177 21.05 18.70 28.83
N TYR B 178 20.22 18.04 28.01
CA TYR B 178 18.78 18.08 28.26
C TYR B 178 18.14 17.01 27.37
N LYS B 179 17.16 16.29 27.94
CA LYS B 179 16.49 15.20 27.20
C LYS B 179 15.09 15.53 26.71
N GLY B 180 14.57 16.67 27.09
CA GLY B 180 13.23 17.08 26.69
C GLY B 180 12.14 16.56 27.61
N THR B 181 10.88 16.85 27.26
CA THR B 181 9.74 16.34 28.02
C THR B 181 9.15 15.10 27.36
N ASP B 182 8.07 14.61 27.94
CA ASP B 182 7.37 13.43 27.40
C ASP B 182 6.63 13.71 26.08
N ILE B 183 6.63 14.95 25.64
CA ILE B 183 6.06 15.27 24.36
C ILE B 183 7.03 14.78 23.24
N LYS B 184 8.33 14.80 23.56
CA LYS B 184 9.44 14.31 22.68
C LYS B 184 9.56 15.09 21.32
N TYR B 185 10.22 14.51 20.31
CA TYR B 185 10.65 15.29 19.12
C TYR B 185 11.40 16.57 19.54
N THR B 186 12.21 16.45 20.57
CA THR B 186 12.87 17.64 21.13
C THR B 186 13.88 18.18 20.14
N GLU B 187 13.68 19.41 19.67
CA GLU B 187 14.57 19.98 18.69
C GLU B 187 14.58 21.53 18.85
N GLY B 188 15.11 22.22 17.85
CA GLY B 188 15.11 23.70 17.80
C GLY B 188 15.74 24.36 19.04
N PRO B 189 16.80 23.81 19.62
CA PRO B 189 17.31 24.39 20.88
C PRO B 189 17.86 25.80 20.72
N HIS B 190 17.51 26.70 21.64
CA HIS B 190 18.19 27.99 21.71
C HIS B 190 18.40 28.33 23.19
N ILE B 191 19.56 28.90 23.49
CA ILE B 191 19.89 29.27 24.89
C ILE B 191 19.94 30.80 25.01
N TYR B 192 19.37 31.33 26.09
CA TYR B 192 19.39 32.76 26.36
C TYR B 192 19.81 32.89 27.80
N HIS B 193 20.80 33.74 28.05
CA HIS B 193 21.29 33.93 29.40
C HIS B 193 20.67 35.23 29.87
N ILE B 194 19.66 35.12 30.71
CA ILE B 194 18.87 36.30 31.12
C ILE B 194 18.87 36.33 32.62
N GLY B 195 19.49 37.37 33.18
CA GLY B 195 19.61 37.49 34.62
C GLY B 195 20.30 36.26 35.15
N ASP B 196 19.68 35.61 36.12
CA ASP B 196 20.33 34.49 36.81
C ASP B 196 20.21 33.14 36.15
N TYR B 197 19.51 33.06 35.02
CA TYR B 197 19.31 31.75 34.39
C TYR B 197 19.79 31.68 32.97
N TYR B 198 20.21 30.48 32.59
CA TYR B 198 20.25 30.05 31.21
C TYR B 198 18.87 29.46 30.91
N TYR B 199 18.21 30.01 29.90
CA TYR B 199 16.90 29.49 29.47
C TYR B 199 17.16 28.71 28.19
N LEU B 200 16.73 27.46 28.19
CA LEU B 200 16.84 26.61 27.01
C LEU B 200 15.44 26.44 26.44
N PHE B 201 15.21 27.01 25.25
CA PHE B 201 13.97 26.86 24.51
C PHE B 201 14.13 25.72 23.50
N THR B 202 13.12 24.87 23.44
CA THR B 202 13.11 23.78 22.44
C THR B 202 11.73 23.65 21.84
N ALA B 203 11.71 23.26 20.57
CA ALA B 203 10.46 22.84 19.91
C ALA B 203 10.23 21.36 20.26
N GLU B 204 8.97 20.97 20.39
CA GLU B 204 8.63 19.54 20.67
C GLU B 204 7.34 19.17 19.96
N GLY B 205 7.12 17.86 19.82
CA GLY B 205 5.88 17.35 19.32
C GLY B 205 5.95 17.13 17.83
N GLY B 206 6.95 17.71 17.16
CA GLY B 206 7.03 17.57 15.69
C GLY B 206 6.24 18.69 15.03
N THR B 207 6.63 19.06 13.80
CA THR B 207 6.12 20.28 13.20
C THR B 207 4.74 20.09 12.53
N THR B 208 3.90 19.28 13.19
CA THR B 208 2.52 19.00 12.74
C THR B 208 1.54 19.74 13.64
N TYR B 209 0.30 19.24 13.69
CA TYR B 209 -0.67 19.83 14.65
C TYR B 209 -0.28 19.59 16.12
N GLU B 210 0.71 18.72 16.36
CA GLU B 210 1.14 18.41 17.75
C GLU B 210 2.34 19.28 18.18
N HIS B 211 2.66 20.29 17.37
CA HIS B 211 3.85 21.13 17.58
C HIS B 211 3.70 21.99 18.83
N SER B 212 4.83 22.24 19.50
CA SER B 212 4.81 23.12 20.69
C SER B 212 6.22 23.66 20.91
N GLU B 213 6.32 24.59 21.87
CA GLU B 213 7.61 25.04 22.36
C GLU B 213 7.56 24.97 23.87
N THR B 214 8.64 24.46 24.46
CA THR B 214 8.80 24.37 25.92
C THR B 214 10.10 25.06 26.33
N VAL B 215 10.13 25.53 27.59
CA VAL B 215 11.27 26.24 28.12
C VAL B 215 11.73 25.50 29.37
N ALA B 216 13.04 25.41 29.52
CA ALA B 216 13.62 24.84 30.73
C ALA B 216 14.69 25.82 31.18
N ARG B 217 15.11 25.76 32.45
CA ARG B 217 16.12 26.71 32.89
C ARG B 217 17.13 26.11 33.85
N SER B 218 18.30 26.74 33.93
CA SER B 218 19.38 26.26 34.80
C SER B 218 20.22 27.46 35.24
N LYS B 219 20.90 27.36 36.38
CA LYS B 219 21.80 28.42 36.78
C LYS B 219 23.12 28.26 36.01
N ASN B 220 23.34 27.08 35.45
CA ASN B 220 24.57 26.86 34.68
C ASN B 220 24.28 26.31 33.29
N ILE B 221 25.14 26.65 32.34
CA ILE B 221 24.80 26.37 30.94
C ILE B 221 24.65 24.85 30.66
N ASP B 222 25.39 24.05 31.44
CA ASP B 222 25.45 22.59 31.37
C ASP B 222 24.25 21.87 31.96
N GLY B 223 23.34 22.61 32.58
CA GLY B 223 22.21 22.02 33.34
C GLY B 223 22.67 21.55 34.71
N PRO B 224 21.86 20.75 35.41
CA PRO B 224 20.62 20.19 34.87
C PRO B 224 19.60 21.30 34.68
N TYR B 225 18.73 21.12 33.69
CA TYR B 225 17.68 22.10 33.41
C TYR B 225 16.39 21.68 34.08
N GLU B 226 15.71 22.62 34.74
CA GLU B 226 14.37 22.34 35.25
C GLU B 226 13.34 22.73 34.22
N ILE B 227 12.38 21.84 34.01
CA ILE B 227 11.29 22.11 33.08
C ILE B 227 10.17 22.94 33.70
N ASP B 228 9.70 23.92 32.95
CA ASP B 228 8.55 24.73 33.29
C ASP B 228 7.39 23.87 33.73
N PRO B 229 6.95 24.01 34.98
CA PRO B 229 5.79 23.27 35.47
C PRO B 229 4.56 23.46 34.59
N GLU B 230 4.48 24.58 33.89
CA GLU B 230 3.33 24.91 33.05
C GLU B 230 3.54 24.51 31.60
N TYR B 231 4.53 23.67 31.29
CA TYR B 231 4.84 23.42 29.86
C TYR B 231 3.63 22.79 29.15
N PRO B 232 3.50 23.00 27.84
CA PRO B 232 4.37 23.89 27.03
C PRO B 232 4.14 25.38 27.19
N LEU B 233 5.14 26.16 26.77
CA LEU B 233 5.05 27.62 26.61
C LEU B 233 4.06 27.99 25.55
N LEU B 234 4.11 27.24 24.44
CA LEU B 234 3.33 27.55 23.27
C LEU B 234 2.85 26.30 22.57
N THR B 235 1.58 26.29 22.16
CA THR B 235 1.03 25.19 21.36
C THR B 235 -0.46 25.41 21.14
N SER B 236 -0.96 25.04 19.96
CA SER B 236 -2.41 25.07 19.75
C SER B 236 -2.90 23.64 19.54
N TRP B 237 -2.10 22.66 19.97
CA TRP B 237 -2.52 21.28 19.76
C TRP B 237 -3.93 21.03 20.30
N HIS B 238 -4.18 21.51 21.52
CA HIS B 238 -5.45 21.30 22.24
C HIS B 238 -6.63 22.15 21.73
N ASP B 239 -6.36 23.03 20.77
CA ASP B 239 -7.38 23.93 20.28
C ASP B 239 -7.46 23.86 18.78
N PRO B 240 -8.30 22.98 18.27
CA PRO B 240 -8.39 22.75 16.83
C PRO B 240 -9.04 23.89 16.09
N ARG B 241 -9.63 24.84 16.81
CA ARG B 241 -10.39 25.93 16.15
C ARG B 241 -9.56 27.21 16.00
N ASN B 242 -8.47 27.31 16.76
CA ASN B 242 -7.57 28.46 16.65
C ASN B 242 -7.14 28.77 15.21
N SER B 243 -7.13 30.05 14.87
CA SER B 243 -6.62 30.47 13.54
C SER B 243 -5.18 30.02 13.24
N LEU B 244 -4.34 30.01 14.27
CA LEU B 244 -2.93 29.65 14.13
C LEU B 244 -2.74 28.24 14.69
N GLN B 245 -2.23 27.34 13.85
CA GLN B 245 -1.99 25.96 14.25
C GLN B 245 -0.49 25.66 14.17
N LYS B 246 -0.09 24.46 14.62
CA LYS B 246 1.31 24.01 14.55
C LYS B 246 2.32 24.98 15.17
N CYS B 247 1.88 25.68 16.22
CA CYS B 247 2.68 26.70 16.89
C CYS B 247 3.87 26.17 17.67
N GLY B 248 5.06 26.43 17.15
CA GLY B 248 6.29 25.91 17.74
C GLY B 248 7.49 26.35 16.94
N HIS B 249 8.66 25.85 17.32
CA HIS B 249 9.92 26.23 16.72
C HIS B 249 10.14 27.73 16.78
N ALA B 250 10.26 28.20 18.02
CA ALA B 250 10.28 29.62 18.33
C ALA B 250 11.69 30.13 18.65
N SER B 251 11.81 31.47 18.65
CA SER B 251 13.03 32.14 19.11
C SER B 251 12.60 33.42 19.82
N LEU B 252 13.38 33.81 20.80
CA LEU B 252 13.04 34.92 21.69
C LEU B 252 13.85 36.18 21.33
N VAL B 253 13.21 37.35 21.30
CA VAL B 253 13.95 38.62 21.15
C VAL B 253 13.65 39.57 22.33
N HIS B 254 14.68 40.26 22.79
CA HIS B 254 14.53 41.31 23.80
C HIS B 254 14.73 42.61 23.05
N THR B 255 13.67 43.42 22.92
CA THR B 255 13.80 44.68 22.17
C THR B 255 14.66 45.72 22.93
N HIS B 256 15.10 46.72 22.17
CA HIS B 256 15.81 47.86 22.75
C HIS B 256 14.89 48.71 23.64
N THR B 257 13.57 48.46 23.58
CA THR B 257 12.59 49.12 24.47
C THR B 257 12.29 48.27 25.70
N ASP B 258 13.15 47.29 25.96
CA ASP B 258 12.99 46.39 27.08
C ASP B 258 11.62 45.69 27.07
N GLU B 259 11.26 45.14 25.91
CA GLU B 259 10.06 44.31 25.77
C GLU B 259 10.48 42.94 25.21
N TRP B 260 9.58 41.96 25.29
CA TRP B 260 9.93 40.58 24.95
C TRP B 260 8.95 40.03 23.92
N TYR B 261 9.48 39.52 22.80
CA TYR B 261 8.64 38.93 21.75
C TYR B 261 9.15 37.54 21.33
N LEU B 262 8.23 36.70 20.82
CA LEU B 262 8.55 35.31 20.51
C LEU B 262 8.11 35.03 19.07
N ALA B 263 9.09 34.90 18.17
CA ALA B 263 8.80 34.49 16.78
C ALA B 263 8.56 32.96 16.76
N HIS B 264 7.62 32.47 15.96
CA HIS B 264 7.38 31.00 15.93
C HIS B 264 6.73 30.63 14.61
N LEU B 265 6.81 29.38 14.19
CA LEU B 265 6.12 29.04 12.97
C LEU B 265 4.66 28.66 13.26
N VAL B 266 3.85 28.68 12.22
CA VAL B 266 2.44 28.28 12.28
C VAL B 266 2.01 27.67 10.94
N GLY B 267 0.88 26.96 10.96
CA GLY B 267 0.17 26.61 9.71
C GLY B 267 -1.23 27.19 9.76
N ARG B 268 -1.75 27.61 8.60
CA ARG B 268 -3.13 28.12 8.54
C ARG B 268 -3.89 27.27 7.54
N PRO B 269 -4.67 26.32 8.03
CA PRO B 269 -5.36 25.37 7.15
C PRO B 269 -6.46 25.99 6.31
N LEU B 270 -6.67 25.42 5.14
CA LEU B 270 -7.86 25.72 4.38
C LEU B 270 -9.13 25.35 5.16
N PRO B 271 -10.28 25.91 4.79
CA PRO B 271 -11.54 25.57 5.44
C PRO B 271 -11.76 24.08 5.39
N VAL B 272 -12.16 23.47 6.49
CA VAL B 272 -12.31 22.02 6.45
C VAL B 272 -13.77 21.63 6.17
N GLY B 273 -14.65 22.62 6.27
CA GLY B 273 -16.07 22.38 6.00
C GLY B 273 -16.74 21.52 7.07
N ASN B 274 -17.80 20.83 6.64
CA ASN B 274 -18.66 20.12 7.58
C ASN B 274 -18.09 18.73 7.90
N GLN B 275 -16.93 18.75 8.58
CA GLN B 275 -16.14 17.56 8.85
C GLN B 275 -15.64 17.57 10.29
N PRO B 276 -15.40 16.39 10.87
CA PRO B 276 -15.04 16.32 12.28
C PRO B 276 -13.80 17.16 12.59
N VAL B 277 -13.98 18.14 13.48
CA VAL B 277 -12.94 19.14 13.75
C VAL B 277 -11.67 18.59 14.41
N LEU B 278 -11.75 17.49 15.18
CA LEU B 278 -10.57 16.90 15.82
C LEU B 278 -9.80 16.03 14.84
N GLU B 279 -10.54 15.42 13.92
CA GLU B 279 -9.95 14.48 12.99
C GLU B 279 -9.25 15.19 11.82
N GLN B 280 -9.94 16.14 11.20
CA GLN B 280 -9.42 16.79 9.99
C GLN B 280 -8.90 18.18 10.38
N ARG B 281 -7.65 18.21 10.85
CA ARG B 281 -7.10 19.48 11.38
C ARG B 281 -6.74 20.45 10.25
N GLY B 282 -6.56 19.94 9.05
CA GLY B 282 -6.45 20.83 7.90
C GLY B 282 -5.28 20.62 6.96
N TYR B 283 -5.41 21.24 5.78
CA TYR B 283 -4.36 21.21 4.76
C TYR B 283 -3.84 22.65 4.59
N CYS B 284 -2.54 22.80 4.60
CA CYS B 284 -1.92 24.12 4.60
C CYS B 284 -1.10 24.36 3.30
N PRO B 285 -1.71 24.89 2.24
CA PRO B 285 -0.94 25.09 0.98
C PRO B 285 0.09 26.22 1.09
N LEU B 286 -0.07 27.11 2.08
CA LEU B 286 0.92 28.19 2.30
C LEU B 286 2.11 27.69 3.14
N GLY B 287 2.14 26.38 3.38
CA GLY B 287 3.19 25.78 4.17
C GLY B 287 3.18 26.27 5.61
N ARG B 288 4.36 26.45 6.16
CA ARG B 288 4.50 26.93 7.54
C ARG B 288 4.99 28.37 7.46
N GLU B 289 4.28 29.26 8.15
CA GLU B 289 4.47 30.70 8.05
C GLU B 289 5.04 31.19 9.38
N THR B 290 5.38 32.48 9.47
CA THR B 290 5.92 33.00 10.72
C THR B 290 4.98 33.98 11.41
N SER B 291 4.79 33.76 12.70
CA SER B 291 4.05 34.66 13.57
C SER B 291 4.91 35.12 14.75
N ILE B 292 4.39 36.13 15.45
CA ILE B 292 5.11 36.63 16.60
C ILE B 292 4.16 36.89 17.79
N GLN B 293 4.55 36.44 18.98
CA GLN B 293 3.72 36.63 20.18
C GLN B 293 4.45 37.57 21.15
N ARG B 294 3.68 38.20 22.02
CA ARG B 294 4.27 38.97 23.10
C ARG B 294 4.48 38.07 24.31
N ILE B 295 5.58 38.30 25.03
CA ILE B 295 5.98 37.53 26.19
C ILE B 295 5.96 38.37 27.47
N GLU B 296 5.44 37.79 28.54
CA GLU B 296 5.53 38.40 29.87
C GLU B 296 6.20 37.42 30.80
N TRP B 297 6.71 37.93 31.91
CA TRP B 297 7.45 37.08 32.84
C TRP B 297 6.69 36.84 34.14
N VAL B 298 6.61 35.58 34.53
CA VAL B 298 5.95 35.20 35.77
C VAL B 298 6.85 34.24 36.52
N ASP B 299 7.24 34.62 37.74
CA ASP B 299 8.05 33.72 38.56
C ASP B 299 9.27 33.25 37.77
N ASN B 300 9.86 34.17 37.00
CA ASN B 300 11.07 33.90 36.26
C ASN B 300 10.89 32.86 35.16
N TRP B 301 9.66 32.71 34.68
CA TRP B 301 9.35 31.90 33.48
C TRP B 301 8.68 32.79 32.47
N PRO B 302 9.04 32.67 31.20
CA PRO B 302 8.34 33.41 30.14
C PRO B 302 6.97 32.79 29.91
N ARG B 303 6.00 33.61 29.51
CA ARG B 303 4.62 33.19 29.31
C ARG B 303 4.09 33.92 28.10
N VAL B 304 3.31 33.22 27.29
CA VAL B 304 2.76 33.85 26.07
C VAL B 304 1.53 34.69 26.40
N VAL B 305 1.58 35.98 26.08
CA VAL B 305 0.45 36.87 26.33
C VAL B 305 -0.74 36.44 25.50
N GLY B 306 -1.89 36.26 26.14
CA GLY B 306 -3.11 35.92 25.44
C GLY B 306 -3.36 34.42 25.34
N GLY B 307 -2.47 33.64 25.91
CA GLY B 307 -2.65 32.20 25.98
C GLY B 307 -1.72 31.42 25.06
N LYS B 308 -1.35 30.22 25.51
CA LYS B 308 -0.38 29.32 24.83
C LYS B 308 -0.68 29.06 23.37
N GLN B 309 -1.95 29.14 22.98
CA GLN B 309 -2.36 28.80 21.61
C GLN B 309 -1.80 29.77 20.56
N GLY B 310 -1.42 30.99 20.98
CA GLY B 310 -0.92 32.01 20.07
C GLY B 310 -2.06 32.83 19.49
N SER B 311 -1.90 34.16 19.48
CA SER B 311 -2.97 35.05 19.02
C SER B 311 -2.66 35.65 17.65
N VAL B 312 -3.71 36.00 16.94
CA VAL B 312 -3.59 36.65 15.65
C VAL B 312 -3.19 38.14 15.81
N ASN B 313 -3.80 38.81 16.79
CA ASN B 313 -3.58 40.25 17.04
C ASN B 313 -2.83 40.46 18.33
N VAL B 314 -1.67 41.12 18.24
CA VAL B 314 -0.74 41.21 19.34
C VAL B 314 -0.27 42.65 19.50
N GLU B 315 -0.29 43.12 20.74
CA GLU B 315 0.19 44.45 21.11
C GLU B 315 1.61 44.63 20.55
N ALA B 316 1.85 45.72 19.82
CA ALA B 316 3.19 46.02 19.27
C ALA B 316 4.11 46.65 20.30
N PRO B 317 5.43 46.52 20.13
CA PRO B 317 6.37 47.13 21.05
C PRO B 317 6.32 48.64 20.90
N LYS B 318 6.92 49.36 21.85
CA LYS B 318 6.78 50.81 21.91
C LYS B 318 7.86 51.44 21.05
N ILE B 319 7.69 51.27 19.76
CA ILE B 319 8.67 51.68 18.75
C ILE B 319 7.86 52.31 17.62
N PRO B 320 8.36 53.38 17.00
CA PRO B 320 7.62 54.02 15.91
C PRO B 320 7.39 53.04 14.76
N GLU B 321 6.21 53.12 14.17
CA GLU B 321 5.88 52.25 13.05
C GLU B 321 6.60 52.71 11.77
N VAL B 322 7.21 51.77 11.05
CA VAL B 322 7.87 52.08 9.79
C VAL B 322 7.44 51.08 8.73
N LYS B 323 6.73 51.57 7.73
CA LYS B 323 6.14 50.71 6.70
C LYS B 323 7.08 50.58 5.51
N TRP B 324 6.96 49.48 4.76
CA TRP B 324 7.88 49.21 3.65
C TRP B 324 7.14 49.17 2.33
N GLU B 325 7.80 49.65 1.28
CA GLU B 325 7.29 49.43 -0.07
C GLU B 325 7.25 47.93 -0.34
N LYS B 326 6.32 47.51 -1.19
CA LYS B 326 6.32 46.12 -1.70
C LYS B 326 7.67 45.77 -2.35
N THR B 327 8.07 44.49 -2.30
CA THR B 327 9.39 44.11 -2.83
C THR B 327 9.30 43.52 -4.22
N TYR B 328 8.12 43.63 -4.82
CA TYR B 328 7.89 43.16 -6.18
C TYR B 328 6.80 44.02 -6.82
N ASP B 329 6.79 44.02 -8.15
CA ASP B 329 5.73 44.68 -8.94
C ASP B 329 4.69 43.60 -9.21
N GLU B 330 3.42 43.94 -9.05
CA GLU B 330 2.37 42.98 -9.43
C GLU B 330 2.56 42.48 -10.85
N LYS B 331 2.91 43.37 -11.76
CA LYS B 331 3.33 42.94 -13.07
C LYS B 331 4.84 43.19 -13.26
N ASP B 332 5.62 42.11 -13.21
CA ASP B 332 7.04 42.17 -13.40
C ASP B 332 7.32 42.08 -14.90
N ASN B 333 7.81 43.16 -15.50
CA ASN B 333 8.06 43.18 -16.93
C ASN B 333 9.39 42.63 -17.39
N PHE B 334 10.15 42.12 -16.43
CA PHE B 334 11.49 41.59 -16.69
C PHE B 334 12.41 42.65 -17.33
N ASP B 335 12.33 43.89 -16.85
CA ASP B 335 13.12 44.97 -17.45
C ASP B 335 14.43 45.19 -16.71
N SER B 336 14.58 44.59 -15.56
CA SER B 336 15.78 44.78 -14.79
C SER B 336 16.61 43.56 -15.01
N ASP B 337 17.93 43.68 -14.90
CA ASP B 337 18.74 42.49 -15.13
C ASP B 337 19.01 41.73 -13.82
N LYS B 338 18.41 42.17 -12.72
CA LYS B 338 18.39 41.38 -11.49
C LYS B 338 17.04 40.68 -11.31
N LEU B 339 17.05 39.35 -11.24
CA LEU B 339 15.81 38.64 -10.98
C LEU B 339 15.23 39.04 -9.60
N ASN B 340 13.93 39.27 -9.56
CA ASN B 340 13.31 39.80 -8.36
C ASN B 340 13.57 38.88 -7.15
N ILE B 341 13.79 39.48 -5.99
CA ILE B 341 14.18 38.75 -4.78
C ILE B 341 13.14 37.68 -4.32
N ASN B 342 11.87 37.85 -4.71
CA ASN B 342 10.83 36.88 -4.35
C ASN B 342 10.87 35.60 -5.21
N PHE B 343 11.72 35.61 -6.23
CA PHE B 343 11.91 34.42 -7.08
C PHE B 343 13.06 33.56 -6.57
N GLN B 344 12.81 32.25 -6.56
CA GLN B 344 13.86 31.28 -6.28
C GLN B 344 13.89 30.22 -7.36
N SER B 345 14.95 29.43 -7.36
CA SER B 345 15.02 28.27 -8.23
C SER B 345 15.38 27.06 -7.38
N LEU B 346 15.36 25.89 -8.00
CA LEU B 346 15.54 24.65 -7.24
C LEU B 346 17.01 24.32 -7.21
N ARG B 347 17.50 24.21 -5.97
CA ARG B 347 18.76 23.53 -5.60
C ARG B 347 20.06 24.21 -5.92
N ILE B 348 20.17 24.76 -7.14
CA ILE B 348 21.44 25.31 -7.65
C ILE B 348 21.34 26.77 -8.12
N PRO B 349 22.48 27.45 -8.15
CA PRO B 349 22.53 28.81 -8.70
C PRO B 349 22.06 28.80 -10.16
N LEU B 350 21.27 29.79 -10.57
CA LEU B 350 21.01 29.94 -11.98
C LEU B 350 22.27 30.46 -12.66
N THR B 351 22.53 29.98 -13.87
CA THR B 351 23.60 30.54 -14.69
C THR B 351 22.98 31.03 -15.99
N GLU B 352 23.76 31.77 -16.79
CA GLU B 352 23.28 32.35 -18.03
C GLU B 352 22.91 31.26 -19.03
N ASN B 353 23.33 30.03 -18.76
CA ASN B 353 22.95 28.89 -19.62
C ASN B 353 21.60 28.28 -19.28
N ILE B 354 21.05 28.68 -18.14
CA ILE B 354 19.77 28.15 -17.69
C ILE B 354 18.70 29.25 -17.84
N ALA B 355 19.03 30.44 -17.35
CA ALA B 355 18.10 31.58 -17.31
C ALA B 355 18.86 32.84 -17.54
N SER B 356 18.33 33.72 -18.40
CA SER B 356 19.03 34.98 -18.62
C SER B 356 18.06 36.14 -18.82
N LEU B 357 18.35 37.25 -18.16
CA LEU B 357 17.65 38.50 -18.38
C LEU B 357 18.44 39.33 -19.42
N LYS B 358 19.57 38.80 -19.86
CA LYS B 358 20.51 39.51 -20.74
C LYS B 358 20.50 38.96 -22.16
N ALA B 359 19.49 38.17 -22.50
CA ALA B 359 19.49 37.55 -23.81
C ALA B 359 18.56 38.31 -24.73
N LYS B 360 17.48 38.83 -24.13
CA LYS B 360 16.55 39.71 -24.84
C LYS B 360 15.94 40.67 -23.82
N LYS B 361 16.22 41.96 -23.99
CA LYS B 361 15.79 42.97 -23.04
C LYS B 361 14.27 42.85 -22.82
N GLY B 362 13.85 42.90 -21.54
CA GLY B 362 12.45 42.85 -21.18
C GLY B 362 11.87 41.43 -21.19
N ASN B 363 12.72 40.41 -21.34
CA ASN B 363 12.27 39.02 -21.25
C ASN B 363 13.15 38.21 -20.34
N LEU B 364 12.57 37.19 -19.72
CA LEU B 364 13.38 36.21 -19.02
C LEU B 364 13.42 35.04 -19.98
N ARG B 365 14.62 34.70 -20.45
CA ARG B 365 14.79 33.55 -21.35
C ARG B 365 15.19 32.34 -20.54
N LEU B 366 14.41 31.28 -20.62
CA LEU B 366 14.77 30.01 -19.98
C LEU B 366 15.19 29.01 -21.07
N TYR B 367 16.40 28.50 -20.96
CA TYR B 367 16.88 27.52 -21.92
C TYR B 367 16.55 26.14 -21.37
N GLY B 368 15.72 25.39 -22.10
CA GLY B 368 15.11 24.19 -21.54
C GLY B 368 16.14 23.22 -20.97
N LYS B 369 15.82 22.73 -19.77
CA LYS B 369 16.66 21.69 -19.15
C LYS B 369 15.75 20.49 -18.79
N GLU B 370 15.89 19.98 -17.56
CA GLU B 370 15.31 18.69 -17.17
C GLU B 370 13.86 18.83 -16.74
N SER B 371 13.16 17.70 -16.60
CA SER B 371 11.71 17.70 -16.32
C SER B 371 11.40 18.21 -14.89
N LEU B 372 10.12 18.44 -14.60
CA LEU B 372 9.63 18.81 -13.29
C LEU B 372 9.90 17.75 -12.23
N THR B 373 10.34 16.57 -12.67
CA THR B 373 10.61 15.49 -11.70
C THR B 373 12.10 15.40 -11.32
N SER B 374 12.94 16.26 -11.89
CA SER B 374 14.40 16.16 -11.67
C SER B 374 14.87 16.89 -10.41
N THR B 375 15.76 16.25 -9.64
CA THR B 375 16.35 16.91 -8.47
C THR B 375 17.71 17.51 -8.83
N PHE B 376 17.97 17.66 -10.14
CA PHE B 376 19.27 18.17 -10.62
C PHE B 376 19.10 19.56 -11.19
N THR B 377 18.85 19.64 -12.49
CA THR B 377 18.83 20.96 -13.16
C THR B 377 17.49 21.24 -13.84
N GLN B 378 16.69 22.10 -13.21
CA GLN B 378 15.46 22.55 -13.86
C GLN B 378 15.59 24.03 -14.19
N ALA B 379 15.22 24.38 -15.42
CA ALA B 379 15.13 25.77 -15.84
C ALA B 379 13.74 26.28 -15.39
N PHE B 380 13.67 26.71 -14.13
CA PHE B 380 12.42 26.92 -13.44
C PHE B 380 12.61 27.95 -12.33
N ILE B 381 11.86 29.04 -12.41
CA ILE B 381 11.87 30.03 -11.32
C ILE B 381 10.46 30.19 -10.81
N ALA B 382 10.35 30.41 -9.51
CA ALA B 382 9.04 30.41 -8.90
C ALA B 382 8.98 31.27 -7.65
N ARG B 383 7.77 31.68 -7.29
CA ARG B 383 7.56 32.52 -6.10
C ARG B 383 6.48 31.84 -5.23
N ARG B 384 6.47 32.13 -3.93
CA ARG B 384 5.56 31.47 -3.00
C ARG B 384 4.10 31.86 -3.22
N TRP B 385 3.19 30.91 -3.07
CA TRP B 385 1.81 31.28 -2.77
C TRP B 385 1.84 32.02 -1.44
N GLN B 386 1.30 33.23 -1.37
CA GLN B 386 1.29 33.87 -0.05
C GLN B 386 -0.10 34.35 0.38
N SER B 387 -1.12 33.88 -0.33
CA SER B 387 -2.51 34.10 0.02
C SER B 387 -3.31 32.94 -0.54
N PHE B 388 -4.49 32.70 0.03
CA PHE B 388 -5.37 31.65 -0.48
C PHE B 388 -6.06 32.06 -1.77
N LYS B 389 -6.00 33.35 -2.09
CA LYS B 389 -6.69 33.84 -3.28
C LYS B 389 -5.81 34.81 -4.06
N PHE B 390 -5.52 34.48 -5.31
CA PHE B 390 -4.61 35.30 -6.14
C PHE B 390 -4.68 34.87 -7.59
N ASP B 391 -4.23 35.75 -8.50
CA ASP B 391 -4.06 35.40 -9.91
C ASP B 391 -2.57 35.49 -10.15
N ALA B 392 -2.03 34.53 -10.90
CA ALA B 392 -0.65 34.62 -11.39
C ALA B 392 -0.69 34.34 -12.89
N SER B 393 0.14 35.05 -13.65
CA SER B 393 0.12 34.86 -15.08
C SER B 393 1.45 35.26 -15.71
N THR B 394 1.59 34.87 -16.96
CA THR B 394 2.81 35.09 -17.71
C THR B 394 2.47 35.10 -19.17
N SER B 395 3.44 35.46 -19.99
CA SER B 395 3.25 35.17 -21.39
C SER B 395 4.57 34.68 -21.95
N VAL B 396 4.46 33.67 -22.82
CA VAL B 396 5.65 32.93 -23.28
C VAL B 396 5.70 32.81 -24.79
N SER B 397 6.90 32.96 -25.36
CA SER B 397 7.12 32.73 -26.76
C SER B 397 8.04 31.49 -26.82
N PHE B 398 7.63 30.49 -27.60
CA PHE B 398 8.25 29.16 -27.57
C PHE B 398 7.84 28.46 -28.83
N SER B 399 8.80 27.77 -29.45
CA SER B 399 8.53 27.05 -30.71
C SER B 399 8.96 25.58 -30.64
N PRO B 400 8.23 24.78 -29.86
CA PRO B 400 8.63 23.39 -29.71
C PRO B 400 8.34 22.63 -30.99
N ASP B 401 9.19 21.67 -31.30
CA ASP B 401 8.95 20.78 -32.44
C ASP B 401 8.88 19.30 -32.02
N THR B 402 8.74 19.06 -30.72
CA THR B 402 8.59 17.70 -30.21
C THR B 402 7.86 17.77 -28.88
N PHE B 403 7.19 16.68 -28.50
CA PHE B 403 6.57 16.59 -27.18
C PHE B 403 7.65 16.56 -26.07
N GLN B 404 8.92 16.38 -26.44
CA GLN B 404 10.06 16.54 -25.49
C GLN B 404 10.38 17.97 -25.09
N GLN B 405 9.68 18.93 -25.67
CA GLN B 405 9.88 20.36 -25.34
C GLN B 405 8.57 20.93 -24.82
N ALA B 406 8.63 21.58 -23.65
CA ALA B 406 7.43 22.22 -23.12
C ALA B 406 7.85 23.40 -22.27
N ALA B 407 7.08 24.47 -22.31
CA ALA B 407 7.34 25.59 -21.42
C ALA B 407 6.01 26.14 -20.95
N GLY B 408 5.96 26.57 -19.71
CA GLY B 408 4.71 27.19 -19.25
C GLY B 408 4.73 27.66 -17.81
N LEU B 409 3.53 27.61 -17.21
CA LEU B 409 3.26 28.14 -15.88
C LEU B 409 2.93 26.94 -14.98
N THR B 410 3.42 26.95 -13.75
CA THR B 410 3.33 25.72 -12.97
C THR B 410 3.06 26.05 -11.54
N CYS B 411 2.17 25.28 -10.91
CA CYS B 411 2.03 25.33 -9.43
C CYS B 411 2.70 24.08 -8.93
N TYR B 412 3.56 24.25 -7.93
CA TYR B 412 4.56 23.22 -7.66
C TYR B 412 4.83 23.13 -6.18
N TYR B 413 4.90 21.90 -5.67
CA TYR B 413 5.29 21.69 -4.29
C TYR B 413 6.65 20.96 -4.30
N ASN B 414 6.68 19.76 -4.87
CA ASN B 414 7.94 19.06 -4.99
C ASN B 414 7.92 18.22 -6.26
N THR B 415 8.95 17.40 -6.48
CA THR B 415 9.08 16.69 -7.76
C THR B 415 7.96 15.70 -8.06
N GLU B 416 7.17 15.32 -7.06
CA GLU B 416 6.04 14.43 -7.33
C GLU B 416 4.69 15.02 -6.93
N ASN B 417 4.65 16.36 -6.81
CA ASN B 417 3.42 17.08 -6.53
C ASN B 417 3.42 18.45 -7.20
N TRP B 418 2.71 18.52 -8.31
CA TRP B 418 2.65 19.75 -9.10
C TRP B 418 1.61 19.66 -10.21
N SER B 419 1.29 20.80 -10.82
CA SER B 419 0.50 20.78 -12.06
C SER B 419 1.04 21.90 -12.96
N THR B 420 0.71 21.83 -14.25
CA THR B 420 1.20 22.85 -15.16
C THR B 420 0.39 22.98 -16.43
N ILE B 421 0.28 24.20 -16.95
CA ILE B 421 -0.20 24.39 -18.31
C ILE B 421 1.00 24.75 -19.16
N GLN B 422 1.11 24.05 -20.29
CA GLN B 422 2.33 24.14 -21.10
C GLN B 422 2.04 24.47 -22.54
N VAL B 423 2.96 25.16 -23.17
CA VAL B 423 3.01 25.20 -24.64
C VAL B 423 3.96 24.06 -25.05
N THR B 424 3.48 23.15 -25.88
CA THR B 424 4.28 21.96 -26.27
C THR B 424 3.90 21.58 -27.67
N TRP B 425 4.14 20.34 -28.07
CA TRP B 425 3.95 20.00 -29.49
C TRP B 425 3.34 18.62 -29.62
N ASN B 426 2.60 18.41 -30.70
CA ASN B 426 1.91 17.16 -30.97
C ASN B 426 2.05 16.76 -32.44
N GLU B 427 2.16 15.47 -32.72
CA GLU B 427 2.38 15.00 -34.10
C GLU B 427 1.31 15.47 -35.08
N ASP B 428 0.06 15.56 -34.64
CA ASP B 428 -1.05 15.78 -35.55
C ASP B 428 -1.48 17.24 -35.57
N LYS B 429 -1.20 17.96 -34.48
CA LYS B 429 -1.76 19.29 -34.34
C LYS B 429 -0.71 20.38 -34.30
N GLY B 430 0.56 20.00 -34.23
CA GLY B 430 1.60 21.02 -34.10
C GLY B 430 1.70 21.57 -32.70
N ARG B 431 1.99 22.87 -32.56
CA ARG B 431 2.10 23.50 -31.27
C ARG B 431 0.76 23.47 -30.54
N VAL B 432 0.75 23.09 -29.27
CA VAL B 432 -0.52 22.92 -28.52
C VAL B 432 -0.35 23.36 -27.07
N ILE B 433 -1.47 23.77 -26.46
CA ILE B 433 -1.57 23.93 -25.00
C ILE B 433 -1.96 22.57 -24.38
N ASP B 434 -1.28 22.21 -23.27
CA ASP B 434 -1.51 20.91 -22.64
C ASP B 434 -1.45 21.07 -21.12
N ILE B 435 -1.99 20.07 -20.40
CA ILE B 435 -1.94 20.06 -18.94
C ILE B 435 -1.22 18.81 -18.48
N VAL B 436 -0.37 18.97 -17.45
CA VAL B 436 0.31 17.80 -16.89
C VAL B 436 0.25 17.95 -15.38
N CYS B 437 0.04 16.86 -14.66
CA CYS B 437 0.11 16.96 -13.19
C CYS B 437 0.69 15.73 -12.55
N CYS B 438 1.11 15.90 -11.30
CA CYS B 438 1.57 14.76 -10.51
C CYS B 438 1.04 14.92 -9.09
N ASP B 439 0.49 13.82 -8.60
CA ASP B 439 -0.29 13.76 -7.38
C ASP B 439 0.31 12.63 -6.58
N ASN B 440 1.25 12.96 -5.72
CA ASN B 440 2.02 11.98 -4.95
C ASN B 440 2.49 10.85 -5.85
N PHE B 441 3.18 11.24 -6.93
CA PHE B 441 3.80 10.31 -7.88
C PHE B 441 2.82 9.62 -8.80
N HIS B 442 1.53 10.02 -8.77
CA HIS B 442 0.60 9.52 -9.78
C HIS B 442 0.51 10.59 -10.88
N PHE B 443 0.99 10.28 -12.08
CA PHE B 443 1.03 11.28 -13.18
C PHE B 443 -0.21 11.23 -14.04
N ASP B 444 -0.67 12.40 -14.47
CA ASP B 444 -1.79 12.41 -15.40
C ASP B 444 -1.69 13.58 -16.40
N MET B 445 -2.34 13.41 -17.53
CA MET B 445 -2.49 14.43 -18.60
C MET B 445 -3.97 14.38 -18.96
N PRO B 446 -4.76 15.10 -18.20
CA PRO B 446 -6.23 14.95 -18.22
C PRO B 446 -6.89 15.32 -19.53
N LEU B 447 -6.22 16.14 -20.36
CA LEU B 447 -6.84 16.53 -21.65
C LEU B 447 -6.76 15.38 -22.64
N LYS B 448 -5.81 14.48 -22.41
CA LYS B 448 -5.62 13.34 -23.31
C LYS B 448 -5.42 13.81 -24.74
N SER B 449 -6.21 13.31 -25.69
CA SER B 449 -5.98 13.72 -27.07
C SER B 449 -6.57 15.10 -27.33
N ASN B 450 -7.31 15.65 -26.37
CA ASN B 450 -7.88 16.99 -26.56
C ASN B 450 -6.91 18.16 -26.30
N VAL B 451 -5.64 17.98 -26.66
CA VAL B 451 -4.70 19.11 -26.57
C VAL B 451 -5.23 20.23 -27.47
N ILE B 452 -4.92 21.46 -27.09
CA ILE B 452 -5.52 22.67 -27.69
C ILE B 452 -4.56 23.33 -28.70
N PRO B 453 -4.95 23.35 -29.97
CA PRO B 453 -4.02 23.89 -30.99
C PRO B 453 -3.78 25.37 -30.82
N ILE B 454 -2.53 25.79 -31.01
CA ILE B 454 -2.15 27.21 -30.97
C ILE B 454 -1.96 27.62 -32.40
N PRO B 455 -2.61 28.69 -32.84
CA PRO B 455 -2.43 29.15 -34.24
C PRO B 455 -0.97 29.48 -34.53
N LYS B 456 -0.52 29.19 -35.75
CA LYS B 456 0.89 29.40 -36.13
C LYS B 456 1.40 30.83 -35.97
N ASP B 457 0.50 31.82 -36.08
CA ASP B 457 0.93 33.21 -36.02
C ASP B 457 0.95 33.79 -34.61
N VAL B 458 0.61 32.98 -33.60
CA VAL B 458 0.61 33.50 -32.23
C VAL B 458 2.05 33.53 -31.71
N GLU B 459 2.56 34.71 -31.35
CA GLU B 459 3.98 34.84 -30.97
C GLU B 459 4.15 34.74 -29.46
N TYR B 460 3.26 35.37 -28.69
CA TYR B 460 3.26 35.14 -27.22
C TYR B 460 1.94 34.52 -26.79
N ILE B 461 2.04 33.44 -26.01
CA ILE B 461 0.87 32.79 -25.45
C ILE B 461 0.78 33.17 -23.98
N HIS B 462 -0.34 33.76 -23.60
CA HIS B 462 -0.55 34.17 -22.22
C HIS B 462 -1.14 32.99 -21.46
N LEU B 463 -0.66 32.78 -20.25
CA LEU B 463 -1.09 31.64 -19.43
C LEU B 463 -1.37 32.18 -18.05
N LYS B 464 -2.41 31.67 -17.41
CA LYS B 464 -2.79 32.21 -16.11
C LYS B 464 -3.34 31.09 -15.21
N VAL B 465 -3.13 31.25 -13.91
CA VAL B 465 -3.81 30.44 -12.92
C VAL B 465 -4.57 31.34 -11.97
N GLU B 466 -5.81 30.95 -11.72
CA GLU B 466 -6.63 31.60 -10.73
C GLU B 466 -6.77 30.67 -9.56
N VAL B 467 -6.19 31.08 -8.44
CA VAL B 467 -6.28 30.31 -7.20
C VAL B 467 -7.40 30.85 -6.35
N ARG B 468 -8.31 29.98 -5.96
CA ARG B 468 -9.54 30.43 -5.27
C ARG B 468 -9.79 29.51 -4.09
N VAL B 469 -8.94 29.61 -3.09
CA VAL B 469 -9.07 28.85 -1.84
C VAL B 469 -8.99 27.35 -2.10
N GLU B 470 -10.09 26.61 -2.12
CA GLU B 470 -9.87 25.18 -2.23
C GLU B 470 -9.55 24.69 -3.63
N THR B 471 -9.79 25.50 -4.66
CA THR B 471 -9.47 25.02 -6.00
C THR B 471 -8.71 26.07 -6.81
N TYR B 472 -8.12 25.61 -7.91
CA TYR B 472 -7.51 26.54 -8.85
C TYR B 472 -7.66 25.99 -10.26
N GLN B 473 -7.48 26.88 -11.25
CA GLN B 473 -7.74 26.52 -12.62
C GLN B 473 -6.88 27.35 -13.54
N TYR B 474 -6.49 26.76 -14.65
CA TYR B 474 -5.62 27.41 -15.64
C TYR B 474 -6.42 27.95 -16.82
N SER B 475 -5.94 29.04 -17.41
CA SER B 475 -6.55 29.58 -18.63
C SER B 475 -5.44 30.10 -19.50
N TYR B 476 -5.78 30.47 -20.73
CA TYR B 476 -4.78 30.97 -21.70
C TYR B 476 -5.42 32.01 -22.61
N SER B 477 -4.60 32.81 -23.27
CA SER B 477 -5.08 33.82 -24.20
C SER B 477 -4.06 33.94 -25.34
N PHE B 478 -4.56 34.08 -26.57
CA PHE B 478 -3.70 34.23 -27.74
C PHE B 478 -3.53 35.70 -28.12
N ASP B 479 -4.22 36.58 -27.42
CA ASP B 479 -4.14 38.01 -27.70
C ASP B 479 -4.00 38.87 -26.46
N GLY B 480 -3.96 38.23 -25.29
CA GLY B 480 -3.75 38.95 -24.06
C GLY B 480 -5.01 39.68 -23.60
N ILE B 481 -6.08 39.53 -24.36
CA ILE B 481 -7.34 40.18 -23.97
C ILE B 481 -8.49 39.20 -23.70
N ASN B 482 -8.65 38.24 -24.60
CA ASN B 482 -9.72 37.27 -24.49
C ASN B 482 -9.18 35.96 -23.94
N TRP B 483 -9.75 35.46 -22.85
CA TRP B 483 -9.19 34.31 -22.12
C TRP B 483 -10.09 33.08 -22.19
N SER B 484 -9.49 31.89 -22.43
CA SER B 484 -10.24 30.63 -22.50
C SER B 484 -9.80 29.79 -21.31
N LYS B 485 -10.73 29.09 -20.66
CA LYS B 485 -10.40 28.23 -19.51
C LYS B 485 -10.03 26.86 -20.05
N VAL B 486 -9.09 26.19 -19.37
CA VAL B 486 -8.81 24.79 -19.70
C VAL B 486 -9.67 23.97 -18.77
N PRO B 487 -10.42 23.00 -19.30
CA PRO B 487 -11.38 22.26 -18.51
C PRO B 487 -10.69 21.23 -17.62
N ALA B 488 -10.05 21.74 -16.58
CA ALA B 488 -9.39 20.91 -15.57
C ALA B 488 -9.31 21.71 -14.28
N ILE B 489 -9.86 21.16 -13.22
CA ILE B 489 -9.86 21.85 -11.93
C ILE B 489 -8.98 21.09 -10.97
N PHE B 490 -8.14 21.84 -10.24
CA PHE B 490 -7.13 21.27 -9.34
C PHE B 490 -7.45 21.60 -7.90
N GLU B 491 -7.05 20.73 -6.96
CA GLU B 491 -7.26 21.01 -5.57
C GLU B 491 -6.03 21.62 -4.89
N SER B 492 -6.23 22.78 -4.27
CA SER B 492 -5.14 23.46 -3.58
C SER B 492 -4.59 22.62 -2.43
N ARG B 493 -5.45 21.85 -1.77
CA ARG B 493 -4.93 21.00 -0.69
C ARG B 493 -3.84 20.02 -1.14
N LYS B 494 -3.80 19.65 -2.42
CA LYS B 494 -2.77 18.71 -2.87
C LYS B 494 -1.36 19.33 -2.98
N LEU B 495 -1.27 20.65 -2.84
CA LEU B 495 0.05 21.29 -2.79
C LEU B 495 0.32 21.77 -1.37
N SER B 496 0.06 20.90 -0.38
CA SER B 496 0.17 21.31 1.01
C SER B 496 1.08 20.39 1.80
N ASP B 497 1.73 20.92 2.84
CA ASP B 497 2.61 20.09 3.68
C ASP B 497 1.84 18.87 4.16
N ASP B 498 0.55 19.02 4.42
CA ASP B 498 -0.24 17.94 5.06
C ASP B 498 -0.63 16.80 4.10
N TYR B 499 -0.63 17.11 2.81
CA TYR B 499 -1.03 16.12 1.82
C TYR B 499 0.14 15.32 1.24
N VAL B 500 1.28 15.99 1.04
CA VAL B 500 2.39 15.32 0.36
C VAL B 500 2.99 14.13 1.12
N GLN B 501 3.33 13.05 0.39
CA GLN B 501 3.88 11.84 1.04
C GLN B 501 5.38 12.01 1.30
N GLY B 502 5.97 11.15 2.13
CA GLY B 502 7.42 11.15 2.30
C GLY B 502 7.89 11.80 3.60
N GLY B 503 9.13 11.56 3.96
CA GLY B 503 9.67 12.09 5.22
C GLY B 503 9.80 13.61 5.32
N GLY B 504 9.97 14.28 4.18
CA GLY B 504 10.15 15.75 4.19
C GLY B 504 8.94 16.42 3.57
N PHE B 505 8.26 17.24 4.38
CA PHE B 505 7.02 17.89 3.97
C PHE B 505 7.04 19.34 4.48
N PHE B 506 8.10 20.06 4.07
CA PHE B 506 8.58 21.19 4.90
C PHE B 506 8.60 22.53 4.16
N THR B 507 8.05 22.59 2.94
CA THR B 507 8.12 23.84 2.18
C THR B 507 6.73 24.52 2.06
N GLY B 508 6.07 24.33 0.92
CA GLY B 508 4.79 25.02 0.65
C GLY B 508 4.59 25.19 -0.85
N ALA B 509 3.41 25.65 -1.24
CA ALA B 509 3.14 25.80 -2.66
C ALA B 509 3.83 27.01 -3.24
N PHE B 510 4.34 26.83 -4.46
CA PHE B 510 4.91 27.89 -5.28
C PHE B 510 4.17 27.98 -6.61
N VAL B 511 4.31 29.11 -7.29
CA VAL B 511 3.85 29.26 -8.65
C VAL B 511 4.97 29.90 -9.46
N GLY B 512 5.22 29.38 -10.65
CA GLY B 512 6.33 29.89 -11.44
C GLY B 512 6.31 29.49 -12.90
N ILE B 513 7.45 29.67 -13.56
CA ILE B 513 7.53 29.42 -15.00
C ILE B 513 8.75 28.57 -15.29
N ASN B 514 8.61 27.67 -16.25
CA ASN B 514 9.70 26.76 -16.56
C ASN B 514 9.82 26.45 -18.04
N CYS B 515 10.97 25.90 -18.41
CA CYS B 515 11.13 25.41 -19.77
C CYS B 515 11.84 24.05 -19.70
N ILE B 516 11.24 23.05 -20.33
CA ILE B 516 11.79 21.68 -20.36
C ILE B 516 12.23 21.36 -21.77
N ASP B 517 13.47 20.90 -21.93
CA ASP B 517 13.81 20.32 -23.23
C ASP B 517 14.62 19.03 -23.03
N ILE B 518 13.94 17.91 -23.17
CA ILE B 518 14.58 16.61 -22.97
C ILE B 518 15.62 16.29 -24.07
N THR B 519 15.47 16.89 -25.26
CA THR B 519 16.30 16.48 -26.36
C THR B 519 17.75 16.80 -26.13
N GLY B 520 18.03 17.79 -25.30
CA GLY B 520 19.38 18.28 -25.13
C GLY B 520 19.64 19.51 -25.99
N ASN B 521 18.63 19.96 -26.72
CA ASN B 521 18.81 21.15 -27.58
C ASN B 521 18.76 22.52 -26.86
N ASN B 522 18.43 22.50 -25.57
CA ASN B 522 18.39 23.71 -24.75
C ASN B 522 17.48 24.78 -25.36
N LYS B 523 16.34 24.35 -25.90
CA LYS B 523 15.48 25.32 -26.62
C LYS B 523 15.00 26.42 -25.68
N PRO B 524 15.15 27.66 -26.13
CA PRO B 524 14.77 28.86 -25.32
C PRO B 524 13.27 29.13 -25.34
N ALA B 525 12.77 29.61 -24.21
CA ALA B 525 11.41 30.11 -24.09
C ALA B 525 11.58 31.47 -23.52
N ASP B 526 10.95 32.48 -24.14
CA ASP B 526 11.03 33.83 -23.63
C ASP B 526 9.75 34.21 -22.89
N PHE B 527 9.91 34.61 -21.64
CA PHE B 527 8.78 35.08 -20.85
C PHE B 527 8.78 36.61 -20.77
N ASP B 528 7.71 37.21 -21.29
CA ASP B 528 7.63 38.65 -21.35
C ASP B 528 7.32 39.32 -20.01
N TYR B 529 6.50 38.67 -19.18
CA TYR B 529 6.19 39.20 -17.87
C TYR B 529 5.81 38.11 -16.90
N PHE B 530 5.77 38.45 -15.62
CA PHE B 530 5.17 37.54 -14.65
C PHE B 530 4.35 38.34 -13.67
N CYS B 531 3.04 38.05 -13.58
CA CYS B 531 2.13 38.76 -12.70
C CYS B 531 1.78 37.93 -11.51
N TYR B 532 1.67 38.59 -10.36
CA TYR B 532 1.16 37.94 -9.16
C TYR B 532 0.37 38.99 -8.44
N LYS B 533 -0.94 38.75 -8.31
CA LYS B 533 -1.81 39.72 -7.66
C LYS B 533 -2.72 39.02 -6.67
N GLU B 534 -2.54 39.33 -5.40
CA GLU B 534 -3.35 38.75 -4.34
C GLU B 534 -4.65 39.54 -4.23
N GLU B 535 -5.68 38.90 -3.69
CA GLU B 535 -7.02 39.46 -3.71
C GLU B 535 -7.71 39.30 -2.37
N SER C 2 -19.74 -29.02 -40.14
CA SER C 2 -20.06 -27.82 -39.32
C SER C 2 -18.86 -27.40 -38.49
N LEU C 3 -18.84 -26.13 -38.06
CA LEU C 3 -17.76 -25.63 -37.20
C LEU C 3 -18.24 -25.17 -35.83
N ILE C 4 -17.50 -25.55 -34.78
CA ILE C 4 -17.69 -24.96 -33.46
C ILE C 4 -17.00 -23.59 -33.51
N LYS C 5 -17.68 -22.55 -33.06
CA LYS C 5 -17.09 -21.21 -33.03
C LYS C 5 -16.92 -20.74 -31.59
N ASN C 6 -15.70 -20.87 -31.10
CA ASN C 6 -15.40 -20.58 -29.69
C ASN C 6 -15.35 -19.09 -29.38
N PRO C 7 -15.76 -18.68 -28.17
CA PRO C 7 -16.32 -19.60 -27.14
C PRO C 7 -17.74 -20.05 -27.41
N ILE C 8 -18.07 -21.26 -26.94
CA ILE C 8 -19.44 -21.78 -27.09
C ILE C 8 -20.41 -21.25 -25.99
N LEU C 9 -19.89 -20.93 -24.82
CA LEU C 9 -20.72 -20.36 -23.76
C LEU C 9 -20.04 -19.05 -23.44
N ARG C 10 -20.72 -17.95 -23.77
CA ARG C 10 -20.12 -16.62 -23.65
C ARG C 10 -20.48 -15.91 -22.33
N GLY C 11 -19.69 -14.90 -22.00
CA GLY C 11 -19.80 -14.28 -20.67
C GLY C 11 -19.46 -15.29 -19.60
N PHE C 12 -19.62 -14.90 -18.34
CA PHE C 12 -19.21 -15.68 -17.17
C PHE C 12 -19.75 -17.12 -17.17
N ASN C 13 -18.86 -18.08 -17.51
CA ASN C 13 -19.22 -19.48 -17.66
C ASN C 13 -17.97 -20.36 -17.53
N PRO C 14 -17.37 -20.40 -16.34
CA PRO C 14 -16.08 -21.04 -16.18
C PRO C 14 -16.17 -22.53 -15.81
N ASP C 15 -15.00 -23.17 -15.81
CA ASP C 15 -14.87 -24.51 -15.26
C ASP C 15 -15.89 -25.47 -15.90
N PRO C 16 -15.91 -25.61 -17.24
CA PRO C 16 -16.93 -26.45 -17.87
C PRO C 16 -16.73 -27.92 -17.52
N SER C 17 -17.82 -28.56 -17.07
CA SER C 17 -17.88 -30.01 -16.87
C SER C 17 -18.81 -30.58 -17.94
N ILE C 18 -18.25 -31.25 -18.95
CA ILE C 18 -19.07 -31.73 -20.06
C ILE C 18 -19.46 -33.16 -19.79
N CYS C 19 -20.66 -33.53 -20.21
CA CYS C 19 -21.20 -34.80 -19.86
C CYS C 19 -22.17 -35.26 -20.96
N ARG C 20 -22.07 -36.52 -21.33
CA ARG C 20 -22.97 -37.09 -22.36
C ARG C 20 -24.06 -37.97 -21.73
N ALA C 21 -25.30 -37.82 -22.21
CA ALA C 21 -26.36 -38.75 -21.83
C ALA C 21 -27.01 -39.19 -23.15
N ASP C 22 -26.61 -40.37 -23.63
CA ASP C 22 -27.04 -40.87 -24.93
C ASP C 22 -26.64 -39.92 -26.06
N THR C 23 -27.60 -39.25 -26.71
CA THR C 23 -27.25 -38.25 -27.74
C THR C 23 -27.44 -36.83 -27.25
N ASP C 24 -27.61 -36.66 -25.94
CA ASP C 24 -27.65 -35.30 -25.39
C ASP C 24 -26.32 -34.93 -24.76
N TYR C 25 -25.93 -33.66 -24.88
CA TYR C 25 -24.69 -33.19 -24.28
C TYR C 25 -24.98 -32.06 -23.35
N TYR C 26 -24.32 -32.05 -22.19
CA TYR C 26 -24.55 -30.98 -21.22
C TYR C 26 -23.24 -30.40 -20.76
N ILE C 27 -23.21 -29.10 -20.51
CA ILE C 27 -22.10 -28.53 -19.74
C ILE C 27 -22.56 -27.81 -18.48
N ALA C 28 -21.94 -28.15 -17.35
CA ALA C 28 -22.13 -27.43 -16.08
C ALA C 28 -21.02 -26.42 -15.93
N THR C 29 -21.35 -25.17 -15.61
CA THR C 29 -20.36 -24.13 -15.27
C THR C 29 -20.51 -23.56 -13.85
N SER C 30 -19.44 -23.00 -13.34
CA SER C 30 -19.43 -22.53 -11.98
C SER C 30 -20.15 -21.18 -11.88
N THR C 31 -20.75 -20.91 -10.72
CA THR C 31 -21.57 -19.71 -10.54
C THR C 31 -21.20 -18.86 -9.35
N PHE C 32 -20.34 -19.40 -8.48
CA PHE C 32 -19.82 -18.65 -7.33
C PHE C 32 -20.96 -18.10 -6.47
N GLU C 33 -21.00 -16.77 -6.20
CA GLU C 33 -22.07 -16.19 -5.36
C GLU C 33 -23.42 -15.97 -6.07
N TRP C 34 -23.52 -16.30 -7.37
CA TRP C 34 -24.76 -16.01 -8.10
C TRP C 34 -25.76 -17.15 -7.98
N PHE C 35 -27.02 -16.81 -7.71
CA PHE C 35 -28.04 -17.79 -7.30
C PHE C 35 -29.20 -17.70 -8.32
N PRO C 36 -29.80 -18.83 -8.74
CA PRO C 36 -29.51 -20.23 -8.30
C PRO C 36 -28.18 -20.77 -8.87
N GLY C 37 -27.64 -21.81 -8.22
CA GLY C 37 -26.26 -22.24 -8.49
C GLY C 37 -26.14 -23.33 -9.56
N VAL C 38 -24.99 -23.29 -10.27
CA VAL C 38 -24.60 -24.19 -11.36
C VAL C 38 -25.43 -23.99 -12.62
N GLN C 39 -24.82 -23.38 -13.63
CA GLN C 39 -25.50 -23.23 -14.92
C GLN C 39 -25.35 -24.56 -15.65
N ILE C 40 -26.43 -25.06 -16.24
CA ILE C 40 -26.31 -26.19 -17.13
C ILE C 40 -26.86 -25.79 -18.47
N HIS C 41 -26.03 -26.02 -19.49
CA HIS C 41 -26.40 -25.71 -20.86
C HIS C 41 -26.47 -27.06 -21.57
N HIS C 42 -27.29 -27.13 -22.62
CA HIS C 42 -27.50 -28.37 -23.36
C HIS C 42 -27.16 -28.17 -24.85
N SER C 43 -26.79 -29.26 -25.53
CA SER C 43 -26.52 -29.23 -26.98
C SER C 43 -26.74 -30.60 -27.57
N LYS C 44 -27.16 -30.64 -28.85
CA LYS C 44 -27.18 -31.89 -29.61
C LYS C 44 -25.88 -32.02 -30.41
N ASP C 45 -25.33 -30.89 -30.86
CA ASP C 45 -24.28 -30.92 -31.89
C ASP C 45 -22.90 -30.41 -31.46
N LEU C 46 -22.81 -29.95 -30.21
CA LEU C 46 -21.60 -29.31 -29.62
C LEU C 46 -21.29 -27.93 -30.18
N VAL C 47 -22.03 -27.53 -31.22
CA VAL C 47 -21.83 -26.25 -31.84
C VAL C 47 -22.72 -25.23 -31.16
N ASN C 48 -24.00 -25.59 -31.01
CA ASN C 48 -25.01 -24.66 -30.57
C ASN C 48 -25.52 -25.07 -29.20
N TRP C 49 -25.55 -24.11 -28.27
CA TRP C 49 -25.87 -24.42 -26.89
C TRP C 49 -27.02 -23.56 -26.41
N HIS C 50 -27.79 -24.09 -25.48
CA HIS C 50 -28.83 -23.30 -24.82
C HIS C 50 -28.81 -23.56 -23.29
N LEU C 51 -29.15 -22.51 -22.54
CA LEU C 51 -29.18 -22.61 -21.09
C LEU C 51 -30.50 -23.23 -20.65
N VAL C 52 -30.42 -24.28 -19.83
CA VAL C 52 -31.60 -25.05 -19.50
C VAL C 52 -31.89 -25.32 -18.01
N ALA C 53 -30.91 -25.11 -17.12
CA ALA C 53 -31.13 -25.44 -15.70
C ALA C 53 -30.14 -24.77 -14.75
N HIS C 54 -30.56 -24.64 -13.49
CA HIS C 54 -29.68 -24.28 -12.35
C HIS C 54 -30.18 -25.15 -11.17
N PRO C 55 -29.56 -26.31 -11.00
CA PRO C 55 -30.00 -27.32 -10.04
C PRO C 55 -30.08 -26.82 -8.60
N LEU C 56 -29.16 -25.91 -8.25
CA LEU C 56 -29.01 -25.53 -6.85
C LEU C 56 -29.89 -24.30 -6.53
N ASN C 57 -31.20 -24.53 -6.36
CA ASN C 57 -32.13 -23.43 -6.33
C ASN C 57 -32.94 -23.34 -5.06
N ARG C 58 -32.45 -24.00 -4.01
CA ARG C 58 -33.11 -23.91 -2.72
C ARG C 58 -32.06 -23.87 -1.64
N THR C 59 -32.38 -23.14 -0.56
CA THR C 59 -31.46 -23.00 0.55
C THR C 59 -30.91 -24.30 1.08
N SER C 60 -31.72 -25.36 1.10
CA SER C 60 -31.24 -26.64 1.63
C SER C 60 -30.15 -27.25 0.76
N LEU C 61 -30.12 -26.93 -0.54
CA LEU C 61 -29.02 -27.34 -1.40
C LEU C 61 -27.87 -26.34 -1.32
N LEU C 62 -28.16 -25.04 -1.23
CA LEU C 62 -27.10 -24.07 -1.35
C LEU C 62 -27.43 -22.84 -0.51
N ASP C 63 -26.65 -22.64 0.54
CA ASP C 63 -26.84 -21.55 1.47
C ASP C 63 -25.57 -20.65 1.43
N MET C 64 -25.65 -19.54 0.71
CA MET C 64 -24.51 -18.65 0.51
C MET C 64 -24.72 -17.27 1.14
N LYS C 65 -25.71 -17.17 2.03
CA LYS C 65 -25.94 -15.91 2.73
C LYS C 65 -24.63 -15.54 3.44
N GLY C 66 -24.15 -14.32 3.22
CA GLY C 66 -22.88 -13.91 3.82
C GLY C 66 -21.59 -14.41 3.16
N ASN C 67 -21.69 -15.23 2.08
CA ASN C 67 -20.47 -15.73 1.42
C ASN C 67 -19.62 -14.64 0.79
N PRO C 68 -18.31 -14.78 0.84
CA PRO C 68 -17.43 -13.75 0.25
C PRO C 68 -17.63 -13.71 -1.26
N ASN C 69 -17.25 -12.60 -1.88
CA ASN C 69 -17.23 -12.50 -3.35
C ASN C 69 -16.34 -13.61 -3.91
N SER C 70 -16.80 -14.23 -4.99
CA SER C 70 -16.07 -15.37 -5.59
C SER C 70 -15.86 -16.53 -4.63
N GLY C 71 -16.63 -16.56 -3.53
CA GLY C 71 -16.84 -17.80 -2.76
C GLY C 71 -18.01 -18.60 -3.35
N GLY C 72 -18.66 -19.44 -2.55
CA GLY C 72 -19.78 -20.24 -3.08
C GLY C 72 -19.33 -21.27 -4.11
N ILE C 73 -20.07 -21.37 -5.21
CA ILE C 73 -19.90 -22.49 -6.13
C ILE C 73 -18.70 -22.33 -7.04
N TRP C 74 -17.68 -23.10 -6.75
CA TRP C 74 -16.50 -23.20 -7.59
C TRP C 74 -16.75 -24.28 -8.66
N ALA C 75 -15.70 -24.81 -9.29
CA ALA C 75 -15.87 -25.76 -10.39
C ALA C 75 -16.88 -26.86 -9.98
N PRO C 76 -17.92 -27.08 -10.77
CA PRO C 76 -18.89 -28.17 -10.54
C PRO C 76 -18.51 -29.41 -11.34
N ASP C 77 -19.05 -30.56 -10.96
CA ASP C 77 -18.77 -31.78 -11.73
C ASP C 77 -20.10 -32.50 -12.05
N LEU C 78 -20.44 -32.64 -13.35
CA LEU C 78 -21.71 -33.21 -13.79
C LEU C 78 -21.41 -34.49 -14.54
N SER C 79 -22.04 -35.59 -14.08
CA SER C 79 -21.90 -36.87 -14.75
C SER C 79 -23.23 -37.55 -14.94
N TYR C 80 -23.23 -38.60 -15.76
CA TYR C 80 -24.44 -39.36 -16.07
C TYR C 80 -24.10 -40.83 -15.98
N HIS C 81 -24.75 -41.55 -15.05
CA HIS C 81 -24.46 -42.97 -14.83
C HIS C 81 -25.64 -43.66 -14.17
N ASP C 82 -25.83 -44.95 -14.47
CA ASP C 82 -26.93 -45.71 -13.85
C ASP C 82 -28.26 -44.99 -14.08
N GLY C 83 -28.39 -44.36 -15.24
CA GLY C 83 -29.65 -43.74 -15.63
C GLY C 83 -30.02 -42.44 -14.94
N LYS C 84 -29.09 -41.79 -14.25
CA LYS C 84 -29.40 -40.48 -13.67
C LYS C 84 -28.16 -39.57 -13.70
N PHE C 85 -28.39 -38.28 -13.46
CA PHE C 85 -27.33 -37.29 -13.41
C PHE C 85 -26.84 -37.13 -11.97
N TRP C 86 -25.53 -36.92 -11.84
CA TRP C 86 -24.85 -36.77 -10.54
C TRP C 86 -24.13 -35.41 -10.60
N LEU C 87 -24.34 -34.58 -9.57
CA LEU C 87 -23.69 -33.27 -9.51
C LEU C 87 -22.89 -33.13 -8.20
N ILE C 88 -21.58 -32.95 -8.35
CA ILE C 88 -20.69 -32.71 -7.23
C ILE C 88 -20.51 -31.20 -7.24
N TYR C 89 -20.72 -30.55 -6.11
CA TYR C 89 -20.53 -29.10 -6.07
C TYR C 89 -19.83 -28.72 -4.76
N THR C 90 -19.26 -27.53 -4.76
CA THR C 90 -18.41 -27.08 -3.68
C THR C 90 -18.88 -25.71 -3.24
N ASP C 91 -19.11 -25.56 -1.95
CA ASP C 91 -19.43 -24.24 -1.35
C ASP C 91 -18.16 -23.68 -0.66
N VAL C 92 -17.57 -22.65 -1.23
CA VAL C 92 -16.33 -22.06 -0.68
C VAL C 92 -16.67 -20.91 0.28
N LYS C 93 -16.19 -21.04 1.52
CA LYS C 93 -16.49 -20.08 2.60
C LYS C 93 -15.36 -19.07 2.84
N VAL C 94 -14.12 -19.43 2.46
CA VAL C 94 -12.95 -18.56 2.64
C VAL C 94 -12.22 -18.56 1.31
N THR C 95 -11.97 -17.38 0.75
CA THR C 95 -11.43 -17.28 -0.61
C THR C 95 -10.00 -16.73 -0.66
N ASP C 96 -9.40 -16.48 0.51
CA ASP C 96 -8.04 -15.91 0.49
C ASP C 96 -7.34 -16.29 1.79
N GLY C 97 -6.02 -16.13 1.81
CA GLY C 97 -5.23 -16.42 3.01
C GLY C 97 -4.66 -17.82 2.97
N MET C 98 -4.22 -18.31 4.11
CA MET C 98 -3.54 -19.62 4.13
C MET C 98 -4.47 -20.83 3.97
N TRP C 99 -5.77 -20.64 4.22
CA TRP C 99 -6.78 -21.69 4.02
C TRP C 99 -7.79 -21.39 2.90
N LYS C 100 -8.51 -22.42 2.44
CA LYS C 100 -9.60 -22.20 1.48
C LYS C 100 -10.78 -23.04 1.95
N ASP C 101 -11.23 -22.79 3.20
CA ASP C 101 -12.32 -23.60 3.79
C ASP C 101 -13.47 -23.74 2.83
N CYS C 102 -13.84 -25.00 2.56
CA CYS C 102 -14.94 -25.28 1.64
C CYS C 102 -15.59 -26.62 2.01
N HIS C 103 -16.72 -26.91 1.36
CA HIS C 103 -17.47 -28.14 1.64
C HIS C 103 -18.01 -28.68 0.33
N ASN C 104 -17.73 -29.96 0.10
CA ASN C 104 -18.20 -30.67 -1.08
C ASN C 104 -19.47 -31.45 -0.80
N TYR C 105 -20.34 -31.51 -1.82
CA TYR C 105 -21.63 -32.20 -1.72
C TYR C 105 -21.97 -32.91 -3.02
N LEU C 106 -22.82 -33.92 -2.92
CA LEU C 106 -23.35 -34.61 -4.08
C LEU C 106 -24.88 -34.51 -4.07
N THR C 107 -25.45 -34.25 -5.24
CA THR C 107 -26.91 -34.34 -5.45
C THR C 107 -27.18 -35.04 -6.81
N THR C 108 -28.38 -35.59 -6.97
CA THR C 108 -28.69 -36.35 -8.20
C THR C 108 -30.06 -35.98 -8.70
N CYS C 109 -30.32 -36.29 -9.97
CA CYS C 109 -31.63 -36.02 -10.52
C CYS C 109 -31.80 -36.84 -11.80
N GLU C 110 -33.04 -37.27 -12.06
CA GLU C 110 -33.33 -37.99 -13.31
C GLU C 110 -33.09 -37.13 -14.55
N SER C 111 -33.26 -35.81 -14.41
CA SER C 111 -33.08 -34.89 -15.53
C SER C 111 -32.43 -33.63 -15.02
N VAL C 112 -31.74 -32.90 -15.91
CA VAL C 112 -30.97 -31.75 -15.45
C VAL C 112 -31.88 -30.64 -14.90
N ASP C 113 -33.09 -30.54 -15.45
CA ASP C 113 -34.01 -29.44 -15.10
C ASP C 113 -35.04 -29.87 -14.07
N GLY C 114 -34.79 -31.02 -13.46
CA GLY C 114 -35.69 -31.58 -12.43
C GLY C 114 -35.45 -31.06 -11.03
N VAL C 115 -36.03 -31.77 -10.06
CA VAL C 115 -35.90 -31.43 -8.64
C VAL C 115 -34.79 -32.28 -8.08
N TRP C 116 -33.66 -31.64 -7.78
CA TRP C 116 -32.45 -32.39 -7.40
C TRP C 116 -32.60 -32.88 -5.97
N SER C 117 -31.96 -34.01 -5.67
CA SER C 117 -32.14 -34.69 -4.39
C SER C 117 -31.48 -33.94 -3.23
N ASP C 118 -31.93 -34.23 -2.01
CA ASP C 118 -31.27 -33.66 -0.84
C ASP C 118 -29.78 -34.04 -0.93
N PRO C 119 -28.91 -33.10 -0.55
CA PRO C 119 -27.48 -33.23 -0.75
C PRO C 119 -26.82 -34.24 0.20
N ILE C 120 -25.89 -34.99 -0.34
CA ILE C 120 -25.06 -35.89 0.45
C ILE C 120 -23.74 -35.19 0.84
N THR C 121 -23.41 -35.20 2.12
CA THR C 121 -22.18 -34.58 2.60
C THR C 121 -20.95 -35.38 2.22
N LEU C 122 -19.99 -34.71 1.57
CA LEU C 122 -18.76 -35.39 1.16
C LEU C 122 -17.62 -34.95 2.10
N ASN C 123 -16.58 -34.35 1.56
CA ASN C 123 -15.43 -33.93 2.37
C ASN C 123 -15.15 -32.42 2.16
N GLY C 124 -14.03 -31.95 2.69
CA GLY C 124 -13.63 -30.54 2.55
C GLY C 124 -12.13 -30.33 2.38
N SER C 125 -11.40 -31.42 2.12
CA SER C 125 -9.94 -31.37 1.99
C SER C 125 -9.41 -30.50 0.86
N GLY C 126 -10.28 -30.16 -0.11
CA GLY C 126 -9.99 -29.16 -1.14
C GLY C 126 -11.19 -29.04 -2.08
N PHE C 127 -11.11 -28.12 -3.02
CA PHE C 127 -12.19 -27.90 -3.96
C PHE C 127 -11.92 -28.73 -5.23
N ASP C 128 -12.66 -28.47 -6.30
CA ASP C 128 -12.54 -29.26 -7.58
C ASP C 128 -12.80 -30.77 -7.38
N ALA C 129 -13.86 -31.09 -6.63
CA ALA C 129 -14.29 -32.47 -6.45
C ALA C 129 -15.02 -32.97 -7.71
N SER C 130 -14.83 -34.25 -8.04
CA SER C 130 -15.29 -34.81 -9.29
C SER C 130 -15.58 -36.28 -9.00
N LEU C 131 -16.69 -36.76 -9.53
CA LEU C 131 -17.13 -38.14 -9.30
C LEU C 131 -16.86 -39.00 -10.53
N PHE C 132 -16.00 -40.00 -10.32
CA PHE C 132 -15.64 -40.96 -11.35
C PHE C 132 -16.38 -42.28 -11.13
N HIS C 133 -17.11 -42.69 -12.17
CA HIS C 133 -17.86 -43.96 -12.15
C HIS C 133 -17.03 -44.99 -12.95
N ASP C 134 -16.47 -45.98 -12.25
CA ASP C 134 -15.59 -46.94 -12.93
C ASP C 134 -16.43 -48.06 -13.57
N ASN C 135 -15.81 -48.83 -14.44
CA ASN C 135 -16.56 -49.84 -15.20
C ASN C 135 -16.86 -51.13 -14.42
N ASP C 136 -16.39 -51.21 -13.18
CA ASP C 136 -16.68 -52.32 -12.29
C ASP C 136 -17.75 -51.97 -11.27
N GLY C 137 -18.45 -50.85 -11.48
CA GLY C 137 -19.50 -50.46 -10.57
C GLY C 137 -18.95 -49.71 -9.35
N LYS C 138 -17.64 -49.59 -9.22
CA LYS C 138 -17.12 -48.79 -8.11
C LYS C 138 -17.16 -47.33 -8.50
N LYS C 139 -17.24 -46.46 -7.50
CA LYS C 139 -17.26 -44.99 -7.72
C LYS C 139 -16.18 -44.32 -6.86
N TYR C 140 -15.58 -43.25 -7.36
CA TYR C 140 -14.53 -42.58 -6.61
C TYR C 140 -14.66 -41.06 -6.72
N LEU C 141 -14.41 -40.39 -5.60
CA LEU C 141 -14.32 -38.93 -5.58
C LEU C 141 -12.86 -38.54 -5.70
N VAL C 142 -12.54 -37.63 -6.62
CA VAL C 142 -11.18 -37.02 -6.59
C VAL C 142 -11.32 -35.50 -6.38
N ASN C 143 -10.36 -34.92 -5.66
CA ASN C 143 -10.33 -33.46 -5.50
C ASN C 143 -8.90 -33.02 -5.27
N MET C 144 -8.66 -31.70 -5.27
CA MET C 144 -7.32 -31.23 -4.90
C MET C 144 -7.23 -31.29 -3.39
N TYR C 145 -6.02 -31.49 -2.85
CA TYR C 145 -5.79 -31.52 -1.40
C TYR C 145 -5.02 -30.25 -1.00
N TRP C 146 -5.59 -29.47 -0.07
CA TRP C 146 -5.01 -28.18 0.31
C TRP C 146 -3.98 -28.29 1.43
N ASP C 147 -2.82 -27.69 1.21
CA ASP C 147 -1.79 -27.59 2.24
C ASP C 147 -1.67 -26.15 2.68
N GLN C 148 -2.05 -25.87 3.92
CA GLN C 148 -2.18 -24.46 4.36
C GLN C 148 -0.80 -23.91 4.80
N ARG C 149 0.16 -24.81 5.02
CA ARG C 149 1.43 -24.36 5.61
C ARG C 149 2.09 -23.23 4.84
N THR C 150 2.51 -22.19 5.57
CA THR C 150 2.79 -20.91 4.91
C THR C 150 4.06 -20.93 4.06
N TYR C 151 4.94 -21.90 4.30
CA TYR C 151 6.16 -21.99 3.54
C TYR C 151 6.04 -23.01 2.40
N ASN C 152 4.84 -23.57 2.19
CA ASN C 152 4.60 -24.54 1.09
C ASN C 152 3.63 -23.95 0.05
N HIS C 153 3.78 -24.36 -1.20
CA HIS C 153 2.74 -24.08 -2.20
C HIS C 153 1.46 -24.78 -1.71
N ASN C 154 0.29 -24.15 -1.85
CA ASN C 154 -0.94 -24.67 -1.23
C ASN C 154 -1.52 -25.94 -1.92
N PHE C 155 -1.06 -26.24 -3.13
CA PHE C 155 -1.66 -27.29 -3.95
C PHE C 155 -0.86 -28.58 -3.81
N TYR C 156 -1.28 -29.40 -2.86
CA TYR C 156 -0.48 -30.55 -2.42
C TYR C 156 -0.60 -31.73 -3.37
N GLY C 157 -1.53 -31.65 -4.31
CA GLY C 157 -1.76 -32.79 -5.19
C GLY C 157 -3.22 -33.18 -5.27
N ILE C 158 -3.44 -34.38 -5.78
CA ILE C 158 -4.78 -34.91 -5.99
C ILE C 158 -5.02 -36.11 -5.04
N VAL C 159 -6.12 -36.03 -4.28
CA VAL C 159 -6.55 -37.10 -3.40
C VAL C 159 -7.71 -37.89 -4.03
N LEU C 160 -7.72 -39.20 -3.76
CA LEU C 160 -8.72 -40.13 -4.29
C LEU C 160 -9.29 -40.89 -3.09
N GLN C 161 -10.61 -41.05 -3.08
CA GLN C 161 -11.28 -41.84 -2.04
C GLN C 161 -12.54 -42.49 -2.63
N GLU C 162 -12.78 -43.74 -2.28
CA GLU C 162 -13.97 -44.42 -2.80
C GLU C 162 -15.25 -43.77 -2.30
N TYR C 163 -16.24 -43.63 -3.19
CA TYR C 163 -17.57 -43.22 -2.77
C TYR C 163 -18.56 -44.37 -2.82
N SER C 164 -19.26 -44.64 -1.71
CA SER C 164 -20.30 -45.67 -1.71
C SER C 164 -21.69 -45.11 -1.92
N ASP C 165 -22.28 -45.37 -3.09
CA ASP C 165 -23.70 -44.99 -3.24
C ASP C 165 -24.60 -45.71 -2.23
N LYS C 166 -24.29 -46.98 -1.93
CA LYS C 166 -25.10 -47.73 -0.94
C LYS C 166 -25.08 -47.10 0.44
N GLU C 167 -23.91 -46.66 0.89
CA GLU C 167 -23.82 -46.07 2.22
C GLU C 167 -24.05 -44.56 2.20
N LYS C 168 -24.09 -43.98 1.01
CA LYS C 168 -24.23 -42.53 0.85
C LYS C 168 -23.10 -41.78 1.58
N LYS C 169 -21.86 -42.23 1.42
CA LYS C 169 -20.74 -41.54 2.04
C LYS C 169 -19.47 -42.05 1.43
N LEU C 170 -18.40 -41.27 1.58
CA LEU C 170 -17.04 -41.71 1.29
C LEU C 170 -16.68 -42.87 2.23
N ILE C 171 -15.98 -43.87 1.68
CA ILE C 171 -15.57 -45.01 2.48
C ILE C 171 -14.08 -45.30 2.28
N GLY C 172 -13.50 -46.14 3.13
CA GLY C 172 -12.09 -46.54 2.96
C GLY C 172 -11.13 -45.39 3.18
N LYS C 173 -9.86 -45.59 2.82
CA LYS C 173 -8.84 -44.56 3.04
C LYS C 173 -8.75 -43.63 1.83
N ALA C 174 -8.51 -42.34 2.11
CA ALA C 174 -8.22 -41.35 1.05
C ALA C 174 -6.72 -41.46 0.78
N LYS C 175 -6.31 -41.33 -0.47
CA LYS C 175 -4.88 -41.41 -0.80
C LYS C 175 -4.51 -40.31 -1.77
N ILE C 176 -3.32 -39.74 -1.58
CA ILE C 176 -2.78 -38.84 -2.60
C ILE C 176 -2.25 -39.69 -3.77
N ILE C 177 -2.82 -39.51 -4.95
CA ILE C 177 -2.46 -40.36 -6.10
C ILE C 177 -1.54 -39.68 -7.11
N TYR C 178 -1.39 -38.36 -7.00
CA TYR C 178 -0.66 -37.58 -8.02
C TYR C 178 -0.25 -36.25 -7.43
N LYS C 179 0.95 -35.76 -7.78
CA LYS C 179 1.41 -34.51 -7.18
C LYS C 179 1.49 -33.40 -8.21
N GLY C 180 1.22 -33.70 -9.48
CA GLY C 180 1.29 -32.69 -10.56
C GLY C 180 2.70 -32.49 -11.13
N THR C 181 2.84 -31.52 -12.04
CA THR C 181 4.12 -31.16 -12.64
C THR C 181 4.72 -29.93 -11.99
N ASP C 182 5.86 -29.51 -12.51
CA ASP C 182 6.54 -28.32 -11.96
C ASP C 182 5.79 -27.03 -12.26
N ILE C 183 4.71 -27.10 -13.07
CA ILE C 183 3.83 -25.93 -13.27
C ILE C 183 3.02 -25.62 -12.01
N LYS C 184 2.69 -26.66 -11.24
CA LYS C 184 1.93 -26.58 -9.99
C LYS C 184 0.52 -25.97 -10.12
N TYR C 185 -0.03 -25.45 -9.02
CA TYR C 185 -1.47 -25.15 -8.94
C TYR C 185 -2.34 -26.32 -9.43
N THR C 186 -1.94 -27.53 -9.05
CA THR C 186 -2.59 -28.73 -9.64
C THR C 186 -4.00 -28.85 -9.09
N GLU C 187 -4.98 -28.80 -9.98
CA GLU C 187 -6.37 -28.82 -9.53
C GLU C 187 -7.24 -29.44 -10.65
N GLY C 188 -8.56 -29.27 -10.56
CA GLY C 188 -9.48 -29.77 -11.60
C GLY C 188 -9.35 -31.23 -11.99
N PRO C 189 -9.07 -32.15 -11.05
CA PRO C 189 -8.85 -33.52 -11.49
C PRO C 189 -10.11 -34.16 -12.10
N HIS C 190 -9.95 -34.89 -13.20
CA HIS C 190 -11.02 -35.80 -13.62
C HIS C 190 -10.33 -37.07 -14.06
N ILE C 191 -10.95 -38.20 -13.75
CA ILE C 191 -10.42 -39.47 -14.22
C ILE C 191 -11.30 -40.07 -15.33
N TYR C 192 -10.64 -40.64 -16.33
CA TYR C 192 -11.33 -41.36 -17.38
C TYR C 192 -10.64 -42.70 -17.60
N HIS C 193 -11.43 -43.77 -17.57
CA HIS C 193 -10.86 -45.12 -17.80
C HIS C 193 -11.14 -45.44 -19.26
N ILE C 194 -10.11 -45.41 -20.10
CA ILE C 194 -10.23 -45.54 -21.55
C ILE C 194 -9.19 -46.57 -22.01
N GLY C 195 -9.66 -47.66 -22.62
CA GLY C 195 -8.77 -48.70 -23.08
C GLY C 195 -7.89 -49.19 -21.94
N ASP C 196 -6.57 -49.20 -22.17
CA ASP C 196 -5.68 -49.84 -21.18
C ASP C 196 -5.42 -48.95 -19.97
N TYR C 197 -5.85 -47.68 -20.00
CA TYR C 197 -5.43 -46.73 -18.94
C TYR C 197 -6.54 -46.01 -18.20
N TYR C 198 -6.22 -45.62 -16.96
CA TYR C 198 -6.84 -44.48 -16.27
C TYR C 198 -6.08 -43.23 -16.68
N TYR C 199 -6.79 -42.26 -17.26
CA TYR C 199 -6.23 -40.96 -17.57
C TYR C 199 -6.67 -39.96 -16.51
N LEU C 200 -5.70 -39.31 -15.88
CA LEU C 200 -5.95 -38.23 -14.92
C LEU C 200 -5.64 -36.88 -15.60
N PHE C 201 -6.71 -36.14 -15.89
CA PHE C 201 -6.64 -34.79 -16.41
C PHE C 201 -6.58 -33.83 -15.19
N THR C 202 -5.65 -32.87 -15.21
CA THR C 202 -5.64 -31.78 -14.20
C THR C 202 -5.41 -30.41 -14.84
N ALA C 203 -5.97 -29.39 -14.21
CA ALA C 203 -5.63 -28.02 -14.52
C ALA C 203 -4.38 -27.66 -13.69
N GLU C 204 -3.53 -26.84 -14.28
CA GLU C 204 -2.35 -26.36 -13.63
C GLU C 204 -2.08 -24.93 -14.03
N GLY C 205 -1.22 -24.28 -13.26
CA GLY C 205 -0.73 -22.91 -13.57
C GLY C 205 -1.58 -21.82 -12.94
N GLY C 206 -2.80 -22.14 -12.52
CA GLY C 206 -3.68 -21.15 -11.90
C GLY C 206 -4.50 -20.61 -13.04
N THR C 207 -5.67 -20.08 -12.72
CA THR C 207 -6.66 -19.73 -13.77
C THR C 207 -6.43 -18.32 -14.39
N THR C 208 -5.16 -17.97 -14.54
CA THR C 208 -4.72 -16.69 -15.13
C THR C 208 -4.15 -16.95 -16.51
N TYR C 209 -3.32 -16.05 -17.01
CA TYR C 209 -2.67 -16.35 -18.32
C TYR C 209 -1.72 -17.54 -18.31
N GLU C 210 -1.36 -17.98 -17.11
CA GLU C 210 -0.52 -19.15 -16.93
C GLU C 210 -1.26 -20.50 -16.91
N HIS C 211 -2.58 -20.45 -17.09
CA HIS C 211 -3.41 -21.64 -17.07
C HIS C 211 -3.04 -22.70 -18.10
N SER C 212 -3.23 -23.97 -17.75
CA SER C 212 -2.95 -25.09 -18.66
C SER C 212 -3.78 -26.30 -18.22
N GLU C 213 -3.84 -27.33 -19.09
CA GLU C 213 -4.33 -28.63 -18.67
C GLU C 213 -3.20 -29.63 -18.98
N THR C 214 -2.94 -30.59 -18.08
CA THR C 214 -2.03 -31.67 -18.36
C THR C 214 -2.69 -33.03 -18.09
N VAL C 215 -2.19 -34.06 -18.77
CA VAL C 215 -2.75 -35.41 -18.64
C VAL C 215 -1.66 -36.35 -18.15
N ALA C 216 -2.02 -37.22 -17.22
CA ALA C 216 -1.13 -38.29 -16.75
C ALA C 216 -1.88 -39.63 -16.87
N ARG C 217 -1.18 -40.76 -16.90
CA ARG C 217 -1.87 -42.04 -17.07
C ARG C 217 -1.28 -43.16 -16.24
N SER C 218 -2.12 -44.11 -15.87
CA SER C 218 -1.72 -45.24 -15.05
C SER C 218 -2.57 -46.46 -15.46
N LYS C 219 -1.99 -47.65 -15.36
CA LYS C 219 -2.82 -48.81 -15.59
C LYS C 219 -3.72 -49.15 -14.39
N ASN C 220 -3.36 -48.65 -13.22
CA ASN C 220 -4.23 -48.78 -12.06
C ASN C 220 -4.68 -47.44 -11.46
N ILE C 221 -5.86 -47.43 -10.86
CA ILE C 221 -6.45 -46.15 -10.48
C ILE C 221 -5.62 -45.38 -9.44
N ASP C 222 -4.86 -46.11 -8.62
CA ASP C 222 -4.08 -45.54 -7.50
C ASP C 222 -2.75 -44.97 -7.96
N GLY C 223 -2.42 -45.16 -9.23
CA GLY C 223 -1.12 -44.73 -9.76
C GLY C 223 -0.04 -45.76 -9.43
N PRO C 224 1.21 -45.38 -9.58
CA PRO C 224 1.61 -44.02 -9.96
C PRO C 224 1.29 -43.66 -11.39
N TYR C 225 1.06 -42.37 -11.61
CA TYR C 225 0.69 -41.83 -12.91
C TYR C 225 1.91 -41.33 -13.64
N GLU C 226 2.03 -41.69 -14.91
CA GLU C 226 3.09 -41.11 -15.73
C GLU C 226 2.56 -39.88 -16.47
N ILE C 227 3.39 -38.84 -16.47
CA ILE C 227 3.04 -37.58 -17.11
C ILE C 227 3.35 -37.59 -18.60
N ASP C 228 2.45 -36.99 -19.39
CA ASP C 228 2.62 -36.94 -20.83
C ASP C 228 3.95 -36.23 -21.08
N PRO C 229 4.88 -36.87 -21.76
CA PRO C 229 6.16 -36.21 -22.10
C PRO C 229 5.98 -34.87 -22.85
N GLU C 230 4.85 -34.71 -23.52
CA GLU C 230 4.58 -33.49 -24.27
C GLU C 230 3.73 -32.46 -23.50
N TYR C 231 3.67 -32.57 -22.16
CA TYR C 231 2.81 -31.65 -21.40
C TYR C 231 3.23 -30.20 -21.54
N PRO C 232 2.30 -29.25 -21.39
CA PRO C 232 0.85 -29.49 -21.24
C PRO C 232 0.11 -29.93 -22.49
N LEU C 233 -1.04 -30.57 -22.25
CA LEU C 233 -2.04 -30.82 -23.26
C LEU C 233 -2.61 -29.53 -23.88
N LEU C 234 -2.85 -28.51 -23.02
CA LEU C 234 -3.58 -27.34 -23.45
C LEU C 234 -3.00 -26.14 -22.69
N THR C 235 -2.67 -25.05 -23.41
CA THR C 235 -2.28 -23.79 -22.77
C THR C 235 -1.94 -22.78 -23.84
N SER C 236 -2.26 -21.52 -23.58
CA SER C 236 -1.84 -20.49 -24.49
C SER C 236 -0.86 -19.55 -23.78
N TRP C 237 -0.31 -20.01 -22.65
CA TRP C 237 0.59 -19.16 -21.89
C TRP C 237 1.70 -18.60 -22.78
N HIS C 238 2.29 -19.47 -23.62
CA HIS C 238 3.45 -19.08 -24.45
C HIS C 238 3.06 -18.23 -25.68
N ASP C 239 1.77 -18.03 -25.90
CA ASP C 239 1.29 -17.32 -27.08
C ASP C 239 0.34 -16.21 -26.64
N PRO C 240 0.86 -15.02 -26.42
CA PRO C 240 0.03 -13.93 -25.93
C PRO C 240 -0.84 -13.31 -27.02
N ARG C 241 -0.68 -13.74 -28.28
CA ARG C 241 -1.44 -13.13 -29.37
C ARG C 241 -2.69 -13.97 -29.69
N ASN C 242 -2.78 -15.15 -29.09
CA ASN C 242 -3.90 -16.08 -29.40
C ASN C 242 -5.20 -15.45 -28.96
N SER C 243 -6.27 -15.67 -29.74
CA SER C 243 -7.57 -15.11 -29.35
C SER C 243 -8.09 -15.71 -28.03
N LEU C 244 -7.74 -16.97 -27.78
CA LEU C 244 -8.24 -17.65 -26.58
C LEU C 244 -7.08 -17.70 -25.61
N GLN C 245 -7.29 -17.17 -24.42
CA GLN C 245 -6.25 -17.17 -23.39
C GLN C 245 -6.73 -17.92 -22.16
N LYS C 246 -5.83 -18.14 -21.21
CA LYS C 246 -6.14 -18.81 -19.94
C LYS C 246 -6.75 -20.21 -20.15
N CYS C 247 -6.22 -20.95 -21.12
CA CYS C 247 -6.84 -22.19 -21.54
C CYS C 247 -6.51 -23.34 -20.55
N GLY C 248 -7.52 -23.76 -19.82
CA GLY C 248 -7.38 -24.84 -18.81
C GLY C 248 -8.70 -25.20 -18.15
N HIS C 249 -8.59 -26.03 -17.12
CA HIS C 249 -9.74 -26.54 -16.39
C HIS C 249 -10.71 -27.23 -17.35
N ALA C 250 -10.20 -28.31 -17.92
CA ALA C 250 -10.85 -28.98 -19.05
C ALA C 250 -11.59 -30.21 -18.59
N SER C 251 -12.44 -30.70 -19.48
CA SER C 251 -13.09 -32.00 -19.27
C SER C 251 -13.37 -32.62 -20.66
N LEU C 252 -13.36 -33.94 -20.69
CA LEU C 252 -13.29 -34.69 -21.95
C LEU C 252 -14.63 -35.37 -22.19
N VAL C 253 -15.07 -35.37 -23.44
CA VAL C 253 -16.26 -36.13 -23.79
C VAL C 253 -15.98 -37.07 -24.96
N HIS C 254 -16.59 -38.25 -24.87
CA HIS C 254 -16.53 -39.22 -25.98
C HIS C 254 -17.92 -39.19 -26.61
N THR C 255 -18.02 -38.73 -27.86
CA THR C 255 -19.37 -38.64 -28.46
C THR C 255 -19.92 -39.99 -28.90
N HIS C 256 -21.24 -40.02 -29.09
CA HIS C 256 -21.89 -41.22 -29.57
C HIS C 256 -21.47 -41.50 -31.01
N THR C 257 -20.80 -40.53 -31.62
CA THR C 257 -20.27 -40.70 -33.01
C THR C 257 -18.81 -41.16 -32.98
N ASP C 258 -18.35 -41.60 -31.81
CA ASP C 258 -16.97 -42.04 -31.62
C ASP C 258 -15.92 -40.97 -31.95
N GLU C 259 -16.15 -39.76 -31.45
CA GLU C 259 -15.23 -38.66 -31.62
C GLU C 259 -14.90 -38.13 -30.23
N TRP C 260 -13.87 -37.30 -30.13
CA TRP C 260 -13.34 -36.89 -28.81
C TRP C 260 -13.22 -35.37 -28.81
N TYR C 261 -13.86 -34.72 -27.83
CA TYR C 261 -13.84 -33.28 -27.69
C TYR C 261 -13.48 -32.90 -26.24
N LEU C 262 -12.94 -31.70 -26.08
CA LEU C 262 -12.43 -31.23 -24.80
C LEU C 262 -13.01 -29.83 -24.48
N ALA C 263 -13.89 -29.75 -23.49
CA ALA C 263 -14.39 -28.42 -23.03
C ALA C 263 -13.34 -27.82 -22.10
N HIS C 264 -13.17 -26.52 -22.13
CA HIS C 264 -12.21 -25.85 -21.25
C HIS C 264 -12.57 -24.38 -21.10
N LEU C 265 -12.09 -23.72 -20.04
CA LEU C 265 -12.43 -22.32 -19.90
C LEU C 265 -11.38 -21.53 -20.69
N VAL C 266 -11.74 -20.27 -20.98
CA VAL C 266 -10.82 -19.33 -21.60
C VAL C 266 -11.14 -17.93 -21.10
N GLY C 267 -10.23 -16.98 -21.35
CA GLY C 267 -10.57 -15.56 -21.27
C GLY C 267 -10.25 -14.88 -22.60
N ARG C 268 -11.07 -13.89 -22.97
CA ARG C 268 -10.91 -13.08 -24.17
C ARG C 268 -10.69 -11.63 -23.74
N PRO C 269 -9.43 -11.20 -23.67
CA PRO C 269 -9.09 -9.81 -23.30
C PRO C 269 -9.60 -8.74 -24.24
N LEU C 270 -9.94 -7.59 -23.66
CA LEU C 270 -10.17 -6.38 -24.43
C LEU C 270 -8.90 -6.05 -25.19
N PRO C 271 -9.04 -5.28 -26.26
CA PRO C 271 -7.88 -4.82 -27.00
C PRO C 271 -6.88 -4.16 -26.07
N VAL C 272 -5.61 -4.54 -26.18
CA VAL C 272 -4.61 -3.93 -25.31
C VAL C 272 -3.98 -2.66 -25.88
N GLY C 273 -4.18 -2.44 -27.17
CA GLY C 273 -3.64 -1.25 -27.79
C GLY C 273 -2.13 -1.33 -28.00
N ASN C 274 -1.48 -0.17 -28.07
CA ASN C 274 -0.07 -0.10 -28.43
C ASN C 274 0.78 -0.24 -27.17
N GLN C 275 0.71 -1.42 -26.56
CA GLN C 275 1.31 -1.68 -25.26
C GLN C 275 2.04 -3.04 -25.31
N PRO C 276 3.05 -3.22 -24.46
CA PRO C 276 3.89 -4.42 -24.52
C PRO C 276 3.07 -5.70 -24.38
N VAL C 277 3.15 -6.55 -25.40
CA VAL C 277 2.19 -7.68 -25.56
C VAL C 277 2.45 -8.77 -24.52
N LEU C 278 3.69 -8.87 -24.03
CA LEU C 278 4.00 -9.88 -23.00
C LEU C 278 3.62 -9.40 -21.61
N GLU C 279 3.66 -8.10 -21.41
CA GLU C 279 3.44 -7.54 -20.07
C GLU C 279 1.95 -7.37 -19.84
N GLN C 280 1.25 -6.83 -20.83
CA GLN C 280 -0.15 -6.52 -20.68
C GLN C 280 -1.00 -7.55 -21.41
N ARG C 281 -1.29 -8.63 -20.70
CA ARG C 281 -1.95 -9.79 -21.33
C ARG C 281 -3.44 -9.54 -21.54
N GLY C 282 -3.99 -8.57 -20.81
CA GLY C 282 -5.37 -8.14 -21.07
C GLY C 282 -6.35 -8.16 -19.91
N TYR C 283 -7.46 -7.46 -20.09
CA TYR C 283 -8.53 -7.44 -19.08
C TYR C 283 -9.77 -8.08 -19.69
N CYS C 284 -10.44 -8.94 -18.93
CA CYS C 284 -11.52 -9.78 -19.46
C CYS C 284 -12.84 -9.49 -18.71
N PRO C 285 -13.61 -8.50 -19.15
CA PRO C 285 -14.86 -8.16 -18.50
C PRO C 285 -15.92 -9.26 -18.68
N LEU C 286 -15.76 -10.14 -19.69
CA LEU C 286 -16.73 -11.24 -19.89
C LEU C 286 -16.34 -12.46 -19.05
N GLY C 287 -15.38 -12.25 -18.15
CA GLY C 287 -14.96 -13.29 -17.21
C GLY C 287 -14.27 -14.43 -17.93
N ARG C 288 -14.44 -15.64 -17.37
CA ARG C 288 -13.98 -16.85 -17.99
C ARG C 288 -15.19 -17.52 -18.65
N GLU C 289 -15.01 -17.85 -19.93
CA GLU C 289 -16.02 -18.42 -20.81
C GLU C 289 -15.67 -19.88 -21.14
N THR C 290 -16.55 -20.58 -21.85
CA THR C 290 -16.24 -21.97 -22.22
C THR C 290 -15.99 -22.16 -23.73
N SER C 291 -14.90 -22.88 -24.05
CA SER C 291 -14.57 -23.29 -25.42
C SER C 291 -14.48 -24.81 -25.51
N ILE C 292 -14.49 -25.36 -26.74
CA ILE C 292 -14.29 -26.79 -26.93
C ILE C 292 -13.31 -27.04 -28.07
N GLN C 293 -12.41 -27.98 -27.85
CA GLN C 293 -11.38 -28.34 -28.82
C GLN C 293 -11.64 -29.77 -29.23
N ARG C 294 -11.15 -30.12 -30.42
CA ARG C 294 -11.20 -31.49 -30.86
C ARG C 294 -9.95 -32.19 -30.36
N ILE C 295 -10.10 -33.46 -30.01
CA ILE C 295 -8.97 -34.23 -29.49
C ILE C 295 -8.65 -35.33 -30.47
N GLU C 296 -7.37 -35.59 -30.69
CA GLU C 296 -6.99 -36.82 -31.41
C GLU C 296 -6.02 -37.60 -30.55
N TRP C 297 -5.84 -38.87 -30.83
CA TRP C 297 -4.97 -39.70 -29.98
C TRP C 297 -3.66 -40.07 -30.69
N VAL C 298 -2.54 -39.99 -29.97
CA VAL C 298 -1.19 -40.23 -30.52
C VAL C 298 -0.40 -40.99 -29.48
N ASP C 299 0.04 -42.20 -29.83
CA ASP C 299 0.76 -43.04 -28.86
C ASP C 299 -0.03 -43.18 -27.52
N ASN C 300 -1.35 -43.36 -27.61
CA ASN C 300 -2.19 -43.48 -26.41
C ASN C 300 -2.18 -42.25 -25.45
N TRP C 301 -1.94 -41.08 -26.02
CA TRP C 301 -2.15 -39.81 -25.33
C TRP C 301 -3.09 -38.95 -26.16
N PRO C 302 -3.98 -38.22 -25.48
CA PRO C 302 -4.85 -37.24 -26.16
C PRO C 302 -4.00 -36.04 -26.52
N ARG C 303 -4.35 -35.37 -27.62
CA ARG C 303 -3.62 -34.24 -28.10
C ARG C 303 -4.68 -33.32 -28.69
N VAL C 304 -4.47 -32.01 -28.52
CA VAL C 304 -5.39 -30.99 -29.02
C VAL C 304 -5.16 -30.74 -30.52
N VAL C 305 -6.18 -31.03 -31.33
CA VAL C 305 -6.08 -30.74 -32.76
C VAL C 305 -5.83 -29.27 -33.02
N GLY C 306 -4.78 -28.97 -33.78
CA GLY C 306 -4.48 -27.58 -34.17
C GLY C 306 -3.49 -26.90 -33.24
N GLY C 307 -3.02 -27.62 -32.24
CA GLY C 307 -2.02 -27.05 -31.34
C GLY C 307 -2.56 -26.79 -29.94
N LYS C 308 -1.66 -26.86 -28.96
CA LYS C 308 -1.98 -26.65 -27.52
C LYS C 308 -2.69 -25.35 -27.18
N GLN C 309 -2.41 -24.31 -27.96
CA GLN C 309 -2.93 -22.98 -27.63
C GLN C 309 -4.46 -22.94 -27.69
N GLY C 310 -5.06 -23.90 -28.39
CA GLY C 310 -6.51 -23.91 -28.61
C GLY C 310 -6.94 -23.02 -29.76
N SER C 311 -7.89 -23.49 -30.57
CA SER C 311 -8.30 -22.72 -31.75
C SER C 311 -9.72 -22.16 -31.63
N VAL C 312 -9.99 -21.13 -32.41
CA VAL C 312 -11.30 -20.48 -32.37
C VAL C 312 -12.36 -21.29 -33.16
N ASN C 313 -12.02 -21.70 -34.37
CA ASN C 313 -12.92 -22.50 -35.19
C ASN C 313 -12.44 -23.92 -35.21
N VAL C 314 -13.35 -24.82 -34.86
CA VAL C 314 -12.99 -26.19 -34.61
C VAL C 314 -13.97 -27.09 -35.37
N GLU C 315 -13.46 -28.12 -36.03
CA GLU C 315 -14.33 -29.07 -36.72
C GLU C 315 -15.32 -29.72 -35.73
N ALA C 316 -16.61 -29.59 -36.02
CA ALA C 316 -17.68 -30.15 -35.17
C ALA C 316 -17.82 -31.65 -35.41
N PRO C 317 -18.43 -32.37 -34.45
CA PRO C 317 -18.64 -33.80 -34.57
C PRO C 317 -19.66 -34.03 -35.67
N LYS C 318 -19.70 -35.26 -36.19
CA LYS C 318 -20.53 -35.61 -37.34
C LYS C 318 -21.96 -35.83 -36.87
N ILE C 319 -22.61 -34.71 -36.53
CA ILE C 319 -23.95 -34.69 -35.95
C ILE C 319 -24.77 -33.61 -36.63
N PRO C 320 -26.03 -33.90 -36.93
CA PRO C 320 -26.88 -32.91 -37.59
C PRO C 320 -26.97 -31.62 -36.73
N GLU C 321 -26.99 -30.49 -37.41
CA GLU C 321 -27.08 -29.19 -36.77
C GLU C 321 -28.42 -28.94 -36.05
N VAL C 322 -28.37 -28.52 -34.78
CA VAL C 322 -29.57 -28.09 -34.04
C VAL C 322 -29.37 -26.72 -33.37
N LYS C 323 -29.76 -25.65 -34.04
CA LYS C 323 -29.69 -24.32 -33.45
C LYS C 323 -30.90 -24.12 -32.55
N TRP C 324 -30.73 -23.32 -31.50
CA TRP C 324 -31.80 -23.06 -30.54
C TRP C 324 -32.24 -21.62 -30.66
N GLU C 325 -33.53 -21.37 -30.45
CA GLU C 325 -33.98 -19.99 -30.33
C GLU C 325 -33.42 -19.43 -29.02
N LYS C 326 -33.30 -18.10 -28.96
CA LYS C 326 -32.77 -17.44 -27.78
C LYS C 326 -33.61 -17.76 -26.57
N THR C 327 -32.98 -17.85 -25.39
CA THR C 327 -33.73 -18.12 -24.16
C THR C 327 -34.23 -16.89 -23.45
N TYR C 328 -34.08 -15.73 -24.08
CA TYR C 328 -34.66 -14.50 -23.55
C TYR C 328 -35.19 -13.61 -24.68
N ASP C 329 -36.07 -12.66 -24.33
CA ASP C 329 -36.48 -11.62 -25.27
C ASP C 329 -35.57 -10.42 -25.06
N GLU C 330 -35.16 -9.81 -26.16
CA GLU C 330 -34.37 -8.57 -26.11
C GLU C 330 -35.05 -7.51 -25.30
N LYS C 331 -36.37 -7.41 -25.42
CA LYS C 331 -37.13 -6.56 -24.53
C LYS C 331 -38.03 -7.43 -23.67
N ASP C 332 -37.65 -7.61 -22.40
CA ASP C 332 -38.44 -8.42 -21.51
C ASP C 332 -39.47 -7.52 -20.82
N ASN C 333 -40.76 -7.74 -21.08
CA ASN C 333 -41.78 -6.83 -20.55
C ASN C 333 -42.28 -7.28 -19.18
N PHE C 334 -41.67 -8.32 -18.62
CA PHE C 334 -42.05 -8.78 -17.28
C PHE C 334 -43.56 -9.13 -17.24
N ASP C 335 -44.03 -9.77 -18.31
CA ASP C 335 -45.43 -10.15 -18.45
C ASP C 335 -45.67 -11.58 -17.99
N SER C 336 -44.59 -12.31 -17.70
CA SER C 336 -44.69 -13.66 -17.18
C SER C 336 -44.45 -13.69 -15.68
N ASP C 337 -45.01 -14.67 -14.99
CA ASP C 337 -44.82 -14.80 -13.54
C ASP C 337 -43.50 -15.50 -13.21
N LYS C 338 -42.76 -15.91 -14.23
CA LYS C 338 -41.48 -16.58 -13.99
C LYS C 338 -40.36 -15.69 -14.47
N LEU C 339 -39.37 -15.46 -13.61
CA LEU C 339 -38.27 -14.58 -13.99
C LEU C 339 -37.38 -15.33 -14.96
N ASN C 340 -36.93 -14.64 -16.00
CA ASN C 340 -36.17 -15.29 -17.03
C ASN C 340 -34.92 -16.02 -16.50
N ILE C 341 -34.65 -17.21 -17.06
CA ILE C 341 -33.51 -18.04 -16.67
C ILE C 341 -32.15 -17.35 -16.75
N ASN C 342 -32.02 -16.32 -17.59
CA ASN C 342 -30.75 -15.60 -17.70
C ASN C 342 -30.51 -14.58 -16.59
N PHE C 343 -31.49 -14.44 -15.68
CA PHE C 343 -31.32 -13.52 -14.54
C PHE C 343 -30.90 -14.34 -13.34
N GLN C 344 -29.93 -13.83 -12.60
CA GLN C 344 -29.66 -14.36 -11.28
C GLN C 344 -29.71 -13.27 -10.23
N SER C 345 -29.69 -13.68 -8.98
CA SER C 345 -29.58 -12.71 -7.87
C SER C 345 -28.38 -13.10 -7.03
N LEU C 346 -28.07 -12.30 -6.03
CA LEU C 346 -26.86 -12.56 -5.25
C LEU C 346 -27.17 -13.44 -4.03
N ARG C 347 -26.52 -14.61 -3.99
CA ARG C 347 -26.35 -15.44 -2.81
C ARG C 347 -27.57 -16.23 -2.33
N ILE C 348 -28.77 -15.63 -2.41
CA ILE C 348 -29.91 -16.25 -1.75
C ILE C 348 -31.10 -16.31 -2.73
N PRO C 349 -32.03 -17.23 -2.49
CA PRO C 349 -33.29 -17.29 -3.27
C PRO C 349 -34.06 -16.01 -3.13
N LEU C 350 -34.66 -15.59 -4.23
CA LEU C 350 -35.55 -14.47 -4.16
C LEU C 350 -36.84 -14.95 -3.50
N THR C 351 -37.44 -14.07 -2.71
CA THR C 351 -38.78 -14.33 -2.19
C THR C 351 -39.68 -13.18 -2.65
N GLU C 352 -40.99 -13.35 -2.44
CA GLU C 352 -41.99 -12.28 -2.72
C GLU C 352 -41.79 -11.03 -1.87
N ASN C 353 -41.01 -11.13 -0.79
CA ASN C 353 -40.69 -9.91 -0.03
C ASN C 353 -39.55 -9.11 -0.60
N ILE C 354 -38.84 -9.68 -1.57
CA ILE C 354 -37.71 -8.99 -2.16
C ILE C 354 -38.04 -8.63 -3.59
N ALA C 355 -38.63 -9.58 -4.32
CA ALA C 355 -38.99 -9.36 -5.74
C ALA C 355 -40.33 -10.03 -6.07
N SER C 356 -41.17 -9.35 -6.83
CA SER C 356 -42.46 -9.94 -7.19
C SER C 356 -42.84 -9.54 -8.61
N LEU C 357 -43.27 -10.54 -9.37
CA LEU C 357 -43.88 -10.32 -10.69
C LEU C 357 -45.41 -10.35 -10.60
N LYS C 358 -45.91 -10.71 -9.42
CA LYS C 358 -47.35 -10.83 -9.16
C LYS C 358 -48.01 -9.57 -8.59
N ALA C 359 -47.27 -8.77 -7.83
CA ALA C 359 -47.84 -7.60 -7.16
C ALA C 359 -48.49 -6.64 -8.14
N LYS C 360 -47.84 -6.43 -9.28
CA LYS C 360 -48.37 -5.57 -10.35
C LYS C 360 -48.03 -6.16 -11.71
N LYS C 361 -49.05 -6.69 -12.37
CA LYS C 361 -48.87 -7.39 -13.63
C LYS C 361 -48.11 -6.53 -14.63
N GLY C 362 -47.19 -7.14 -15.38
CA GLY C 362 -46.42 -6.37 -16.35
C GLY C 362 -45.25 -5.59 -15.75
N ASN C 363 -45.03 -5.71 -14.44
CA ASN C 363 -43.87 -5.08 -13.81
C ASN C 363 -43.13 -6.08 -12.93
N LEU C 364 -41.82 -5.84 -12.78
CA LEU C 364 -41.06 -6.46 -11.70
C LEU C 364 -40.95 -5.42 -10.55
N ARG C 365 -41.51 -5.78 -9.40
CA ARG C 365 -41.47 -4.91 -8.23
C ARG C 365 -40.36 -5.38 -7.29
N LEU C 366 -39.38 -4.53 -7.08
CA LEU C 366 -38.30 -4.82 -6.15
C LEU C 366 -38.56 -3.99 -4.91
N TYR C 367 -38.71 -4.67 -3.77
CA TYR C 367 -38.90 -3.98 -2.48
C TYR C 367 -37.53 -3.70 -1.86
N GLY C 368 -37.19 -2.44 -1.66
CA GLY C 368 -35.79 -2.10 -1.39
C GLY C 368 -35.21 -2.85 -0.19
N LYS C 369 -33.98 -3.34 -0.38
CA LYS C 369 -33.23 -4.00 0.70
C LYS C 369 -31.84 -3.31 0.83
N GLU C 370 -30.79 -4.10 1.01
CA GLU C 370 -29.49 -3.56 1.42
C GLU C 370 -28.68 -3.00 0.25
N SER C 371 -27.62 -2.27 0.58
CA SER C 371 -26.83 -1.58 -0.43
C SER C 371 -26.08 -2.54 -1.37
N LEU C 372 -25.50 -1.97 -2.44
CA LEU C 372 -24.70 -2.71 -3.40
C LEU C 372 -23.43 -3.31 -2.76
N THR C 373 -23.11 -2.90 -1.53
CA THR C 373 -21.90 -3.44 -0.88
C THR C 373 -22.22 -4.59 0.08
N SER C 374 -23.50 -4.94 0.21
CA SER C 374 -23.89 -5.97 1.15
C SER C 374 -23.72 -7.40 0.62
N THR C 375 -23.15 -8.26 1.45
CA THR C 375 -23.08 -9.69 1.11
C THR C 375 -24.23 -10.48 1.70
N PHE C 376 -25.31 -9.80 2.09
CA PHE C 376 -26.45 -10.48 2.68
C PHE C 376 -27.66 -10.44 1.74
N THR C 377 -28.49 -9.42 1.83
CA THR C 377 -29.72 -9.39 1.05
C THR C 377 -29.79 -8.14 0.18
N GLN C 378 -29.55 -8.30 -1.11
CA GLN C 378 -29.74 -7.19 -2.04
C GLN C 378 -30.96 -7.45 -2.95
N ALA C 379 -31.84 -6.47 -3.10
CA ALA C 379 -32.99 -6.59 -4.02
C ALA C 379 -32.45 -6.22 -5.40
N PHE C 380 -31.86 -7.21 -6.08
CA PHE C 380 -31.02 -6.94 -7.25
C PHE C 380 -31.05 -8.20 -8.12
N ILE C 381 -31.49 -8.06 -9.38
CA ILE C 381 -31.38 -9.19 -10.31
C ILE C 381 -30.52 -8.70 -11.47
N ALA C 382 -29.80 -9.60 -12.10
CA ALA C 382 -28.82 -9.17 -13.10
C ALA C 382 -28.51 -10.29 -14.08
N ARG C 383 -27.96 -9.94 -15.24
CA ARG C 383 -27.65 -10.95 -16.26
C ARG C 383 -26.25 -10.64 -16.75
N ARG C 384 -25.63 -11.60 -17.40
CA ARG C 384 -24.22 -11.47 -17.71
C ARG C 384 -24.01 -10.55 -18.88
N TRP C 385 -22.93 -9.77 -18.86
CA TRP C 385 -22.40 -9.24 -20.12
C TRP C 385 -22.00 -10.44 -20.98
N GLN C 386 -22.48 -10.54 -22.23
CA GLN C 386 -22.04 -11.66 -23.09
C GLN C 386 -21.49 -11.23 -24.45
N SER C 387 -21.26 -9.94 -24.59
CA SER C 387 -20.62 -9.36 -25.74
C SER C 387 -19.86 -8.13 -25.27
N PHE C 388 -18.81 -7.70 -26.00
CA PHE C 388 -18.11 -6.46 -25.69
C PHE C 388 -18.94 -5.26 -26.11
N LYS C 389 -19.99 -5.50 -26.90
CA LYS C 389 -20.80 -4.38 -27.39
C LYS C 389 -22.28 -4.69 -27.29
N PHE C 390 -23.00 -3.91 -26.48
CA PHE C 390 -24.43 -4.14 -26.29
C PHE C 390 -25.09 -2.90 -25.64
N ASP C 391 -26.42 -2.90 -25.67
CA ASP C 391 -27.22 -1.88 -24.99
C ASP C 391 -28.05 -2.64 -23.96
N ALA C 392 -28.21 -2.09 -22.75
CA ALA C 392 -29.20 -2.66 -21.82
C ALA C 392 -29.96 -1.48 -21.26
N SER C 393 -31.25 -1.69 -20.99
CA SER C 393 -32.07 -0.59 -20.49
C SER C 393 -33.23 -1.12 -19.68
N THR C 394 -33.87 -0.20 -18.97
CA THR C 394 -35.01 -0.54 -18.17
C THR C 394 -35.81 0.74 -18.00
N SER C 395 -36.96 0.67 -17.34
CA SER C 395 -37.59 1.89 -16.84
C SER C 395 -38.20 1.59 -15.49
N VAL C 396 -38.22 2.58 -14.62
CA VAL C 396 -38.62 2.34 -13.26
C VAL C 396 -39.48 3.49 -12.71
N SER C 397 -40.51 3.11 -11.97
CA SER C 397 -41.30 4.03 -11.16
C SER C 397 -40.90 3.86 -9.71
N PHE C 398 -40.56 4.98 -9.08
CA PHE C 398 -39.98 4.96 -7.74
C PHE C 398 -40.21 6.33 -7.11
N SER C 399 -40.62 6.37 -5.85
CA SER C 399 -40.86 7.65 -5.19
C SER C 399 -40.06 7.80 -3.91
N PRO C 400 -38.75 7.95 -4.07
CA PRO C 400 -37.87 8.03 -2.91
C PRO C 400 -38.14 9.34 -2.20
N ASP C 401 -38.04 9.34 -0.87
CA ASP C 401 -38.15 10.59 -0.09
C ASP C 401 -36.95 10.83 0.81
N THR C 402 -35.89 10.07 0.55
CA THR C 402 -34.64 10.21 1.26
C THR C 402 -33.50 9.72 0.38
N PHE C 403 -32.30 10.25 0.60
CA PHE C 403 -31.11 9.73 -0.08
C PHE C 403 -30.83 8.27 0.33
N GLN C 404 -31.48 7.78 1.39
CA GLN C 404 -31.40 6.35 1.75
C GLN C 404 -32.22 5.42 0.84
N GLN C 405 -32.91 5.99 -0.14
CA GLN C 405 -33.64 5.20 -1.11
C GLN C 405 -33.14 5.45 -2.52
N ALA C 406 -32.83 4.37 -3.24
CA ALA C 406 -32.38 4.52 -4.61
C ALA C 406 -32.71 3.26 -5.42
N ALA C 407 -33.11 3.45 -6.66
CA ALA C 407 -33.36 2.29 -7.57
C ALA C 407 -32.82 2.61 -8.96
N GLY C 408 -32.28 1.60 -9.63
CA GLY C 408 -31.66 1.89 -10.91
C GLY C 408 -31.07 0.73 -11.67
N LEU C 409 -30.18 1.08 -12.59
CA LEU C 409 -29.58 0.18 -13.55
C LEU C 409 -28.13 0.13 -13.12
N THR C 410 -27.55 -1.07 -13.08
CA THR C 410 -26.22 -1.21 -12.49
C THR C 410 -25.40 -2.18 -13.28
N CYS C 411 -24.15 -1.79 -13.54
CA CYS C 411 -23.14 -2.73 -14.05
C CYS C 411 -22.28 -3.15 -12.85
N TYR C 412 -22.10 -4.45 -12.66
CA TYR C 412 -21.65 -4.94 -11.36
C TYR C 412 -20.71 -6.11 -11.55
N TYR C 413 -19.62 -6.08 -10.79
CA TYR C 413 -18.76 -7.23 -10.71
C TYR C 413 -18.87 -7.88 -9.33
N ASN C 414 -18.52 -7.12 -8.32
CA ASN C 414 -18.68 -7.56 -6.93
C ASN C 414 -18.98 -6.39 -5.99
N THR C 415 -19.00 -6.61 -4.69
CA THR C 415 -19.50 -5.57 -3.78
C THR C 415 -18.58 -4.36 -3.70
N GLU C 416 -17.35 -4.49 -4.22
CA GLU C 416 -16.49 -3.27 -4.30
C GLU C 416 -16.09 -2.84 -5.71
N ASN C 417 -16.84 -3.30 -6.72
CA ASN C 417 -16.57 -3.00 -8.13
C ASN C 417 -17.87 -2.99 -8.88
N TRP C 418 -18.36 -1.79 -9.14
CA TRP C 418 -19.67 -1.56 -9.75
C TRP C 418 -19.88 -0.09 -10.05
N SER C 419 -20.85 0.18 -10.91
CA SER C 419 -21.35 1.56 -11.13
C SER C 419 -22.85 1.47 -11.34
N THR C 420 -23.52 2.60 -11.15
CA THR C 420 -24.98 2.58 -11.29
C THR C 420 -25.52 3.98 -11.59
N ILE C 421 -26.61 4.01 -12.36
CA ILE C 421 -27.43 5.24 -12.53
C ILE C 421 -28.73 5.00 -11.77
N GLN C 422 -29.11 5.96 -10.92
CA GLN C 422 -30.15 5.71 -9.94
C GLN C 422 -31.17 6.83 -9.98
N VAL C 423 -32.39 6.47 -9.68
CA VAL C 423 -33.39 7.43 -9.24
C VAL C 423 -33.35 7.50 -7.72
N THR C 424 -33.09 8.69 -7.18
CA THR C 424 -32.96 8.82 -5.73
C THR C 424 -33.46 10.21 -5.37
N TRP C 425 -33.04 10.75 -4.24
CA TRP C 425 -33.67 11.98 -3.76
C TRP C 425 -32.67 12.86 -3.04
N ASN C 426 -32.90 14.16 -3.11
CA ASN C 426 -31.99 15.13 -2.56
C ASN C 426 -32.82 16.17 -1.82
N GLU C 427 -32.26 16.70 -0.75
CA GLU C 427 -33.00 17.64 0.12
C GLU C 427 -33.53 18.85 -0.63
N ASP C 428 -32.73 19.34 -1.56
CA ASP C 428 -33.04 20.60 -2.23
C ASP C 428 -33.73 20.42 -3.57
N LYS C 429 -33.59 19.25 -4.19
CA LYS C 429 -34.13 19.08 -5.55
C LYS C 429 -35.20 18.02 -5.67
N GLY C 430 -35.46 17.29 -4.59
CA GLY C 430 -36.42 16.20 -4.62
C GLY C 430 -35.88 15.02 -5.40
N ARG C 431 -36.73 14.39 -6.19
CA ARG C 431 -36.33 13.21 -7.00
C ARG C 431 -35.30 13.65 -8.01
N VAL C 432 -34.19 12.90 -8.08
CA VAL C 432 -33.14 13.21 -9.02
C VAL C 432 -32.50 11.92 -9.56
N ILE C 433 -31.77 12.10 -10.66
CA ILE C 433 -30.95 11.04 -11.25
C ILE C 433 -29.51 11.28 -10.83
N ASP C 434 -28.87 10.20 -10.36
CA ASP C 434 -27.50 10.35 -9.85
C ASP C 434 -26.63 9.18 -10.30
N ILE C 435 -25.32 9.33 -10.16
CA ILE C 435 -24.39 8.26 -10.51
C ILE C 435 -23.60 7.86 -9.25
N VAL C 436 -23.43 6.55 -9.02
CA VAL C 436 -22.60 6.07 -7.92
C VAL C 436 -21.69 4.97 -8.45
N CYS C 437 -20.44 4.95 -7.97
CA CYS C 437 -19.54 3.85 -8.39
C CYS C 437 -18.53 3.47 -7.33
N CYS C 438 -17.95 2.30 -7.50
CA CYS C 438 -16.93 1.81 -6.58
C CYS C 438 -15.91 1.08 -7.43
N ASP C 439 -14.66 1.44 -7.21
CA ASP C 439 -13.54 1.01 -8.02
C ASP C 439 -12.54 0.46 -7.03
N ASN C 440 -12.50 -0.87 -6.93
CA ASN C 440 -11.73 -1.57 -5.88
C ASN C 440 -11.81 -0.85 -4.51
N PHE C 441 -13.05 -0.65 -4.06
CA PHE C 441 -13.37 -0.09 -2.73
C PHE C 441 -13.11 1.41 -2.61
N HIS C 442 -12.79 2.06 -3.73
CA HIS C 442 -12.82 3.53 -3.75
C HIS C 442 -14.15 4.02 -4.31
N PHE C 443 -14.92 4.72 -3.48
CA PHE C 443 -16.29 5.13 -3.80
C PHE C 443 -16.33 6.55 -4.34
N ASP C 444 -17.22 6.78 -5.30
CA ASP C 444 -17.38 8.15 -5.80
C ASP C 444 -18.79 8.37 -6.29
N MET C 445 -19.17 9.64 -6.31
CA MET C 445 -20.43 10.10 -6.90
C MET C 445 -20.04 11.29 -7.77
N PRO C 446 -19.64 10.99 -8.99
CA PRO C 446 -18.91 11.96 -9.82
C PRO C 446 -19.76 13.17 -10.23
N LEU C 447 -21.09 13.06 -10.18
CA LEU C 447 -21.91 14.23 -10.58
C LEU C 447 -21.91 15.32 -9.51
N LYS C 448 -21.64 14.92 -8.27
CA LYS C 448 -21.73 15.86 -7.14
C LYS C 448 -23.06 16.60 -7.10
N SER C 449 -23.06 17.93 -7.17
CA SER C 449 -24.34 18.63 -7.07
C SER C 449 -25.10 18.69 -8.40
N ASN C 450 -24.42 18.35 -9.49
CA ASN C 450 -25.01 18.32 -10.83
C ASN C 450 -25.90 17.12 -11.15
N VAL C 451 -26.68 16.69 -10.16
CA VAL C 451 -27.64 15.63 -10.37
C VAL C 451 -28.74 16.15 -11.30
N ILE C 452 -29.53 15.25 -11.88
CA ILE C 452 -30.55 15.69 -12.84
C ILE C 452 -31.93 15.62 -12.21
N PRO C 453 -32.63 16.74 -12.09
CA PRO C 453 -33.92 16.71 -11.39
C PRO C 453 -34.93 15.95 -12.22
N ILE C 454 -35.81 15.21 -11.54
CA ILE C 454 -36.89 14.50 -12.20
C ILE C 454 -38.23 15.22 -11.95
N PRO C 455 -38.93 15.58 -13.02
CA PRO C 455 -40.25 16.21 -12.89
C PRO C 455 -41.24 15.36 -12.08
N LYS C 456 -42.07 16.03 -11.28
CA LYS C 456 -43.00 15.29 -10.43
C LYS C 456 -43.98 14.43 -11.22
N ASP C 457 -44.25 14.84 -12.45
CA ASP C 457 -45.27 14.15 -13.25
C ASP C 457 -44.72 12.95 -14.03
N VAL C 458 -43.42 12.69 -13.92
CA VAL C 458 -42.85 11.53 -14.59
C VAL C 458 -43.09 10.25 -13.78
N GLU C 459 -43.75 9.28 -14.40
CA GLU C 459 -44.04 8.02 -13.72
C GLU C 459 -42.91 6.99 -13.87
N TYR C 460 -42.61 6.61 -15.10
CA TYR C 460 -41.48 5.72 -15.34
C TYR C 460 -40.28 6.45 -15.88
N ILE C 461 -39.15 6.34 -15.19
CA ILE C 461 -37.90 6.91 -15.68
C ILE C 461 -37.12 5.81 -16.38
N HIS C 462 -36.75 6.06 -17.64
CA HIS C 462 -36.06 5.09 -18.47
C HIS C 462 -34.56 5.30 -18.29
N LEU C 463 -33.82 4.19 -18.17
CA LEU C 463 -32.39 4.23 -17.89
C LEU C 463 -31.71 3.24 -18.81
N LYS C 464 -30.56 3.62 -19.32
CA LYS C 464 -29.88 2.80 -20.32
C LYS C 464 -28.37 2.85 -20.12
N VAL C 465 -27.71 1.76 -20.49
CA VAL C 465 -26.25 1.72 -20.58
C VAL C 465 -25.87 1.24 -21.98
N GLU C 466 -24.89 1.93 -22.55
CA GLU C 466 -24.33 1.54 -23.84
C GLU C 466 -22.92 1.10 -23.57
N VAL C 467 -22.67 -0.18 -23.75
CA VAL C 467 -21.35 -0.74 -23.58
C VAL C 467 -20.68 -0.81 -24.96
N ARG C 468 -19.51 -0.19 -25.06
CA ARG C 468 -18.82 -0.01 -26.35
C ARG C 468 -17.33 -0.37 -26.19
N VAL C 469 -17.12 -1.67 -25.97
CA VAL C 469 -15.80 -2.26 -25.84
C VAL C 469 -15.04 -1.68 -24.64
N GLU C 470 -14.08 -0.78 -24.87
CA GLU C 470 -13.30 -0.30 -23.72
C GLU C 470 -14.05 0.60 -22.75
N THR C 471 -15.13 1.24 -23.17
CA THR C 471 -15.88 2.13 -22.27
C THR C 471 -17.38 1.91 -22.29
N TYR C 472 -18.08 2.43 -21.29
CA TYR C 472 -19.55 2.42 -21.27
C TYR C 472 -20.09 3.66 -20.61
N GLN C 473 -21.34 4.01 -20.92
CA GLN C 473 -21.91 5.25 -20.42
C GLN C 473 -23.41 5.08 -20.23
N TYR C 474 -23.95 5.77 -19.23
CA TYR C 474 -25.38 5.73 -18.95
C TYR C 474 -26.14 6.92 -19.56
N SER C 475 -27.40 6.69 -19.87
CA SER C 475 -28.33 7.70 -20.38
C SER C 475 -29.66 7.54 -19.67
N TYR C 476 -30.49 8.58 -19.72
CA TYR C 476 -31.85 8.47 -19.20
C TYR C 476 -32.85 9.11 -20.18
N SER C 477 -34.12 8.79 -19.98
CA SER C 477 -35.21 9.35 -20.77
C SER C 477 -36.48 9.41 -19.95
N PHE C 478 -37.19 10.54 -20.03
CA PHE C 478 -38.47 10.69 -19.35
C PHE C 478 -39.65 10.31 -20.25
N ASP C 479 -39.39 9.98 -21.50
CA ASP C 479 -40.48 9.63 -22.42
C ASP C 479 -40.24 8.34 -23.19
N GLY C 480 -39.11 7.70 -22.94
CA GLY C 480 -38.85 6.40 -23.54
C GLY C 480 -38.40 6.48 -24.99
N ILE C 481 -38.44 7.70 -25.55
CA ILE C 481 -38.06 7.93 -26.94
C ILE C 481 -36.77 8.74 -27.03
N ASN C 482 -36.77 9.88 -26.35
CA ASN C 482 -35.65 10.81 -26.39
C ASN C 482 -34.73 10.61 -25.19
N TRP C 483 -33.47 10.24 -25.49
CA TRP C 483 -32.49 9.90 -24.44
C TRP C 483 -31.48 11.01 -24.26
N SER C 484 -31.07 11.23 -23.01
CA SER C 484 -29.98 12.18 -22.72
C SER C 484 -28.83 11.46 -22.00
N LYS C 485 -27.62 11.75 -22.46
CA LYS C 485 -26.39 11.18 -21.91
C LYS C 485 -26.01 11.82 -20.56
N VAL C 486 -25.59 10.98 -19.61
CA VAL C 486 -25.12 11.50 -18.32
C VAL C 486 -23.60 11.48 -18.38
N PRO C 487 -22.95 12.59 -18.03
CA PRO C 487 -21.50 12.72 -18.25
C PRO C 487 -20.65 11.98 -17.21
N ALA C 488 -20.67 10.66 -17.25
CA ALA C 488 -19.78 9.81 -16.45
C ALA C 488 -19.45 8.66 -17.39
N ILE C 489 -18.21 8.60 -17.83
CA ILE C 489 -17.79 7.51 -18.71
C ILE C 489 -16.94 6.50 -17.92
N PHE C 490 -17.26 5.21 -18.04
CA PHE C 490 -16.59 4.16 -17.27
C PHE C 490 -15.74 3.25 -18.14
N GLU C 491 -14.71 2.67 -17.54
CA GLU C 491 -13.89 1.71 -18.22
C GLU C 491 -14.37 0.29 -17.95
N SER C 492 -14.65 -0.41 -19.03
CA SER C 492 -15.10 -1.78 -18.99
C SER C 492 -14.05 -2.66 -18.31
N ARG C 493 -12.77 -2.38 -18.54
CA ARG C 493 -11.73 -3.22 -17.95
C ARG C 493 -11.84 -3.30 -16.44
N LYS C 494 -12.48 -2.31 -15.83
CA LYS C 494 -12.56 -2.32 -14.36
C LYS C 494 -13.63 -3.27 -13.82
N LEU C 495 -14.42 -3.88 -14.71
CA LEU C 495 -15.35 -4.91 -14.31
C LEU C 495 -14.87 -6.26 -14.84
N SER C 496 -13.57 -6.54 -14.62
CA SER C 496 -12.93 -7.74 -15.17
C SER C 496 -12.19 -8.52 -14.08
N ASP C 497 -12.08 -9.84 -14.29
CA ASP C 497 -11.33 -10.71 -13.37
C ASP C 497 -9.95 -10.15 -13.13
N ASP C 498 -9.37 -9.55 -14.17
CA ASP C 498 -7.97 -9.13 -14.11
C ASP C 498 -7.71 -7.88 -13.34
N TYR C 499 -8.75 -7.05 -13.21
CA TYR C 499 -8.63 -5.79 -12.51
C TYR C 499 -8.98 -5.88 -11.01
N VAL C 500 -10.01 -6.68 -10.68
CA VAL C 500 -10.55 -6.63 -9.33
C VAL C 500 -9.53 -7.19 -8.31
N GLN C 501 -9.47 -6.56 -7.14
CA GLN C 501 -8.53 -6.97 -6.08
C GLN C 501 -9.12 -8.08 -5.25
N GLY C 502 -8.26 -8.81 -4.55
CA GLY C 502 -8.72 -9.84 -3.62
C GLY C 502 -8.41 -11.24 -4.11
N GLY C 503 -8.53 -12.24 -3.23
CA GLY C 503 -8.22 -13.63 -3.56
C GLY C 503 -9.21 -14.25 -4.54
N GLY C 504 -10.42 -13.72 -4.61
CA GLY C 504 -11.43 -14.30 -5.48
C GLY C 504 -11.80 -13.40 -6.64
N PHE C 505 -11.51 -13.85 -7.85
CA PHE C 505 -11.66 -12.98 -9.04
C PHE C 505 -12.23 -13.82 -10.19
N PHE C 506 -13.35 -14.47 -9.90
CA PHE C 506 -13.71 -15.69 -10.60
C PHE C 506 -15.04 -15.63 -11.31
N THR C 507 -15.64 -14.43 -11.33
CA THR C 507 -16.94 -14.28 -11.99
C THR C 507 -16.91 -13.57 -13.34
N GLY C 508 -17.30 -12.28 -13.36
CA GLY C 508 -17.42 -11.52 -14.60
C GLY C 508 -18.45 -10.43 -14.47
N ALA C 509 -18.52 -9.57 -15.47
CA ALA C 509 -19.46 -8.44 -15.46
C ALA C 509 -20.92 -8.81 -15.66
N PHE C 510 -21.79 -8.17 -14.87
CA PHE C 510 -23.22 -8.31 -15.02
C PHE C 510 -23.84 -6.95 -15.24
N VAL C 511 -25.09 -6.97 -15.74
CA VAL C 511 -25.88 -5.77 -15.82
C VAL C 511 -27.26 -6.08 -15.28
N GLY C 512 -27.79 -5.20 -14.46
CA GLY C 512 -29.04 -5.58 -13.78
C GLY C 512 -29.75 -4.38 -13.19
N ILE C 513 -30.81 -4.65 -12.45
CA ILE C 513 -31.61 -3.59 -11.84
C ILE C 513 -31.75 -3.84 -10.33
N ASN C 514 -31.77 -2.78 -9.53
CA ASN C 514 -31.82 -3.01 -8.08
C ASN C 514 -32.62 -1.92 -7.39
N CYS C 515 -33.01 -2.21 -6.17
CA CYS C 515 -33.67 -1.22 -5.33
C CYS C 515 -33.05 -1.30 -3.94
N ILE C 516 -32.58 -0.14 -3.47
CA ILE C 516 -31.96 0.03 -2.16
C ILE C 516 -32.90 0.87 -1.27
N ASP C 517 -33.21 0.36 -0.06
CA ASP C 517 -33.91 1.16 0.94
C ASP C 517 -33.28 0.94 2.31
N ILE C 518 -32.31 1.79 2.67
CA ILE C 518 -31.62 1.67 3.95
C ILE C 518 -32.55 1.90 5.14
N THR C 519 -33.67 2.62 4.96
CA THR C 519 -34.49 2.99 6.12
C THR C 519 -35.14 1.80 6.78
N GLY C 520 -35.39 0.74 6.00
CA GLY C 520 -36.12 -0.42 6.48
C GLY C 520 -37.58 -0.38 6.06
N ASN C 521 -37.97 0.62 5.25
CA ASN C 521 -39.36 0.76 4.80
C ASN C 521 -39.72 -0.13 3.62
N ASN C 522 -38.72 -0.87 3.12
CA ASN C 522 -38.93 -1.75 1.95
C ASN C 522 -39.61 -1.08 0.77
N LYS C 523 -39.23 0.15 0.48
CA LYS C 523 -39.89 0.90 -0.58
C LYS C 523 -39.84 0.19 -1.92
N PRO C 524 -40.99 0.05 -2.55
CA PRO C 524 -41.06 -0.63 -3.87
C PRO C 524 -40.66 0.25 -5.04
N ALA C 525 -39.94 -0.37 -5.96
CA ALA C 525 -39.63 0.21 -7.26
C ALA C 525 -40.20 -0.76 -8.30
N ASP C 526 -40.96 -0.22 -9.23
CA ASP C 526 -41.55 -1.03 -10.29
C ASP C 526 -40.82 -0.85 -11.60
N PHE C 527 -40.29 -1.96 -12.13
CA PHE C 527 -39.59 -1.95 -13.40
C PHE C 527 -40.49 -2.51 -14.49
N ASP C 528 -40.72 -1.72 -15.51
CA ASP C 528 -41.64 -2.07 -16.55
C ASP C 528 -41.06 -3.08 -17.54
N TYR C 529 -39.75 -3.00 -17.77
CA TYR C 529 -39.10 -3.89 -18.72
C TYR C 529 -37.60 -3.94 -18.45
N PHE C 530 -36.97 -4.93 -19.04
CA PHE C 530 -35.50 -5.02 -19.09
C PHE C 530 -35.06 -5.46 -20.46
N CYS C 531 -34.29 -4.59 -21.12
CA CYS C 531 -33.77 -4.83 -22.46
C CYS C 531 -32.31 -5.22 -22.42
N TYR C 532 -31.94 -6.18 -23.26
CA TYR C 532 -30.53 -6.53 -23.47
C TYR C 532 -30.39 -6.84 -24.94
N LYS C 533 -29.59 -6.05 -25.64
CA LYS C 533 -29.42 -6.21 -27.08
C LYS C 533 -27.95 -6.08 -27.49
N GLU C 534 -27.40 -7.20 -27.96
CA GLU C 534 -25.99 -7.28 -28.38
C GLU C 534 -25.85 -6.76 -29.80
N GLU C 535 -24.73 -6.10 -30.10
CA GLU C 535 -24.58 -5.44 -31.40
C GLU C 535 -23.77 -6.31 -32.37
N SER D 2 -17.91 1.61 49.54
CA SER D 2 -16.60 2.32 49.61
C SER D 2 -16.39 3.26 48.42
N LEU D 3 -15.50 2.88 47.50
CA LEU D 3 -15.27 3.64 46.26
C LEU D 3 -15.48 2.76 45.05
N ILE D 4 -15.99 3.35 43.98
CA ILE D 4 -15.97 2.70 42.69
C ILE D 4 -14.54 2.79 42.13
N LYS D 5 -14.06 1.68 41.54
CA LYS D 5 -12.74 1.65 40.94
C LYS D 5 -12.85 1.30 39.46
N ASN D 6 -12.67 2.31 38.62
CA ASN D 6 -12.83 2.16 37.17
C ASN D 6 -11.61 1.51 36.54
N PRO D 7 -11.81 0.74 35.47
CA PRO D 7 -13.12 0.43 34.90
C PRO D 7 -13.87 -0.59 35.76
N ILE D 8 -15.20 -0.50 35.81
CA ILE D 8 -16.00 -1.45 36.57
C ILE D 8 -16.20 -2.75 35.79
N LEU D 9 -16.24 -2.69 34.45
CA LEU D 9 -16.33 -3.92 33.62
C LEU D 9 -15.09 -3.99 32.75
N ARG D 10 -14.26 -5.01 32.97
CA ARG D 10 -12.94 -5.05 32.38
C ARG D 10 -12.87 -5.95 31.16
N GLY D 11 -11.89 -5.67 30.30
CA GLY D 11 -11.87 -6.36 29.00
C GLY D 11 -13.03 -5.86 28.13
N PHE D 12 -13.13 -6.45 26.93
CA PHE D 12 -14.08 -6.08 25.93
C PHE D 12 -15.54 -5.96 26.44
N ASN D 13 -15.96 -4.71 26.66
CA ASN D 13 -17.25 -4.39 27.30
C ASN D 13 -17.64 -2.92 26.94
N PRO D 14 -17.85 -2.67 25.65
CA PRO D 14 -18.06 -1.31 25.18
C PRO D 14 -19.53 -0.86 25.27
N ASP D 15 -19.76 0.42 24.97
CA ASP D 15 -21.14 0.92 24.75
C ASP D 15 -22.07 0.60 25.91
N PRO D 16 -21.71 0.93 27.14
CA PRO D 16 -22.53 0.55 28.28
C PRO D 16 -23.89 1.24 28.28
N SER D 17 -24.94 0.45 28.46
CA SER D 17 -26.30 0.94 28.60
C SER D 17 -26.73 0.55 30.01
N ILE D 18 -26.70 1.52 30.92
CA ILE D 18 -27.03 1.27 32.33
C ILE D 18 -28.53 1.46 32.55
N CYS D 19 -29.08 0.60 33.39
CA CYS D 19 -30.51 0.55 33.55
C CYS D 19 -30.83 0.17 35.01
N ARG D 20 -31.71 0.92 35.62
CA ARG D 20 -32.18 0.64 36.97
C ARG D 20 -33.50 -0.10 36.92
N ALA D 21 -33.65 -1.12 37.74
CA ALA D 21 -34.95 -1.78 37.92
C ALA D 21 -35.18 -1.89 39.43
N ASP D 22 -36.00 -0.98 39.94
CA ASP D 22 -36.19 -0.84 41.38
C ASP D 22 -34.86 -0.60 42.07
N THR D 23 -34.32 -1.61 42.76
CA THR D 23 -33.03 -1.45 43.40
C THR D 23 -31.94 -2.32 42.81
N ASP D 24 -32.18 -2.84 41.60
CA ASP D 24 -31.14 -3.57 40.86
C ASP D 24 -30.63 -2.67 39.75
N TYR D 25 -29.35 -2.82 39.44
CA TYR D 25 -28.73 -2.05 38.38
C TYR D 25 -28.14 -3.02 37.38
N TYR D 26 -28.27 -2.66 36.11
CA TYR D 26 -27.74 -3.51 35.05
C TYR D 26 -26.98 -2.66 34.05
N ILE D 27 -26.01 -3.29 33.40
CA ILE D 27 -25.34 -2.66 32.25
C ILE D 27 -25.29 -3.69 31.13
N ALA D 28 -25.79 -3.31 29.96
CA ALA D 28 -25.67 -4.12 28.74
C ALA D 28 -24.50 -3.52 27.97
N THR D 29 -23.63 -4.40 27.46
CA THR D 29 -22.52 -4.00 26.56
C THR D 29 -22.57 -4.77 25.21
N SER D 30 -21.95 -4.16 24.21
CA SER D 30 -21.95 -4.65 22.83
C SER D 30 -21.05 -5.87 22.72
N THR D 31 -21.40 -6.79 21.82
CA THR D 31 -20.64 -8.07 21.68
C THR D 31 -20.19 -8.37 20.26
N PHE D 32 -20.72 -7.62 19.30
CA PHE D 32 -20.33 -7.76 17.90
C PHE D 32 -20.51 -9.21 17.38
N GLU D 33 -19.44 -9.85 16.91
CA GLU D 33 -19.59 -11.20 16.36
C GLU D 33 -19.61 -12.32 17.40
N TRP D 34 -19.41 -11.98 18.67
CA TRP D 34 -19.31 -12.98 19.73
C TRP D 34 -20.70 -13.40 20.23
N PHE D 35 -20.89 -14.72 20.40
CA PHE D 35 -22.18 -15.32 20.62
C PHE D 35 -22.11 -16.17 21.90
N PRO D 36 -23.12 -16.10 22.75
CA PRO D 36 -24.39 -15.33 22.60
C PRO D 36 -24.25 -13.80 22.81
N GLY D 37 -25.20 -13.06 22.27
CA GLY D 37 -25.06 -11.62 22.15
C GLY D 37 -25.59 -10.81 23.32
N VAL D 38 -24.98 -9.65 23.50
CA VAL D 38 -25.26 -8.65 24.54
C VAL D 38 -24.93 -9.19 25.92
N GLN D 39 -23.84 -8.69 26.49
CA GLN D 39 -23.46 -9.04 27.86
C GLN D 39 -24.30 -8.21 28.79
N ILE D 40 -24.86 -8.82 29.84
CA ILE D 40 -25.54 -8.00 30.85
C ILE D 40 -24.89 -8.30 32.19
N HIS D 41 -24.42 -7.24 32.86
CA HIS D 41 -23.85 -7.38 34.19
C HIS D 41 -24.82 -6.73 35.16
N HIS D 42 -24.77 -7.18 36.41
CA HIS D 42 -25.67 -6.73 37.44
C HIS D 42 -24.89 -6.19 38.66
N SER D 43 -25.51 -5.27 39.40
CA SER D 43 -24.92 -4.72 40.63
C SER D 43 -26.03 -4.23 41.57
N LYS D 44 -25.76 -4.28 42.88
CA LYS D 44 -26.62 -3.61 43.85
C LYS D 44 -26.09 -2.21 44.17
N ASP D 45 -24.77 -2.04 44.08
CA ASP D 45 -24.14 -0.88 44.69
C ASP D 45 -23.38 0.02 43.74
N LEU D 46 -23.29 -0.36 42.46
CA LEU D 46 -22.49 0.34 41.43
C LEU D 46 -20.97 0.12 41.56
N VAL D 47 -20.55 -0.56 42.64
CA VAL D 47 -19.13 -0.81 42.89
C VAL D 47 -18.74 -2.21 42.42
N ASN D 48 -19.55 -3.17 42.78
CA ASN D 48 -19.25 -4.56 42.51
C ASN D 48 -20.20 -5.10 41.46
N TRP D 49 -19.66 -5.75 40.44
CA TRP D 49 -20.46 -6.12 39.28
C TRP D 49 -20.27 -7.61 39.02
N HIS D 50 -21.31 -8.27 38.51
CA HIS D 50 -21.11 -9.64 38.04
C HIS D 50 -21.88 -9.90 36.73
N LEU D 51 -21.28 -10.71 35.89
CA LEU D 51 -21.83 -11.08 34.58
C LEU D 51 -22.97 -12.08 34.79
N VAL D 52 -24.17 -11.74 34.33
CA VAL D 52 -25.33 -12.59 34.60
C VAL D 52 -26.14 -13.13 33.42
N ALA D 53 -26.02 -12.53 32.24
CA ALA D 53 -26.89 -12.91 31.11
C ALA D 53 -26.32 -12.51 29.75
N HIS D 54 -26.79 -13.23 28.73
CA HIS D 54 -26.65 -12.89 27.30
C HIS D 54 -27.98 -13.24 26.61
N PRO D 55 -28.85 -12.26 26.48
CA PRO D 55 -30.19 -12.48 25.93
C PRO D 55 -30.22 -13.08 24.54
N LEU D 56 -29.27 -12.70 23.67
CA LEU D 56 -29.43 -13.04 22.26
C LEU D 56 -28.75 -14.38 21.98
N ASN D 57 -29.46 -15.46 22.35
CA ASN D 57 -28.80 -16.75 22.41
C ASN D 57 -29.41 -17.84 21.55
N ARG D 58 -30.19 -17.43 20.56
CA ARG D 58 -30.75 -18.37 19.61
C ARG D 58 -30.83 -17.65 18.28
N THR D 59 -30.88 -18.42 17.20
CA THR D 59 -30.90 -17.91 15.83
C THR D 59 -32.07 -16.98 15.50
N SER D 60 -33.23 -17.27 16.08
CA SER D 60 -34.36 -16.37 15.82
C SER D 60 -34.15 -14.94 16.34
N LEU D 61 -33.28 -14.78 17.34
CA LEU D 61 -32.93 -13.44 17.84
C LEU D 61 -31.71 -12.91 17.11
N LEU D 62 -30.74 -13.78 16.81
CA LEU D 62 -29.46 -13.26 16.32
C LEU D 62 -28.84 -14.25 15.36
N ASP D 63 -28.78 -13.85 14.10
CA ASP D 63 -28.23 -14.74 13.06
C ASP D 63 -27.04 -14.01 12.45
N MET D 64 -25.85 -14.39 12.89
CA MET D 64 -24.62 -13.71 12.48
C MET D 64 -23.68 -14.57 11.62
N LYS D 65 -24.21 -15.66 11.03
CA LYS D 65 -23.38 -16.58 10.23
C LYS D 65 -22.91 -15.76 9.05
N GLY D 66 -21.59 -15.70 8.81
CA GLY D 66 -20.98 -14.94 7.71
C GLY D 66 -20.80 -13.44 7.99
N ASN D 67 -21.17 -12.98 9.19
CA ASN D 67 -21.01 -11.54 9.51
C ASN D 67 -19.52 -11.15 9.48
N PRO D 68 -19.22 -9.93 9.04
CA PRO D 68 -17.84 -9.42 9.09
C PRO D 68 -17.39 -9.26 10.53
N ASN D 69 -16.08 -9.24 10.71
CA ASN D 69 -15.50 -8.91 12.00
C ASN D 69 -16.00 -7.52 12.41
N SER D 70 -16.36 -7.40 13.68
CA SER D 70 -16.89 -6.13 14.23
C SER D 70 -18.21 -5.68 13.60
N GLY D 71 -18.91 -6.61 12.95
CA GLY D 71 -20.33 -6.45 12.59
C GLY D 71 -21.12 -7.05 13.72
N GLY D 72 -22.32 -7.51 13.44
CA GLY D 72 -23.21 -8.07 14.45
C GLY D 72 -23.57 -6.99 15.47
N ILE D 73 -23.54 -7.35 16.74
CA ILE D 73 -24.16 -6.52 17.77
C ILE D 73 -23.35 -5.27 18.12
N TRP D 74 -23.84 -4.11 17.66
CA TRP D 74 -23.24 -2.86 18.05
C TRP D 74 -23.84 -2.39 19.38
N ALA D 75 -23.67 -1.10 19.74
CA ALA D 75 -24.20 -0.59 21.03
C ALA D 75 -25.62 -1.07 21.25
N PRO D 76 -25.88 -1.69 22.41
CA PRO D 76 -27.24 -2.10 22.75
C PRO D 76 -27.88 -1.07 23.64
N ASP D 77 -29.19 -1.22 23.84
CA ASP D 77 -29.96 -0.30 24.69
C ASP D 77 -30.91 -1.09 25.59
N LEU D 78 -30.69 -1.00 26.90
CA LEU D 78 -31.46 -1.77 27.88
C LEU D 78 -32.22 -0.80 28.75
N SER D 79 -33.54 -0.97 28.77
CA SER D 79 -34.42 -0.19 29.61
C SER D 79 -35.39 -1.07 30.41
N TYR D 80 -36.03 -0.47 31.41
CA TYR D 80 -36.95 -1.23 32.25
C TYR D 80 -38.17 -0.36 32.43
N HIS D 81 -39.34 -0.87 32.03
CA HIS D 81 -40.54 -0.06 32.07
C HIS D 81 -41.76 -0.98 32.02
N ASP D 82 -42.81 -0.62 32.73
CA ASP D 82 -44.06 -1.42 32.72
C ASP D 82 -43.79 -2.85 33.17
N GLY D 83 -42.91 -3.01 34.14
CA GLY D 83 -42.64 -4.33 34.73
C GLY D 83 -41.79 -5.31 33.93
N LYS D 84 -41.22 -4.86 32.81
CA LYS D 84 -40.29 -5.74 32.06
C LYS D 84 -39.11 -4.98 31.45
N PHE D 85 -38.13 -5.75 30.97
CA PHE D 85 -36.94 -5.20 30.35
C PHE D 85 -37.17 -5.10 28.86
N TRP D 86 -36.59 -4.06 28.25
CA TRP D 86 -36.74 -3.82 26.81
C TRP D 86 -35.29 -3.73 26.30
N LEU D 87 -34.95 -4.51 25.28
CA LEU D 87 -33.60 -4.47 24.72
C LEU D 87 -33.68 -4.11 23.26
N ILE D 88 -33.05 -2.99 22.89
CA ILE D 88 -32.96 -2.64 21.47
C ILE D 88 -31.57 -3.08 21.05
N TYR D 89 -31.48 -3.79 19.94
CA TYR D 89 -30.16 -4.17 19.44
C TYR D 89 -30.04 -4.06 17.92
N THR D 90 -28.81 -4.04 17.44
CA THR D 90 -28.52 -3.79 16.03
C THR D 90 -27.65 -4.90 15.49
N ASP D 91 -28.06 -5.48 14.37
CA ASP D 91 -27.20 -6.45 13.68
C ASP D 91 -26.58 -5.71 12.47
N VAL D 92 -25.28 -5.41 12.54
CA VAL D 92 -24.58 -4.70 11.44
C VAL D 92 -24.01 -5.72 10.43
N LYS D 93 -24.39 -5.55 9.17
CA LYS D 93 -23.99 -6.51 8.14
C LYS D 93 -22.81 -6.02 7.28
N VAL D 94 -22.63 -4.70 7.24
CA VAL D 94 -21.58 -4.06 6.41
C VAL D 94 -20.87 -3.08 7.33
N THR D 95 -19.57 -3.25 7.49
CA THR D 95 -18.81 -2.49 8.51
C THR D 95 -17.85 -1.46 7.93
N ASP D 96 -17.83 -1.31 6.61
CA ASP D 96 -16.89 -0.37 6.03
C ASP D 96 -17.43 0.11 4.68
N GLY D 97 -16.88 1.21 4.19
CA GLY D 97 -17.29 1.74 2.88
C GLY D 97 -18.36 2.81 3.06
N MET D 98 -19.09 3.12 1.99
CA MET D 98 -20.02 4.26 2.01
C MET D 98 -21.32 3.97 2.74
N TRP D 99 -21.69 2.69 2.93
CA TRP D 99 -22.87 2.32 3.71
C TRP D 99 -22.48 1.56 4.99
N LYS D 100 -23.43 1.46 5.93
CA LYS D 100 -23.26 0.64 7.13
C LYS D 100 -24.56 -0.17 7.32
N ASP D 101 -24.92 -0.96 6.31
CA ASP D 101 -26.17 -1.72 6.34
C ASP D 101 -26.31 -2.43 7.67
N CYS D 102 -27.47 -2.23 8.29
CA CYS D 102 -27.74 -2.79 9.63
C CYS D 102 -29.25 -2.91 9.86
N HIS D 103 -29.64 -3.65 10.89
CA HIS D 103 -31.06 -3.85 11.19
C HIS D 103 -31.26 -3.72 12.69
N ASN D 104 -32.23 -2.91 13.09
CA ASN D 104 -32.54 -2.71 14.52
C ASN D 104 -33.75 -3.53 14.91
N TYR D 105 -33.72 -4.02 16.14
CA TYR D 105 -34.74 -4.92 16.64
C TYR D 105 -34.99 -4.62 18.12
N LEU D 106 -36.19 -4.95 18.59
CA LEU D 106 -36.60 -4.84 20.00
C LEU D 106 -37.01 -6.23 20.50
N THR D 107 -36.54 -6.59 21.70
CA THR D 107 -37.00 -7.80 22.37
C THR D 107 -37.22 -7.48 23.84
N THR D 108 -38.11 -8.24 24.50
CA THR D 108 -38.43 -7.95 25.90
C THR D 108 -38.41 -9.22 26.72
N CYS D 109 -38.29 -9.03 28.02
CA CYS D 109 -38.31 -10.15 28.96
C CYS D 109 -38.54 -9.59 30.34
N GLU D 110 -39.20 -10.39 31.18
CA GLU D 110 -39.43 -9.94 32.56
C GLU D 110 -38.19 -10.02 33.42
N SER D 111 -37.19 -10.79 33.00
CA SER D 111 -35.93 -10.91 33.77
C SER D 111 -34.78 -10.90 32.75
N VAL D 112 -33.61 -10.41 33.13
CA VAL D 112 -32.53 -10.31 32.14
C VAL D 112 -32.03 -11.69 31.69
N ASP D 113 -32.12 -12.68 32.59
CA ASP D 113 -31.64 -14.02 32.31
C ASP D 113 -32.74 -15.01 31.89
N GLY D 114 -33.92 -14.50 31.56
CA GLY D 114 -35.00 -15.37 31.05
C GLY D 114 -34.92 -15.60 29.54
N VAL D 115 -36.02 -16.09 28.98
CA VAL D 115 -36.17 -16.35 27.54
C VAL D 115 -36.77 -15.11 26.90
N TRP D 116 -35.97 -14.35 26.18
CA TRP D 116 -36.46 -13.10 25.60
C TRP D 116 -37.44 -13.36 24.42
N SER D 117 -38.38 -12.43 24.22
CA SER D 117 -39.39 -12.55 23.18
C SER D 117 -38.76 -12.53 21.78
N ASP D 118 -39.47 -13.07 20.80
CA ASP D 118 -38.99 -12.92 19.43
C ASP D 118 -38.84 -11.43 19.11
N PRO D 119 -37.90 -11.10 18.25
CA PRO D 119 -37.59 -9.69 17.99
C PRO D 119 -38.66 -9.02 17.16
N ILE D 120 -38.97 -7.79 17.53
CA ILE D 120 -39.83 -6.95 16.72
C ILE D 120 -38.95 -6.15 15.78
N THR D 121 -39.31 -6.16 14.49
CA THR D 121 -38.53 -5.43 13.47
C THR D 121 -38.74 -3.93 13.58
N LEU D 122 -37.64 -3.17 13.63
CA LEU D 122 -37.72 -1.70 13.76
C LEU D 122 -37.28 -1.14 12.40
N ASN D 123 -36.16 -0.43 12.35
CA ASN D 123 -35.73 0.26 11.12
C ASN D 123 -34.28 -0.14 10.86
N GLY D 124 -33.66 0.53 9.88
CA GLY D 124 -32.26 0.32 9.55
C GLY D 124 -31.53 1.60 9.10
N SER D 125 -32.13 2.78 9.38
CA SER D 125 -31.58 4.05 8.93
C SER D 125 -30.26 4.48 9.60
N GLY D 126 -29.86 3.75 10.66
CA GLY D 126 -28.53 3.88 11.25
C GLY D 126 -28.51 2.98 12.49
N PHE D 127 -27.33 2.85 13.09
CA PHE D 127 -27.14 2.07 14.33
C PHE D 127 -27.38 2.94 15.58
N ASP D 128 -27.00 2.43 16.76
CA ASP D 128 -27.19 3.13 18.06
C ASP D 128 -28.63 3.48 18.37
N ALA D 129 -29.54 2.54 18.09
CA ALA D 129 -30.97 2.69 18.37
C ALA D 129 -31.23 2.56 19.89
N SER D 130 -32.14 3.39 20.40
CA SER D 130 -32.40 3.47 21.83
C SER D 130 -33.89 3.76 22.06
N LEU D 131 -34.48 3.11 23.06
CA LEU D 131 -35.92 3.23 23.28
C LEU D 131 -36.18 4.07 24.52
N PHE D 132 -36.92 5.15 24.30
CA PHE D 132 -37.24 6.10 25.34
C PHE D 132 -38.71 5.93 25.70
N HIS D 133 -38.97 5.72 26.98
CA HIS D 133 -40.34 5.59 27.50
C HIS D 133 -40.71 6.92 28.15
N ASP D 134 -41.68 7.66 27.64
CA ASP D 134 -42.04 8.95 28.22
C ASP D 134 -43.06 8.73 29.34
N ASN D 135 -43.39 9.77 30.09
CA ASN D 135 -44.28 9.57 31.24
C ASN D 135 -45.77 9.71 30.89
N ASP D 136 -46.08 9.85 29.61
CA ASP D 136 -47.46 9.94 29.14
C ASP D 136 -47.88 8.67 28.38
N GLY D 137 -47.14 7.58 28.58
CA GLY D 137 -47.48 6.31 27.95
C GLY D 137 -46.94 6.17 26.53
N LYS D 138 -46.29 7.19 26.02
CA LYS D 138 -45.74 7.10 24.68
C LYS D 138 -44.30 6.58 24.72
N LYS D 139 -43.86 6.02 23.60
CA LYS D 139 -42.50 5.44 23.50
C LYS D 139 -41.92 5.91 22.16
N TYR D 140 -40.61 6.14 22.14
CA TYR D 140 -39.95 6.66 20.94
C TYR D 140 -38.66 5.94 20.73
N LEU D 141 -38.32 5.71 19.47
CA LEU D 141 -37.00 5.24 19.12
C LEU D 141 -36.16 6.38 18.56
N VAL D 142 -34.93 6.48 19.07
CA VAL D 142 -33.96 7.38 18.47
C VAL D 142 -32.75 6.55 17.98
N ASN D 143 -32.15 6.99 16.89
CA ASN D 143 -30.92 6.35 16.40
C ASN D 143 -30.18 7.36 15.53
N MET D 144 -28.94 7.04 15.17
CA MET D 144 -28.20 7.90 14.22
C MET D 144 -28.77 7.67 12.82
N TYR D 145 -28.75 8.71 11.99
CA TYR D 145 -29.21 8.59 10.61
C TYR D 145 -27.98 8.65 9.70
N TRP D 146 -27.76 7.58 8.92
CA TRP D 146 -26.57 7.45 8.07
C TRP D 146 -26.71 8.15 6.72
N ASP D 147 -25.75 8.99 6.35
CA ASP D 147 -25.74 9.63 5.02
C ASP D 147 -24.59 8.99 4.20
N GLN D 148 -24.92 8.20 3.19
CA GLN D 148 -23.89 7.47 2.43
C GLN D 148 -23.15 8.34 1.39
N ARG D 149 -23.71 9.51 1.10
CA ARG D 149 -23.10 10.27 0.01
C ARG D 149 -21.62 10.59 0.21
N THR D 150 -20.84 10.34 -0.82
CA THR D 150 -19.39 10.22 -0.64
C THR D 150 -18.72 11.54 -0.31
N TYR D 151 -19.38 12.65 -0.64
CA TYR D 151 -18.79 13.96 -0.38
C TYR D 151 -19.27 14.51 0.96
N ASN D 152 -20.06 13.72 1.71
CA ASN D 152 -20.57 14.18 3.00
C ASN D 152 -20.03 13.33 4.17
N HIS D 153 -19.84 13.94 5.32
CA HIS D 153 -19.64 13.16 6.55
C HIS D 153 -20.85 12.22 6.72
N ASN D 154 -20.62 10.97 7.12
CA ASN D 154 -21.72 9.98 7.15
C ASN D 154 -22.74 10.16 8.29
N PHE D 155 -22.44 10.99 9.30
CA PHE D 155 -23.28 11.08 10.50
C PHE D 155 -24.22 12.27 10.36
N TYR D 156 -25.40 12.02 9.80
CA TYR D 156 -26.34 13.08 9.44
C TYR D 156 -27.08 13.69 10.63
N GLY D 157 -26.96 13.06 11.79
CA GLY D 157 -27.72 13.56 12.95
C GLY D 157 -28.50 12.43 13.59
N ILE D 158 -29.48 12.80 14.41
CA ILE D 158 -30.26 11.89 15.24
C ILE D 158 -31.71 11.91 14.74
N VAL D 159 -32.25 10.72 14.48
CA VAL D 159 -33.64 10.63 14.02
C VAL D 159 -34.51 10.13 15.15
N LEU D 160 -35.76 10.58 15.16
CA LEU D 160 -36.75 10.22 16.18
C LEU D 160 -38.01 9.71 15.49
N GLN D 161 -38.55 8.62 16.02
CA GLN D 161 -39.84 8.13 15.55
C GLN D 161 -40.60 7.47 16.68
N GLU D 162 -41.91 7.69 16.72
CA GLU D 162 -42.73 7.04 17.74
C GLU D 162 -42.71 5.52 17.57
N TYR D 163 -42.62 4.80 18.67
CA TYR D 163 -42.81 3.33 18.67
C TYR D 163 -44.12 2.95 19.34
N SER D 164 -44.88 2.06 18.72
CA SER D 164 -46.18 1.64 19.24
C SER D 164 -46.08 0.21 19.79
N ASP D 165 -46.15 0.06 21.11
CA ASP D 165 -46.15 -1.26 21.71
C ASP D 165 -47.45 -1.99 21.29
N LYS D 166 -48.54 -1.25 21.17
CA LYS D 166 -49.81 -1.86 20.74
C LYS D 166 -49.70 -2.48 19.34
N GLU D 167 -49.19 -1.72 18.37
CA GLU D 167 -49.09 -2.24 16.99
C GLU D 167 -47.82 -3.01 16.73
N LYS D 168 -46.94 -3.10 17.72
CA LYS D 168 -45.64 -3.77 17.52
C LYS D 168 -44.89 -3.23 16.31
N LYS D 169 -44.76 -1.91 16.21
CA LYS D 169 -43.99 -1.32 15.10
C LYS D 169 -43.82 0.15 15.33
N LEU D 170 -42.84 0.75 14.62
CA LEU D 170 -42.72 2.20 14.56
C LEU D 170 -43.90 2.77 13.78
N ILE D 171 -44.41 3.91 14.24
CA ILE D 171 -45.58 4.56 13.63
C ILE D 171 -45.30 6.05 13.39
N GLY D 172 -46.17 6.70 12.62
CA GLY D 172 -46.00 8.12 12.35
C GLY D 172 -44.78 8.37 11.49
N LYS D 173 -44.34 9.64 11.45
CA LYS D 173 -43.21 10.01 10.61
C LYS D 173 -41.94 10.05 11.42
N ALA D 174 -40.84 9.69 10.78
CA ALA D 174 -39.52 9.87 11.37
C ALA D 174 -39.03 11.30 11.11
N LYS D 175 -38.31 11.87 12.06
CA LYS D 175 -37.89 13.28 11.99
C LYS D 175 -36.48 13.41 12.51
N ILE D 176 -35.66 14.20 11.83
CA ILE D 176 -34.33 14.55 12.36
C ILE D 176 -34.51 15.61 13.42
N ILE D 177 -34.10 15.31 14.65
CA ILE D 177 -34.36 16.24 15.76
C ILE D 177 -33.09 16.99 16.21
N TYR D 178 -31.93 16.57 15.70
CA TYR D 178 -30.64 17.12 16.17
C TYR D 178 -29.50 16.74 15.22
N LYS D 179 -28.59 17.68 14.97
CA LYS D 179 -27.50 17.47 14.01
C LYS D 179 -26.11 17.33 14.68
N GLY D 180 -26.01 17.54 16.01
CA GLY D 180 -24.75 17.41 16.72
C GLY D 180 -23.88 18.66 16.65
N THR D 181 -22.69 18.61 17.28
CA THR D 181 -21.78 19.74 17.26
C THR D 181 -20.73 19.62 16.15
N ASP D 182 -19.78 20.57 16.13
CA ASP D 182 -18.69 20.51 15.14
C ASP D 182 -17.68 19.36 15.32
N ILE D 183 -17.79 18.63 16.43
CA ILE D 183 -16.93 17.46 16.66
C ILE D 183 -17.40 16.33 15.72
N LYS D 184 -18.70 16.29 15.42
CA LYS D 184 -19.32 15.36 14.45
C LYS D 184 -19.18 13.88 14.94
N TYR D 185 -19.34 12.91 14.03
CA TYR D 185 -19.58 11.49 14.43
C TYR D 185 -20.70 11.37 15.48
N THR D 186 -21.76 12.16 15.30
CA THR D 186 -22.78 12.25 16.35
C THR D 186 -23.56 10.93 16.37
N GLU D 187 -23.50 10.23 17.51
CA GLU D 187 -24.23 8.95 17.60
C GLU D 187 -24.63 8.67 19.05
N GLY D 188 -24.80 7.39 19.38
CA GLY D 188 -25.30 6.98 20.73
C GLY D 188 -26.37 7.83 21.40
N PRO D 189 -27.44 8.20 20.71
CA PRO D 189 -28.45 9.07 21.29
C PRO D 189 -29.22 8.38 22.41
N HIS D 190 -29.36 9.07 23.54
CA HIS D 190 -30.33 8.67 24.58
C HIS D 190 -31.12 9.91 25.00
N ILE D 191 -32.43 9.74 25.23
CA ILE D 191 -33.26 10.80 25.76
C ILE D 191 -33.67 10.50 27.19
N TYR D 192 -33.62 11.52 28.06
CA TYR D 192 -34.08 11.41 29.46
C TYR D 192 -34.97 12.62 29.68
N HIS D 193 -36.20 12.36 30.11
CA HIS D 193 -37.13 13.44 30.44
C HIS D 193 -37.02 13.67 31.93
N ILE D 194 -36.42 14.78 32.31
CA ILE D 194 -36.09 15.01 33.72
C ILE D 194 -36.54 16.42 34.05
N GLY D 195 -37.45 16.58 35.00
CA GLY D 195 -37.96 17.92 35.30
C GLY D 195 -38.52 18.56 34.04
N ASP D 196 -38.15 19.83 33.81
CA ASP D 196 -38.71 20.61 32.71
C ASP D 196 -38.13 20.28 31.33
N TYR D 197 -37.12 19.41 31.28
CA TYR D 197 -36.44 19.20 29.99
C TYR D 197 -36.42 17.77 29.50
N TYR D 198 -36.34 17.65 28.19
CA TYR D 198 -35.81 16.45 27.55
C TYR D 198 -34.31 16.67 27.35
N TYR D 199 -33.50 15.78 27.91
CA TYR D 199 -32.06 15.82 27.70
C TYR D 199 -31.71 14.79 26.66
N LEU D 200 -31.01 15.24 25.62
CA LEU D 200 -30.51 14.32 24.58
C LEU D 200 -28.99 14.18 24.74
N PHE D 201 -28.55 13.00 25.17
CA PHE D 201 -27.11 12.68 25.23
C PHE D 201 -26.68 12.07 23.92
N THR D 202 -25.52 12.50 23.39
CA THR D 202 -24.90 11.83 22.23
C THR D 202 -23.41 11.63 22.45
N ALA D 203 -22.89 10.58 21.84
CA ALA D 203 -21.46 10.38 21.71
C ALA D 203 -21.00 11.13 20.45
N GLU D 204 -19.79 11.65 20.50
CA GLU D 204 -19.23 12.34 19.32
C GLU D 204 -17.74 12.08 19.20
N GLY D 205 -17.23 12.33 17.99
CA GLY D 205 -15.80 12.30 17.71
C GLY D 205 -15.28 10.94 17.26
N GLY D 206 -16.12 9.91 17.38
CA GLY D 206 -15.71 8.55 16.99
C GLY D 206 -15.12 7.85 18.19
N THR D 207 -15.17 6.52 18.20
CA THR D 207 -14.81 5.78 19.43
C THR D 207 -13.31 5.55 19.59
N THR D 208 -12.53 6.56 19.19
CA THR D 208 -11.07 6.53 19.28
C THR D 208 -10.62 7.50 20.37
N TYR D 209 -9.40 8.02 20.28
CA TYR D 209 -8.92 8.97 21.31
C TYR D 209 -9.64 10.30 21.23
N GLU D 210 -10.39 10.48 20.15
CA GLU D 210 -11.19 11.69 19.96
C GLU D 210 -12.63 11.59 20.47
N HIS D 211 -12.94 10.47 21.12
CA HIS D 211 -14.27 10.19 21.65
C HIS D 211 -14.72 11.22 22.70
N SER D 212 -16.00 11.54 22.69
CA SER D 212 -16.59 12.40 23.71
C SER D 212 -18.08 12.09 23.87
N GLU D 213 -18.69 12.79 24.83
CA GLU D 213 -20.13 12.81 25.00
C GLU D 213 -20.55 14.25 25.25
N THR D 214 -21.66 14.63 24.63
CA THR D 214 -22.23 15.96 24.80
C THR D 214 -23.71 15.86 25.15
N VAL D 215 -24.23 16.87 25.85
CA VAL D 215 -25.64 16.90 26.24
C VAL D 215 -26.31 18.12 25.60
N ALA D 216 -27.52 17.93 25.12
CA ALA D 216 -28.32 19.04 24.62
C ALA D 216 -29.68 18.90 25.31
N ARG D 217 -30.44 19.99 25.35
CA ARG D 217 -31.76 19.94 26.00
C ARG D 217 -32.87 20.70 25.26
N SER D 218 -34.10 20.26 25.48
CA SER D 218 -35.24 20.94 24.87
C SER D 218 -36.47 20.83 25.75
N LYS D 219 -37.40 21.77 25.59
CA LYS D 219 -38.65 21.69 26.32
C LYS D 219 -39.54 20.58 25.72
N ASN D 220 -39.35 20.31 24.44
CA ASN D 220 -40.12 19.27 23.78
C ASN D 220 -39.28 18.19 23.12
N ILE D 221 -39.87 17.02 22.94
CA ILE D 221 -39.10 15.87 22.53
C ILE D 221 -38.47 16.06 21.16
N ASP D 222 -39.16 16.73 20.25
CA ASP D 222 -38.62 16.89 18.90
C ASP D 222 -37.77 18.15 18.71
N GLY D 223 -37.37 18.80 19.79
CA GLY D 223 -36.46 19.96 19.66
C GLY D 223 -37.21 21.24 19.37
N PRO D 224 -36.48 22.29 19.00
CA PRO D 224 -35.03 22.24 18.83
C PRO D 224 -34.29 22.05 20.15
N TYR D 225 -33.13 21.41 20.05
CA TYR D 225 -32.30 21.13 21.21
C TYR D 225 -31.20 22.18 21.28
N GLU D 226 -30.98 22.72 22.47
CA GLU D 226 -29.86 23.60 22.67
C GLU D 226 -28.73 22.83 23.31
N ILE D 227 -27.51 23.10 22.83
CA ILE D 227 -26.30 22.39 23.25
C ILE D 227 -25.67 23.03 24.50
N ASP D 228 -25.22 22.21 25.43
CA ASP D 228 -24.49 22.70 26.59
C ASP D 228 -23.38 23.68 26.10
N PRO D 229 -23.38 24.91 26.62
CA PRO D 229 -22.30 25.85 26.29
C PRO D 229 -20.89 25.30 26.66
N GLU D 230 -20.84 24.43 27.67
CA GLU D 230 -19.59 23.81 28.13
C GLU D 230 -19.27 22.44 27.48
N TYR D 231 -19.87 22.15 26.33
CA TYR D 231 -19.62 20.86 25.69
C TYR D 231 -18.13 20.74 25.35
N PRO D 232 -17.63 19.51 25.33
CA PRO D 232 -18.40 18.32 25.73
C PRO D 232 -18.59 18.07 27.23
N LEU D 233 -19.54 17.18 27.56
CA LEU D 233 -19.71 16.68 28.93
C LEU D 233 -18.54 15.86 29.41
N LEU D 234 -17.99 15.04 28.51
CA LEU D 234 -17.04 14.02 28.92
C LEU D 234 -16.11 13.81 27.74
N THR D 235 -14.80 13.87 27.99
CA THR D 235 -13.79 13.53 26.97
C THR D 235 -12.43 13.60 27.60
N SER D 236 -11.51 12.72 27.21
CA SER D 236 -10.13 12.84 27.61
C SER D 236 -9.27 13.17 26.40
N TRP D 237 -9.90 13.56 25.29
CA TRP D 237 -9.12 13.79 24.08
C TRP D 237 -7.94 14.74 24.40
N HIS D 238 -8.20 15.79 25.19
CA HIS D 238 -7.19 16.86 25.40
C HIS D 238 -6.15 16.45 26.44
N ASP D 239 -6.29 15.25 27.00
CA ASP D 239 -5.42 14.81 28.09
C ASP D 239 -4.87 13.42 27.83
N PRO D 240 -3.75 13.38 27.14
CA PRO D 240 -3.19 12.13 26.68
C PRO D 240 -2.61 11.26 27.81
N ARG D 241 -2.50 11.82 29.02
CA ARG D 241 -1.85 11.10 30.13
C ARG D 241 -2.88 10.45 31.06
N ASN D 242 -4.15 10.81 30.90
CA ASN D 242 -5.20 10.33 31.80
C ASN D 242 -5.26 8.80 31.68
N SER D 243 -5.54 8.12 32.79
CA SER D 243 -5.61 6.65 32.81
C SER D 243 -6.74 6.14 31.95
N LEU D 244 -7.82 6.91 31.88
CA LEU D 244 -8.95 6.52 31.07
C LEU D 244 -8.95 7.34 29.77
N GLN D 245 -9.03 6.66 28.63
CA GLN D 245 -9.01 7.32 27.32
C GLN D 245 -10.25 6.95 26.54
N LYS D 246 -10.52 7.61 25.40
CA LYS D 246 -11.69 7.27 24.57
C LYS D 246 -13.04 7.38 25.30
N CYS D 247 -13.15 8.36 26.20
CA CYS D 247 -14.29 8.45 27.12
C CYS D 247 -15.52 8.97 26.41
N GLY D 248 -16.48 8.09 26.21
CA GLY D 248 -17.65 8.43 25.40
C GLY D 248 -18.64 7.29 25.35
N HIS D 249 -19.69 7.52 24.59
CA HIS D 249 -20.79 6.57 24.45
C HIS D 249 -21.40 6.22 25.80
N ALA D 250 -22.00 7.25 26.39
CA ALA D 250 -22.46 7.18 27.79
C ALA D 250 -23.94 6.91 27.94
N SER D 251 -24.34 6.48 29.13
CA SER D 251 -25.76 6.44 29.52
C SER D 251 -25.90 6.86 30.96
N LEU D 252 -27.05 7.42 31.30
CA LEU D 252 -27.26 8.07 32.61
C LEU D 252 -28.20 7.23 33.47
N VAL D 253 -27.88 7.10 34.77
CA VAL D 253 -28.80 6.42 35.69
C VAL D 253 -29.10 7.33 36.89
N HIS D 254 -30.37 7.35 37.31
CA HIS D 254 -30.76 8.02 38.55
C HIS D 254 -31.02 6.93 39.60
N THR D 255 -30.18 6.83 40.63
CA THR D 255 -30.28 5.74 41.61
C THR D 255 -31.53 5.90 42.48
N HIS D 256 -31.96 4.82 43.14
CA HIS D 256 -33.06 4.91 44.09
C HIS D 256 -32.69 5.74 45.33
N THR D 257 -31.42 6.10 45.45
CA THR D 257 -30.96 6.94 46.56
C THR D 257 -30.90 8.39 46.14
N ASP D 258 -31.57 8.71 45.04
CA ASP D 258 -31.53 10.05 44.45
C ASP D 258 -30.09 10.53 44.17
N GLU D 259 -29.27 9.68 43.54
CA GLU D 259 -27.90 10.05 43.12
C GLU D 259 -27.77 9.84 41.61
N TRP D 260 -26.76 10.44 40.97
CA TRP D 260 -26.68 10.43 39.50
C TRP D 260 -25.32 9.90 39.04
N TYR D 261 -25.36 8.91 38.12
CA TYR D 261 -24.12 8.27 37.64
C TYR D 261 -24.19 8.11 36.14
N LEU D 262 -23.01 8.08 35.52
CA LEU D 262 -22.91 8.05 34.06
C LEU D 262 -21.95 6.93 33.66
N ALA D 263 -22.48 5.88 33.03
CA ALA D 263 -21.64 4.75 32.57
C ALA D 263 -21.11 5.19 31.20
N HIS D 264 -19.89 4.82 30.88
CA HIS D 264 -19.33 5.19 29.59
C HIS D 264 -18.22 4.22 29.23
N LEU D 265 -17.87 4.15 27.94
CA LEU D 265 -16.74 3.30 27.58
C LEU D 265 -15.40 4.03 27.74
N VAL D 266 -14.34 3.26 27.83
CA VAL D 266 -12.98 3.81 27.88
C VAL D 266 -12.03 2.81 27.24
N GLY D 267 -10.80 3.23 26.96
CA GLY D 267 -9.72 2.35 26.56
C GLY D 267 -8.58 2.66 27.53
N ARG D 268 -7.83 1.62 27.88
CA ARG D 268 -6.68 1.73 28.76
C ARG D 268 -5.44 1.24 28.00
N PRO D 269 -4.68 2.17 27.44
CA PRO D 269 -3.52 1.77 26.61
C PRO D 269 -2.42 1.05 27.41
N LEU D 270 -1.75 0.11 26.75
CA LEU D 270 -0.49 -0.44 27.23
C LEU D 270 0.47 0.73 27.43
N PRO D 271 1.48 0.58 28.27
CA PRO D 271 2.49 1.64 28.47
C PRO D 271 3.08 2.05 27.10
N VAL D 272 3.17 3.34 26.82
CA VAL D 272 3.67 3.82 25.54
C VAL D 272 5.20 3.84 25.51
N GLY D 273 5.83 3.81 26.68
CA GLY D 273 7.28 3.87 26.79
C GLY D 273 7.79 5.26 26.44
N ASN D 274 9.06 5.33 26.04
CA ASN D 274 9.75 6.60 25.77
C ASN D 274 9.45 7.09 24.35
N GLN D 275 8.18 7.46 24.11
CA GLN D 275 7.70 7.79 22.77
C GLN D 275 6.78 9.02 22.87
N PRO D 276 6.65 9.78 21.80
CA PRO D 276 5.89 11.04 21.88
C PRO D 276 4.42 10.82 22.33
N VAL D 277 4.05 11.42 23.44
CA VAL D 277 2.78 11.14 24.11
C VAL D 277 1.54 11.62 23.35
N LEU D 278 1.71 12.58 22.44
CA LEU D 278 0.58 13.08 21.64
C LEU D 278 0.37 12.23 20.41
N GLU D 279 1.46 11.65 19.92
CA GLU D 279 1.42 10.90 18.67
C GLU D 279 1.01 9.46 18.91
N GLN D 280 1.57 8.86 19.94
CA GLN D 280 1.25 7.49 20.24
C GLN D 280 0.35 7.42 21.47
N ARG D 281 -0.94 7.56 21.21
CA ARG D 281 -1.97 7.63 22.27
C ARG D 281 -2.17 6.26 22.95
N GLY D 282 -1.81 5.18 22.24
CA GLY D 282 -1.82 3.85 22.88
C GLY D 282 -2.49 2.73 22.09
N TYR D 283 -2.11 1.51 22.47
CA TYR D 283 -2.77 0.29 22.00
C TYR D 283 -3.51 -0.38 23.15
N CYS D 284 -4.77 -0.75 22.91
CA CYS D 284 -5.67 -1.26 23.97
C CYS D 284 -6.07 -2.72 23.69
N PRO D 285 -5.28 -3.68 24.14
CA PRO D 285 -5.54 -5.09 23.88
C PRO D 285 -6.79 -5.54 24.64
N LEU D 286 -7.15 -4.85 25.72
CA LEU D 286 -8.40 -5.16 26.44
C LEU D 286 -9.63 -4.51 25.79
N GLY D 287 -9.46 -3.92 24.61
CA GLY D 287 -10.58 -3.32 23.90
C GLY D 287 -11.16 -2.11 24.63
N ARG D 288 -12.46 -1.92 24.50
CA ARG D 288 -13.13 -0.80 25.17
C ARG D 288 -13.85 -1.41 26.36
N GLU D 289 -13.65 -0.81 27.53
CA GLU D 289 -14.17 -1.34 28.79
C GLU D 289 -15.20 -0.35 29.30
N THR D 290 -15.85 -0.65 30.43
CA THR D 290 -16.86 0.26 30.95
C THR D 290 -16.41 0.87 32.27
N SER D 291 -16.55 2.20 32.35
CA SER D 291 -16.30 2.95 33.59
C SER D 291 -17.59 3.69 33.97
N ILE D 292 -17.66 4.24 35.18
CA ILE D 292 -18.83 5.00 35.63
C ILE D 292 -18.34 6.22 36.43
N GLN D 293 -18.95 7.38 36.16
CA GLN D 293 -18.59 8.65 36.79
C GLN D 293 -19.78 9.14 37.60
N ARG D 294 -19.51 9.94 38.62
CA ARG D 294 -20.57 10.60 39.36
C ARG D 294 -20.97 11.86 38.61
N ILE D 295 -22.26 12.15 38.61
CA ILE D 295 -22.82 13.35 38.00
C ILE D 295 -23.34 14.32 39.06
N GLU D 296 -23.14 15.60 38.84
CA GLU D 296 -23.81 16.65 39.63
C GLU D 296 -24.47 17.63 38.66
N TRP D 297 -25.45 18.39 39.15
CA TRP D 297 -26.21 19.27 38.27
C TRP D 297 -25.89 20.69 38.60
N VAL D 298 -25.64 21.48 37.57
CA VAL D 298 -25.36 22.91 37.71
C VAL D 298 -26.18 23.63 36.66
N ASP D 299 -27.08 24.52 37.09
CA ASP D 299 -27.88 25.31 36.17
C ASP D 299 -28.63 24.42 35.18
N ASN D 300 -29.09 23.27 35.66
CA ASN D 300 -29.91 22.37 34.86
C ASN D 300 -29.12 21.71 33.70
N TRP D 301 -27.81 21.66 33.86
CA TRP D 301 -26.95 20.80 33.05
C TRP D 301 -26.23 19.79 33.96
N PRO D 302 -26.07 18.54 33.49
CA PRO D 302 -25.25 17.57 34.20
C PRO D 302 -23.80 17.90 33.95
N ARG D 303 -22.96 17.51 34.89
CA ARG D 303 -21.52 17.77 34.85
C ARG D 303 -20.81 16.59 35.53
N VAL D 304 -19.69 16.17 34.96
CA VAL D 304 -18.95 15.05 35.50
C VAL D 304 -18.13 15.47 36.70
N VAL D 305 -18.44 14.86 37.85
CA VAL D 305 -17.65 15.13 39.04
C VAL D 305 -16.19 14.78 38.82
N GLY D 306 -15.28 15.68 39.15
CA GLY D 306 -13.88 15.37 39.02
C GLY D 306 -13.26 15.81 37.70
N GLY D 307 -14.08 16.32 36.76
CA GLY D 307 -13.53 16.83 35.50
C GLY D 307 -13.94 15.98 34.30
N LYS D 308 -14.05 16.61 33.13
CA LYS D 308 -14.49 15.95 31.90
C LYS D 308 -13.71 14.69 31.51
N GLN D 309 -12.45 14.59 31.92
CA GLN D 309 -11.62 13.49 31.44
C GLN D 309 -12.04 12.13 31.96
N GLY D 310 -12.84 12.10 33.02
CA GLY D 310 -13.18 10.85 33.70
C GLY D 310 -12.14 10.44 34.72
N SER D 311 -12.59 10.01 35.91
CA SER D 311 -11.70 9.62 37.02
C SER D 311 -11.73 8.13 37.27
N VAL D 312 -10.65 7.63 37.83
CA VAL D 312 -10.51 6.22 38.14
C VAL D 312 -11.25 5.89 39.45
N ASN D 313 -11.12 6.78 40.43
CA ASN D 313 -11.73 6.54 41.74
C ASN D 313 -12.91 7.47 41.94
N VAL D 314 -14.07 6.89 42.19
CA VAL D 314 -15.31 7.65 42.14
C VAL D 314 -16.14 7.35 43.38
N GLU D 315 -16.68 8.41 43.99
CA GLU D 315 -17.53 8.27 45.17
C GLU D 315 -18.72 7.37 44.82
N ALA D 316 -18.88 6.29 45.60
CA ALA D 316 -19.99 5.35 45.43
C ALA D 316 -21.30 5.87 46.01
N PRO D 317 -22.42 5.40 45.48
CA PRO D 317 -23.72 5.82 45.99
C PRO D 317 -23.90 5.28 47.40
N LYS D 318 -24.88 5.82 48.11
CA LYS D 318 -25.12 5.47 49.50
C LYS D 318 -26.02 4.24 49.60
N ILE D 319 -25.42 3.09 49.31
CA ILE D 319 -26.07 1.79 49.27
C ILE D 319 -25.14 0.80 49.99
N PRO D 320 -25.71 -0.08 50.81
CA PRO D 320 -24.91 -1.15 51.43
C PRO D 320 -24.17 -1.98 50.39
N GLU D 321 -22.89 -2.24 50.62
CA GLU D 321 -22.09 -2.97 49.64
C GLU D 321 -22.55 -4.41 49.53
N VAL D 322 -22.52 -4.94 48.30
CA VAL D 322 -22.82 -6.35 48.05
C VAL D 322 -21.80 -6.87 47.05
N LYS D 323 -20.92 -7.74 47.52
CA LYS D 323 -19.88 -8.30 46.69
C LYS D 323 -20.40 -9.61 46.12
N TRP D 324 -19.74 -10.07 45.06
CA TRP D 324 -20.18 -11.26 44.32
C TRP D 324 -19.07 -12.29 44.31
N GLU D 325 -19.45 -13.57 44.34
CA GLU D 325 -18.51 -14.63 44.06
C GLU D 325 -18.02 -14.45 42.62
N LYS D 326 -16.80 -14.88 42.36
CA LYS D 326 -16.28 -14.93 40.99
C LYS D 326 -17.21 -15.79 40.12
N THR D 327 -17.39 -15.41 38.86
CA THR D 327 -18.28 -16.17 37.98
C THR D 327 -17.57 -17.27 37.18
N TYR D 328 -16.28 -17.48 37.45
CA TYR D 328 -15.53 -18.61 36.91
C TYR D 328 -14.55 -19.09 37.96
N ASP D 329 -14.06 -20.31 37.77
CA ASP D 329 -12.94 -20.86 38.50
C ASP D 329 -11.67 -20.67 37.72
N GLU D 330 -10.60 -20.38 38.43
CA GLU D 330 -9.33 -20.19 37.76
C GLU D 330 -8.92 -21.42 37.01
N LYS D 331 -9.24 -22.58 37.57
CA LYS D 331 -9.06 -23.82 36.82
C LYS D 331 -10.44 -24.41 36.58
N ASP D 332 -10.90 -24.31 35.33
CA ASP D 332 -12.19 -24.90 34.95
C ASP D 332 -11.95 -26.34 34.47
N ASN D 333 -12.49 -27.33 35.21
CA ASN D 333 -12.25 -28.74 34.90
C ASN D 333 -13.25 -29.36 33.92
N PHE D 334 -14.09 -28.51 33.35
CA PHE D 334 -15.10 -28.91 32.37
C PHE D 334 -15.96 -30.07 32.90
N ASP D 335 -16.35 -29.92 34.17
CA ASP D 335 -17.03 -30.89 35.01
C ASP D 335 -18.52 -30.67 35.05
N SER D 336 -18.99 -29.59 34.44
CA SER D 336 -20.40 -29.27 34.45
C SER D 336 -20.91 -29.39 33.04
N ASP D 337 -22.22 -29.56 32.89
CA ASP D 337 -22.79 -29.71 31.57
C ASP D 337 -23.01 -28.36 30.91
N LYS D 338 -22.82 -27.29 31.66
CA LYS D 338 -23.04 -25.96 31.11
C LYS D 338 -21.71 -25.22 30.95
N LEU D 339 -21.44 -24.71 29.76
CA LEU D 339 -20.19 -24.04 29.48
C LEU D 339 -20.19 -22.71 30.25
N ASN D 340 -19.04 -22.35 30.84
CA ASN D 340 -19.00 -21.13 31.65
C ASN D 340 -19.52 -19.87 30.92
N ILE D 341 -20.20 -19.01 31.67
CA ILE D 341 -20.83 -17.78 31.11
C ILE D 341 -19.75 -16.84 30.54
N ASN D 342 -18.51 -17.01 30.99
CA ASN D 342 -17.41 -16.19 30.48
C ASN D 342 -16.85 -16.66 29.14
N PHE D 343 -17.29 -17.83 28.67
CA PHE D 343 -16.85 -18.31 27.36
C PHE D 343 -17.87 -17.90 26.31
N GLN D 344 -17.38 -17.44 25.15
CA GLN D 344 -18.26 -17.26 23.96
C GLN D 344 -17.64 -17.97 22.78
N SER D 345 -18.38 -18.01 21.68
CA SER D 345 -17.87 -18.58 20.43
C SER D 345 -18.24 -17.58 19.34
N LEU D 346 -17.76 -17.85 18.13
CA LEU D 346 -17.95 -16.92 17.01
C LEU D 346 -19.26 -17.12 16.30
N ARG D 347 -20.05 -16.06 16.32
CA ARG D 347 -21.20 -15.85 15.41
C ARG D 347 -22.47 -16.64 15.59
N ILE D 348 -22.34 -17.95 15.88
CA ILE D 348 -23.52 -18.85 15.85
C ILE D 348 -23.60 -19.68 17.14
N PRO D 349 -24.79 -20.20 17.43
CA PRO D 349 -24.94 -21.10 18.58
C PRO D 349 -24.04 -22.32 18.44
N LEU D 350 -23.41 -22.69 19.55
CA LEU D 350 -22.74 -23.97 19.63
C LEU D 350 -23.79 -25.08 19.54
N THR D 351 -23.43 -26.19 18.91
CA THR D 351 -24.31 -27.33 18.87
C THR D 351 -23.45 -28.47 19.35
N GLU D 352 -24.10 -29.58 19.67
CA GLU D 352 -23.41 -30.81 20.06
C GLU D 352 -22.50 -31.37 18.93
N ASN D 353 -22.69 -30.92 17.68
CA ASN D 353 -21.81 -31.34 16.59
C ASN D 353 -20.51 -30.50 16.51
N ILE D 354 -20.48 -29.42 17.28
CA ILE D 354 -19.30 -28.56 17.31
C ILE D 354 -18.55 -28.71 18.62
N ALA D 355 -19.29 -28.67 19.71
CA ALA D 355 -18.68 -28.74 21.07
C ALA D 355 -19.62 -29.50 21.97
N SER D 356 -19.06 -30.37 22.83
CA SER D 356 -19.88 -31.13 23.76
C SER D 356 -19.18 -31.31 25.10
N LEU D 357 -19.94 -31.11 26.18
CA LEU D 357 -19.46 -31.42 27.55
C LEU D 357 -20.05 -32.76 27.99
N LYS D 358 -20.92 -33.33 27.16
CA LYS D 358 -21.67 -34.59 27.47
C LYS D 358 -20.97 -35.84 26.88
N ALA D 359 -20.24 -35.68 25.79
CA ALA D 359 -19.68 -36.83 25.09
C ALA D 359 -18.67 -37.59 25.93
N LYS D 360 -17.85 -36.85 26.65
CA LYS D 360 -16.89 -37.43 27.59
C LYS D 360 -16.83 -36.54 28.80
N LYS D 361 -17.56 -36.93 29.84
CA LYS D 361 -17.71 -36.09 31.03
C LYS D 361 -16.32 -35.73 31.57
N GLY D 362 -16.16 -34.48 32.01
CA GLY D 362 -14.85 -34.00 32.51
C GLY D 362 -13.93 -33.46 31.41
N ASN D 363 -14.44 -33.46 30.17
CA ASN D 363 -13.70 -32.87 29.04
C ASN D 363 -14.64 -32.02 28.23
N LEU D 364 -14.10 -31.00 27.55
CA LEU D 364 -14.83 -30.31 26.50
C LEU D 364 -14.34 -30.94 25.21
N ARG D 365 -15.24 -31.57 24.47
CA ARG D 365 -14.90 -32.17 23.18
C ARG D 365 -15.25 -31.20 22.05
N LEU D 366 -14.26 -30.79 21.29
CA LEU D 366 -14.44 -29.92 20.15
C LEU D 366 -14.25 -30.78 18.92
N TYR D 367 -15.29 -30.89 18.11
CA TYR D 367 -15.19 -31.62 16.83
C TYR D 367 -14.73 -30.67 15.71
N GLY D 368 -13.60 -30.98 15.09
CA GLY D 368 -12.91 -30.01 14.24
C GLY D 368 -13.82 -29.42 13.18
N LYS D 369 -13.75 -28.08 13.00
CA LYS D 369 -14.49 -27.45 11.94
C LYS D 369 -13.55 -26.54 11.12
N GLU D 370 -13.98 -25.34 10.76
CA GLU D 370 -13.23 -24.52 9.83
C GLU D 370 -12.07 -23.74 10.48
N SER D 371 -11.21 -23.15 9.65
CA SER D 371 -9.97 -22.57 10.15
C SER D 371 -10.24 -21.31 10.95
N LEU D 372 -9.18 -20.79 11.57
CA LEU D 372 -9.16 -19.53 12.30
C LEU D 372 -9.50 -18.33 11.44
N THR D 373 -9.51 -18.53 10.12
CA THR D 373 -9.87 -17.40 9.22
C THR D 373 -11.32 -17.38 8.77
N SER D 374 -12.11 -18.34 9.23
CA SER D 374 -13.47 -18.50 8.74
C SER D 374 -14.49 -17.64 9.49
N THR D 375 -15.35 -16.96 8.73
CA THR D 375 -16.47 -16.21 9.34
C THR D 375 -17.76 -17.06 9.39
N PHE D 376 -17.64 -18.37 9.18
CA PHE D 376 -18.78 -19.26 9.29
C PHE D 376 -18.77 -20.12 10.54
N THR D 377 -18.20 -21.32 10.47
CA THR D 377 -18.25 -22.22 11.64
C THR D 377 -16.87 -22.63 12.16
N GLN D 378 -16.47 -22.05 13.29
CA GLN D 378 -15.23 -22.47 13.99
C GLN D 378 -15.57 -23.18 15.28
N ALA D 379 -14.92 -24.32 15.50
CA ALA D 379 -15.06 -25.10 16.73
C ALA D 379 -14.07 -24.44 17.70
N PHE D 380 -14.50 -23.35 18.33
CA PHE D 380 -13.56 -22.42 19.01
C PHE D 380 -14.35 -21.73 20.11
N ILE D 381 -13.91 -21.87 21.35
CA ILE D 381 -14.52 -21.11 22.48
C ILE D 381 -13.45 -20.26 23.12
N ALA D 382 -13.82 -19.05 23.57
CA ALA D 382 -12.79 -18.16 24.11
C ALA D 382 -13.36 -17.24 25.18
N ARG D 383 -12.48 -16.66 25.99
CA ARG D 383 -12.87 -15.69 27.01
C ARG D 383 -11.95 -14.45 26.85
N ARG D 384 -12.41 -13.29 27.38
CA ARG D 384 -11.73 -12.03 27.22
C ARG D 384 -10.41 -12.00 27.97
N TRP D 385 -9.39 -11.39 27.36
CA TRP D 385 -8.28 -10.86 28.19
C TRP D 385 -8.93 -9.81 29.08
N GLN D 386 -8.73 -9.92 30.38
CA GLN D 386 -9.31 -8.92 31.30
C GLN D 386 -8.23 -8.30 32.21
N SER D 387 -6.99 -8.58 31.89
CA SER D 387 -5.86 -7.97 32.55
C SER D 387 -4.69 -7.92 31.58
N PHE D 388 -3.75 -7.00 31.82
CA PHE D 388 -2.51 -6.98 31.02
C PHE D 388 -1.54 -8.12 31.39
N LYS D 389 -1.71 -8.71 32.57
CA LYS D 389 -0.81 -9.79 32.99
C LYS D 389 -1.61 -10.99 33.48
N PHE D 390 -1.44 -12.14 32.81
CA PHE D 390 -2.14 -13.35 33.23
C PHE D 390 -1.54 -14.57 32.60
N ASP D 391 -1.91 -15.73 33.13
CA ASP D 391 -1.60 -17.01 32.49
C ASP D 391 -2.91 -17.67 32.09
N ALA D 392 -2.87 -18.36 30.95
CA ALA D 392 -4.01 -19.21 30.55
C ALA D 392 -3.41 -20.51 30.03
N SER D 393 -4.09 -21.61 30.29
CA SER D 393 -3.56 -22.91 29.86
C SER D 393 -4.69 -23.89 29.72
N THR D 394 -4.37 -25.00 29.06
CA THR D 394 -5.35 -26.04 28.81
C THR D 394 -4.53 -27.31 28.62
N SER D 395 -5.19 -28.45 28.53
CA SER D 395 -4.53 -29.64 28.02
C SER D 395 -5.46 -30.31 27.05
N VAL D 396 -4.89 -30.95 26.04
CA VAL D 396 -5.67 -31.47 24.97
C VAL D 396 -5.18 -32.85 24.57
N SER D 397 -6.16 -33.73 24.33
CA SER D 397 -5.91 -35.05 23.77
C SER D 397 -6.41 -35.01 22.32
N PHE D 398 -5.51 -35.29 21.37
CA PHE D 398 -5.84 -35.11 19.94
C PHE D 398 -4.91 -36.01 19.12
N SER D 399 -5.45 -36.68 18.10
CA SER D 399 -4.68 -37.62 17.28
C SER D 399 -4.77 -37.27 15.79
N PRO D 400 -4.18 -36.15 15.39
CA PRO D 400 -4.24 -35.71 13.98
C PRO D 400 -3.43 -36.65 13.10
N ASP D 401 -3.90 -36.92 11.88
CA ASP D 401 -3.13 -37.72 10.96
C ASP D 401 -2.81 -36.93 9.68
N THR D 402 -3.00 -35.61 9.75
CA THR D 402 -2.72 -34.74 8.60
C THR D 402 -2.54 -33.31 9.10
N PHE D 403 -1.78 -32.51 8.35
CA PHE D 403 -1.59 -31.10 8.71
C PHE D 403 -2.92 -30.36 8.55
N GLN D 404 -3.90 -30.98 7.92
CA GLN D 404 -5.28 -30.43 7.91
C GLN D 404 -6.03 -30.50 9.25
N GLN D 405 -5.40 -31.09 10.27
CA GLN D 405 -6.04 -31.19 11.57
C GLN D 405 -5.13 -30.57 12.61
N ALA D 406 -5.71 -29.74 13.47
CA ALA D 406 -4.95 -29.00 14.45
C ALA D 406 -5.86 -28.58 15.59
N ALA D 407 -5.36 -28.67 16.82
CA ALA D 407 -6.12 -28.23 18.00
C ALA D 407 -5.18 -27.58 18.99
N GLY D 408 -5.62 -26.51 19.62
CA GLY D 408 -4.72 -25.80 20.52
C GLY D 408 -5.28 -24.61 21.27
N LEU D 409 -4.36 -23.74 21.66
CA LEU D 409 -4.65 -22.60 22.52
C LEU D 409 -4.34 -21.41 21.67
N THR D 410 -5.25 -20.45 21.69
CA THR D 410 -5.21 -19.36 20.74
C THR D 410 -5.50 -18.04 21.41
N CYS D 411 -4.67 -17.05 21.05
CA CYS D 411 -4.98 -15.65 21.39
C CYS D 411 -5.48 -15.00 20.11
N TYR D 412 -6.62 -14.31 20.19
CA TYR D 412 -7.35 -14.03 18.95
C TYR D 412 -8.05 -12.69 19.06
N TYR D 413 -8.01 -11.91 17.97
CA TYR D 413 -8.74 -10.67 17.91
C TYR D 413 -9.83 -10.83 16.83
N ASN D 414 -9.40 -11.14 15.61
CA ASN D 414 -10.35 -11.40 14.52
C ASN D 414 -9.75 -12.37 13.51
N THR D 415 -10.44 -12.61 12.39
CA THR D 415 -9.98 -13.68 11.49
C THR D 415 -8.63 -13.40 10.84
N GLU D 416 -8.15 -12.17 10.92
CA GLU D 416 -6.84 -11.83 10.35
C GLU D 416 -5.84 -11.30 11.39
N ASN D 417 -6.11 -11.62 12.66
CA ASN D 417 -5.23 -11.20 13.76
C ASN D 417 -5.37 -12.18 14.90
N TRP D 418 -4.41 -13.11 14.96
CA TRP D 418 -4.35 -14.14 15.99
C TRP D 418 -3.00 -14.81 16.03
N SER D 419 -2.78 -15.62 17.06
CA SER D 419 -1.64 -16.52 17.10
C SER D 419 -2.13 -17.74 17.87
N THR D 420 -1.41 -18.87 17.68
CA THR D 420 -1.83 -20.12 18.30
C THR D 420 -0.68 -21.08 18.46
N ILE D 421 -0.71 -21.85 19.54
CA ILE D 421 0.11 -23.07 19.68
C ILE D 421 -0.83 -24.28 19.53
N GLN D 422 -0.41 -25.24 18.69
CA GLN D 422 -1.30 -26.29 18.17
C GLN D 422 -0.63 -27.66 18.30
N VAL D 423 -1.44 -28.66 18.58
CA VAL D 423 -1.08 -30.04 18.32
C VAL D 423 -1.53 -30.34 16.89
N THR D 424 -0.59 -30.70 16.04
CA THR D 424 -0.95 -31.05 14.67
C THR D 424 -0.02 -32.17 14.19
N TRP D 425 0.16 -32.32 12.89
CA TRP D 425 0.85 -33.49 12.33
C TRP D 425 1.73 -33.08 11.14
N ASN D 426 2.84 -33.82 11.00
CA ASN D 426 3.83 -33.60 9.97
C ASN D 426 4.20 -34.95 9.33
N GLU D 427 4.55 -34.94 8.04
CA GLU D 427 4.82 -36.16 7.30
C GLU D 427 6.00 -36.94 7.88
N ASP D 428 7.04 -36.22 8.26
CA ASP D 428 8.27 -36.83 8.74
C ASP D 428 8.30 -37.07 10.25
N LYS D 429 7.52 -36.32 11.03
CA LYS D 429 7.71 -36.37 12.51
C LYS D 429 6.47 -36.85 13.23
N GLY D 430 5.37 -36.99 12.50
CA GLY D 430 4.10 -37.44 13.08
C GLY D 430 3.48 -36.30 13.89
N ARG D 431 2.94 -36.61 15.07
CA ARG D 431 2.30 -35.59 15.89
C ARG D 431 3.36 -34.59 16.39
N VAL D 432 3.10 -33.29 16.21
CA VAL D 432 4.05 -32.23 16.61
C VAL D 432 3.31 -31.01 17.21
N ILE D 433 4.05 -30.22 17.96
CA ILE D 433 3.58 -28.93 18.43
C ILE D 433 4.10 -27.88 17.46
N ASP D 434 3.23 -26.94 17.09
CA ASP D 434 3.60 -25.95 16.09
C ASP D 434 3.00 -24.57 16.44
N ILE D 435 3.50 -23.52 15.78
CA ILE D 435 3.01 -22.17 16.03
C ILE D 435 2.47 -21.61 14.71
N VAL D 436 1.29 -20.99 14.78
CA VAL D 436 0.79 -20.29 13.60
C VAL D 436 0.31 -18.92 13.99
N CYS D 437 0.46 -17.94 13.10
CA CYS D 437 -0.07 -16.62 13.42
C CYS D 437 -0.44 -15.81 12.19
N CYS D 438 -1.24 -14.77 12.44
CA CYS D 438 -1.69 -13.87 11.39
C CYS D 438 -1.66 -12.47 11.97
N ASP D 439 -0.98 -11.57 11.27
CA ASP D 439 -0.77 -10.18 11.70
C ASP D 439 -1.32 -9.31 10.57
N ASN D 440 -2.52 -8.76 10.77
CA ASN D 440 -3.22 -8.05 9.66
C ASN D 440 -3.10 -8.78 8.30
N PHE D 441 -3.51 -10.04 8.30
CA PHE D 441 -3.60 -10.86 7.07
C PHE D 441 -2.22 -11.26 6.56
N HIS D 442 -1.17 -10.96 7.33
CA HIS D 442 0.12 -11.57 7.00
C HIS D 442 0.33 -12.87 7.82
N PHE D 443 0.37 -14.01 7.15
CA PHE D 443 0.45 -15.30 7.89
C PHE D 443 1.88 -15.75 8.03
N ASP D 444 2.15 -16.46 9.13
CA ASP D 444 3.46 -17.03 9.33
C ASP D 444 3.42 -18.22 10.26
N MET D 445 4.41 -19.09 10.10
CA MET D 445 4.61 -20.29 10.90
C MET D 445 6.12 -20.29 11.23
N PRO D 446 6.46 -19.50 12.27
CA PRO D 446 7.84 -19.09 12.54
C PRO D 446 8.77 -20.24 12.93
N LEU D 447 8.23 -21.37 13.37
CA LEU D 447 9.08 -22.49 13.78
C LEU D 447 9.66 -23.20 12.57
N LYS D 448 8.97 -23.07 11.44
CA LYS D 448 9.38 -23.69 10.19
C LYS D 448 9.59 -25.19 10.44
N SER D 449 10.79 -25.72 10.20
CA SER D 449 10.94 -27.16 10.38
C SER D 449 11.18 -27.56 11.84
N ASN D 450 11.39 -26.58 12.71
CA ASN D 450 11.69 -26.84 14.12
C ASN D 450 10.44 -27.01 15.00
N VAL D 451 9.47 -27.76 14.48
CA VAL D 451 8.33 -28.18 15.27
C VAL D 451 8.79 -29.16 16.34
N ILE D 452 7.96 -29.35 17.35
CA ILE D 452 8.34 -30.17 18.49
C ILE D 452 7.59 -31.47 18.46
N PRO D 453 8.32 -32.58 18.29
CA PRO D 453 7.69 -33.87 18.22
C PRO D 453 7.02 -34.18 19.55
N ILE D 454 5.85 -34.79 19.47
CA ILE D 454 5.11 -35.26 20.65
C ILE D 454 5.21 -36.80 20.73
N PRO D 455 5.71 -37.34 21.85
CA PRO D 455 5.79 -38.81 22.01
C PRO D 455 4.44 -39.50 21.84
N LYS D 456 4.45 -40.66 21.20
CA LYS D 456 3.19 -41.41 20.95
C LYS D 456 2.42 -41.73 22.21
N ASP D 457 3.13 -41.89 23.32
CA ASP D 457 2.44 -42.21 24.56
C ASP D 457 1.92 -41.02 25.35
N VAL D 458 1.96 -39.79 24.82
CA VAL D 458 1.42 -38.70 25.62
C VAL D 458 -0.07 -38.58 25.32
N GLU D 459 -0.91 -38.68 26.33
CA GLU D 459 -2.34 -38.54 26.07
C GLU D 459 -2.80 -37.07 26.02
N TYR D 460 -2.62 -36.34 27.11
CA TYR D 460 -2.98 -34.92 27.10
C TYR D 460 -1.74 -34.05 27.03
N ILE D 461 -1.73 -33.15 26.05
CA ILE D 461 -0.61 -32.21 25.89
C ILE D 461 -1.05 -30.91 26.49
N HIS D 462 -0.27 -30.44 27.45
CA HIS D 462 -0.58 -29.19 28.15
C HIS D 462 0.01 -28.01 27.38
N LEU D 463 -0.78 -26.94 27.26
CA LEU D 463 -0.37 -25.75 26.51
C LEU D 463 -0.69 -24.54 27.36
N LYS D 464 0.19 -23.54 27.31
CA LYS D 464 0.04 -22.36 28.17
C LYS D 464 0.46 -21.11 27.42
N VAL D 465 -0.19 -19.99 27.73
CA VAL D 465 0.28 -18.69 27.26
C VAL D 465 0.53 -17.86 28.52
N GLU D 466 1.65 -17.16 28.51
CA GLU D 466 1.99 -16.21 29.59
C GLU D 466 1.96 -14.84 28.97
N VAL D 467 0.98 -14.05 29.41
CA VAL D 467 0.79 -12.68 28.92
C VAL D 467 1.42 -11.72 29.93
N ARG D 468 2.37 -10.92 29.46
CA ARG D 468 3.20 -10.09 30.30
C ARG D 468 3.25 -8.67 29.75
N VAL D 469 2.10 -7.99 29.80
CA VAL D 469 1.97 -6.59 29.32
C VAL D 469 2.34 -6.47 27.82
N GLU D 470 3.53 -5.97 27.49
CA GLU D 470 3.89 -5.72 26.09
C GLU D 470 3.99 -7.03 25.27
N THR D 471 4.33 -8.12 25.91
CA THR D 471 4.52 -9.36 25.11
C THR D 471 3.88 -10.58 25.74
N TYR D 472 3.75 -11.63 24.93
CA TYR D 472 3.28 -12.89 25.44
C TYR D 472 3.96 -14.01 24.68
N GLN D 473 3.92 -15.22 25.26
CA GLN D 473 4.68 -16.34 24.75
C GLN D 473 4.00 -17.65 25.19
N TYR D 474 4.09 -18.66 24.33
CA TYR D 474 3.48 -19.94 24.61
C TYR D 474 4.53 -20.91 25.15
N SER D 475 4.04 -21.88 25.91
CA SER D 475 4.84 -22.97 26.44
C SER D 475 4.02 -24.25 26.31
N TYR D 476 4.69 -25.39 26.41
CA TYR D 476 3.97 -26.66 26.49
C TYR D 476 4.57 -27.58 27.56
N SER D 477 3.81 -28.62 27.89
CA SER D 477 4.27 -29.61 28.85
C SER D 477 3.62 -30.94 28.51
N PHE D 478 4.39 -32.03 28.64
CA PHE D 478 3.82 -33.36 28.53
C PHE D 478 3.40 -33.98 29.86
N ASP D 479 3.73 -33.33 30.96
CA ASP D 479 3.38 -33.89 32.24
C ASP D 479 2.56 -32.97 33.12
N GLY D 480 2.35 -31.74 32.67
CA GLY D 480 1.55 -30.80 33.43
C GLY D 480 2.33 -30.10 34.52
N ILE D 481 3.62 -30.45 34.67
CA ILE D 481 4.44 -29.89 35.75
C ILE D 481 5.62 -29.12 35.20
N ASN D 482 6.33 -29.75 34.28
CA ASN D 482 7.52 -29.18 33.67
C ASN D 482 7.18 -28.58 32.31
N TRP D 483 7.36 -27.27 32.21
CA TRP D 483 7.03 -26.51 31.01
C TRP D 483 8.25 -26.18 30.16
N SER D 484 8.06 -26.17 28.85
CA SER D 484 9.09 -25.73 27.94
C SER D 484 8.59 -24.53 27.12
N LYS D 485 9.38 -23.45 27.08
CA LYS D 485 8.94 -22.29 26.31
C LYS D 485 9.17 -22.54 24.84
N VAL D 486 8.28 -22.02 23.99
CA VAL D 486 8.46 -22.13 22.56
C VAL D 486 8.95 -20.78 22.09
N PRO D 487 10.03 -20.76 21.32
CA PRO D 487 10.72 -19.51 20.95
C PRO D 487 9.97 -18.71 19.87
N ALA D 488 8.82 -18.19 20.25
CA ALA D 488 8.14 -17.22 19.41
C ALA D 488 7.45 -16.25 20.35
N ILE D 489 7.93 -15.01 20.35
CA ILE D 489 7.41 -14.03 21.28
C ILE D 489 6.52 -13.05 20.53
N PHE D 490 5.30 -12.88 21.04
CA PHE D 490 4.28 -12.05 20.39
C PHE D 490 4.04 -10.71 21.08
N GLU D 491 3.66 -9.70 20.30
CA GLU D 491 3.36 -8.34 20.85
C GLU D 491 1.87 -8.22 21.18
N SER D 492 1.57 -7.92 22.44
CA SER D 492 0.18 -7.79 22.89
C SER D 492 -0.53 -6.67 22.11
N ARG D 493 0.20 -5.63 21.72
CA ARG D 493 -0.46 -4.50 21.08
C ARG D 493 -1.06 -4.95 19.77
N LYS D 494 -0.58 -6.07 19.23
CA LYS D 494 -1.11 -6.47 17.90
C LYS D 494 -2.48 -7.14 18.00
N LEU D 495 -2.95 -7.36 19.23
CA LEU D 495 -4.31 -7.86 19.42
C LEU D 495 -5.15 -6.73 20.03
N SER D 496 -4.99 -5.52 19.47
CA SER D 496 -5.73 -4.36 20.01
C SER D 496 -6.58 -3.64 18.97
N ASP D 497 -7.60 -2.93 19.45
CA ASP D 497 -8.51 -2.14 18.59
C ASP D 497 -7.66 -1.21 17.73
N ASP D 498 -6.56 -0.72 18.31
CA ASP D 498 -5.77 0.35 17.69
C ASP D 498 -4.86 -0.14 16.60
N TYR D 499 -4.56 -1.44 16.63
CA TYR D 499 -3.63 -2.01 15.69
C TYR D 499 -4.34 -2.60 14.49
N VAL D 500 -5.49 -3.22 14.74
CA VAL D 500 -6.06 -4.06 13.66
C VAL D 500 -6.58 -3.21 12.51
N GLN D 501 -6.40 -3.70 11.28
CA GLN D 501 -6.78 -2.91 10.08
C GLN D 501 -8.28 -3.08 9.79
N GLY D 502 -8.86 -2.20 8.97
CA GLY D 502 -10.26 -2.37 8.56
C GLY D 502 -11.24 -1.44 9.27
N GLY D 503 -12.48 -1.40 8.79
CA GLY D 503 -13.48 -0.49 9.35
C GLY D 503 -14.06 -0.86 10.71
N GLY D 504 -13.95 -2.14 11.07
CA GLY D 504 -14.55 -2.60 12.33
C GLY D 504 -13.39 -2.99 13.24
N PHE D 505 -13.23 -2.25 14.33
CA PHE D 505 -12.10 -2.45 15.24
C PHE D 505 -12.60 -2.34 16.67
N PHE D 506 -13.61 -3.14 16.99
CA PHE D 506 -14.55 -2.84 18.05
C PHE D 506 -14.68 -3.90 19.15
N THR D 507 -13.80 -4.90 19.16
CA THR D 507 -13.92 -5.95 20.16
C THR D 507 -12.80 -5.91 21.16
N GLY D 508 -11.78 -6.74 20.97
CA GLY D 508 -10.72 -6.83 21.99
C GLY D 508 -10.14 -8.22 21.95
N ALA D 509 -9.04 -8.39 22.69
CA ALA D 509 -8.32 -9.65 22.74
C ALA D 509 -9.07 -10.71 23.55
N PHE D 510 -9.04 -11.93 23.01
CA PHE D 510 -9.56 -13.13 23.64
C PHE D 510 -8.45 -14.20 23.76
N VAL D 511 -8.65 -15.13 24.68
CA VAL D 511 -7.83 -16.38 24.71
C VAL D 511 -8.77 -17.59 24.80
N GLY D 512 -8.50 -18.63 24.02
CA GLY D 512 -9.39 -19.76 24.01
C GLY D 512 -8.81 -21.00 23.39
N ILE D 513 -9.68 -21.96 23.11
CA ILE D 513 -9.23 -23.25 22.60
C ILE D 513 -10.07 -23.62 21.40
N ASN D 514 -9.42 -24.25 20.42
CA ASN D 514 -10.10 -24.60 19.19
C ASN D 514 -9.63 -25.89 18.56
N CYS D 515 -10.40 -26.35 17.59
CA CYS D 515 -10.04 -27.57 16.84
C CYS D 515 -10.41 -27.36 15.38
N ILE D 516 -9.41 -27.51 14.53
CA ILE D 516 -9.60 -27.37 13.09
C ILE D 516 -9.51 -28.73 12.42
N ASP D 517 -10.45 -29.06 11.53
CA ASP D 517 -10.34 -30.23 10.67
C ASP D 517 -10.86 -29.90 9.28
N ILE D 518 -9.93 -29.55 8.41
CA ILE D 518 -10.26 -29.19 7.04
C ILE D 518 -10.79 -30.40 6.25
N THR D 519 -10.41 -31.64 6.66
CA THR D 519 -10.76 -32.80 5.82
C THR D 519 -12.27 -32.99 5.70
N GLY D 520 -13.02 -32.54 6.72
CA GLY D 520 -14.44 -32.83 6.87
C GLY D 520 -14.75 -34.05 7.75
N ASN D 521 -13.71 -34.65 8.33
CA ASN D 521 -13.89 -35.80 9.27
C ASN D 521 -14.32 -35.43 10.71
N ASN D 522 -14.37 -34.15 11.03
CA ASN D 522 -14.85 -33.70 12.34
C ASN D 522 -14.09 -34.33 13.48
N LYS D 523 -12.78 -34.48 13.28
CA LYS D 523 -11.94 -35.12 14.28
C LYS D 523 -12.06 -34.42 15.65
N PRO D 524 -12.37 -35.20 16.69
CA PRO D 524 -12.51 -34.66 18.04
C PRO D 524 -11.19 -34.36 18.74
N ALA D 525 -11.14 -33.22 19.45
CA ALA D 525 -10.05 -32.91 20.39
C ALA D 525 -10.70 -32.77 21.76
N ASP D 526 -10.10 -33.43 22.76
CA ASP D 526 -10.67 -33.44 24.13
C ASP D 526 -9.86 -32.54 25.04
N PHE D 527 -10.48 -31.51 25.61
CA PHE D 527 -9.74 -30.56 26.42
C PHE D 527 -10.14 -30.86 27.87
N ASP D 528 -9.14 -31.13 28.69
CA ASP D 528 -9.40 -31.53 30.06
C ASP D 528 -9.71 -30.34 30.98
N TYR D 529 -9.14 -29.17 30.69
CA TYR D 529 -9.38 -28.04 31.55
C TYR D 529 -9.06 -26.78 30.79
N PHE D 530 -9.51 -25.66 31.37
CA PHE D 530 -9.08 -24.36 30.91
C PHE D 530 -8.78 -23.44 32.10
N CYS D 531 -7.53 -23.02 32.19
CA CYS D 531 -7.13 -22.14 33.30
C CYS D 531 -7.00 -20.71 32.81
N TYR D 532 -7.42 -19.78 33.65
CA TYR D 532 -7.21 -18.36 33.44
C TYR D 532 -6.94 -17.74 34.81
N LYS D 533 -5.72 -17.23 34.98
CA LYS D 533 -5.33 -16.63 36.27
C LYS D 533 -4.58 -15.29 36.08
N GLU D 534 -5.23 -14.21 36.52
CA GLU D 534 -4.65 -12.90 36.41
C GLU D 534 -3.61 -12.70 37.51
N GLU D 535 -2.56 -11.95 37.20
CA GLU D 535 -1.43 -11.80 38.12
C GLU D 535 -1.52 -10.47 38.84
CA CA E . 47.00 -5.72 6.12
S SO4 F . 38.92 -12.95 -11.85
O1 SO4 F . 37.82 -12.18 -11.27
O2 SO4 F . 38.72 -14.37 -11.51
O3 SO4 F . 40.18 -12.44 -11.30
O4 SO4 F . 38.91 -12.86 -13.33
S SO4 G . 38.78 16.21 -12.54
O1 SO4 G . 37.39 15.77 -12.56
O2 SO4 G . 38.86 17.59 -12.08
O3 SO4 G . 39.33 16.11 -13.91
O4 SO4 G . 39.53 15.33 -11.62
N1 EPE H . 12.43 15.68 -33.97
C2 EPE H . 11.04 16.17 -33.96
C3 EPE H . 10.05 15.10 -33.43
N4 EPE H . 10.39 13.70 -33.74
C5 EPE H . 11.79 13.31 -33.83
C6 EPE H . 12.58 14.36 -34.61
C7 EPE H . 9.46 12.69 -33.26
C8 EPE H . 8.01 13.20 -33.27
O8 EPE H . 7.59 13.16 -34.64
C9 EPE H . 13.27 16.64 -34.71
C10 EPE H . 14.75 16.47 -34.35
S EPE H . 15.68 17.92 -34.92
O1S EPE H . 15.49 18.98 -33.94
O2S EPE H . 15.19 18.25 -36.28
O3S EPE H . 17.09 17.51 -34.85
C1 PGE I . 24.02 -9.72 -47.45
O1 PGE I . 25.19 -9.25 -48.12
C2 PGE I . 24.20 -9.65 -45.94
O2 PGE I . 25.29 -10.50 -45.51
C3 PGE I . 25.25 -10.67 -44.09
C4 PGE I . 26.52 -11.36 -43.65
O4 PGE I . 27.36 -15.06 -45.30
C6 PGE I . 27.47 -14.92 -43.88
C5 PGE I . 27.57 -13.45 -43.49
O3 PGE I . 26.51 -12.71 -44.09
C1 GOL J . 19.58 -0.23 -20.26
O1 GOL J . 20.55 0.82 -20.35
C2 GOL J . 18.71 -0.25 -18.99
O2 GOL J . 17.88 -1.41 -18.82
C3 GOL J . 19.71 -0.30 -17.88
O3 GOL J . 20.39 -1.52 -18.01
C1 GOL K . 30.01 14.83 -17.70
O1 GOL K . 30.89 15.95 -17.66
C2 GOL K . 29.57 14.49 -16.27
O2 GOL K . 29.00 15.62 -15.61
C3 GOL K . 28.47 13.41 -16.30
O3 GOL K . 28.16 13.05 -14.95
C1 GOL L . 14.90 -1.51 -19.60
O1 GOL L . 15.67 -0.38 -19.95
C2 GOL L . 13.68 -0.86 -18.93
O2 GOL L . 12.60 -0.83 -19.83
C3 GOL L . 13.26 -1.69 -17.74
O3 GOL L . 12.97 -2.95 -18.27
C1 GOL M . 3.97 -24.83 -20.47
O1 GOL M . 3.19 -23.68 -20.33
C2 GOL M . 5.31 -24.66 -19.77
O2 GOL M . 5.74 -25.95 -19.38
C3 GOL M . 6.24 -24.06 -20.83
O3 GOL M . 7.59 -24.30 -20.54
CA CA N . 8.67 42.38 -20.63
S SO4 O . -6.96 36.61 18.45
O1 SO4 O . -8.14 36.76 17.59
O2 SO4 O . -7.30 36.51 19.86
O3 SO4 O . -6.14 37.81 18.25
O4 SO4 O . -6.29 35.36 18.03
S SO4 P . 5.54 42.15 0.06
O1 SO4 P . 5.62 40.71 -0.21
O2 SO4 P . 4.15 42.64 -0.10
O3 SO4 P . 6.43 42.83 -0.90
O4 SO4 P . 5.92 42.43 1.44
N1 EPE Q . 29.66 12.00 22.89
C2 EPE Q . 29.62 10.59 23.31
C3 EPE Q . 28.20 10.00 23.27
N4 EPE Q . 27.16 10.86 23.86
C5 EPE Q . 27.25 12.27 23.52
C6 EPE Q . 28.68 12.82 23.61
C7 EPE Q . 25.80 10.32 23.85
C8 EPE Q . 25.64 8.92 24.45
O8 EPE Q . 25.93 8.99 25.85
C9 EPE Q . 30.98 12.56 23.23
C10 EPE Q . 31.24 13.77 22.37
S EPE Q . 33.01 14.13 22.44
O1S EPE Q . 33.70 13.28 21.48
O2S EPE Q . 33.46 13.86 23.82
O3S EPE Q . 33.14 15.55 22.06
C1 GOL R . 29.15 23.91 2.28
O1 GOL R . 30.35 24.31 1.64
C2 GOL R . 28.17 23.40 1.20
O2 GOL R . 28.79 22.36 0.41
C3 GOL R . 26.91 22.81 1.84
O3 GOL R . 25.94 22.57 0.81
C1 GOL S . 13.31 21.85 11.61
O1 GOL S . 14.61 22.21 11.16
C2 GOL S . 12.60 20.83 10.73
O2 GOL S . 11.29 20.47 11.21
C3 GOL S . 12.49 21.61 9.46
O3 GOL S . 11.57 22.65 9.58
C1 GOL T . 11.52 17.29 12.29
O1 GOL T . 11.53 16.18 11.41
C2 GOL T . 10.30 17.14 13.17
O2 GOL T . 9.72 18.43 13.26
C3 GOL T . 9.32 16.12 12.58
O3 GOL T . 8.03 16.67 12.49
C1 GOL U . -12.08 20.20 21.53
O1 GOL U . -11.69 21.56 21.56
C2 GOL U . -13.43 20.01 22.18
O2 GOL U . -14.47 20.59 21.40
C3 GOL U . -13.65 18.52 22.33
O3 GOL U . -12.60 17.96 23.08
CA CA V . -43.94 -4.43 -18.60
N1 EPE W . -4.76 -38.73 4.94
C2 EPE W . -3.56 -38.56 5.75
C3 EPE W . -2.61 -37.53 5.18
N4 EPE W . -2.43 -37.56 3.74
C5 EPE W . -3.62 -37.84 2.94
C6 EPE W . -4.43 -39.02 3.52
C7 EPE W . -1.62 -36.44 3.24
C8 EPE W . -0.32 -36.26 4.02
O8 EPE W . 0.50 -37.41 3.87
C9 EPE W . -5.45 -39.88 5.52
C10 EPE W . -6.83 -39.88 4.91
S EPE W . -7.79 -41.17 5.71
O1S EPE W . -8.22 -40.62 7.00
O2S EPE W . -6.90 -42.37 5.84
O3S EPE W . -8.98 -41.38 4.89
C1 GOL X . -24.41 -25.76 1.05
O1 GOL X . -24.33 -24.34 1.11
C2 GOL X . -25.68 -26.24 1.72
O2 GOL X . -25.74 -25.76 3.06
C3 GOL X . -25.68 -27.78 1.69
O3 GOL X . -26.84 -28.29 2.35
C1 GOL Y . -11.70 -23.63 -9.78
O1 GOL Y . -12.76 -24.26 -9.04
C2 GOL Y . -11.37 -22.20 -9.34
O2 GOL Y . -10.29 -21.60 -10.12
C3 GOL Y . -12.67 -21.45 -9.54
O3 GOL Y . -12.85 -21.36 -10.93
C1 GOL Z . -8.25 -44.19 -26.89
O1 GOL Z . -8.50 -44.16 -28.28
C2 GOL Z . -7.15 -45.21 -26.59
O2 GOL Z . -5.99 -44.81 -27.30
C3 GOL Z . -6.90 -45.22 -25.08
O3 GOL Z . -5.87 -46.11 -24.73
CA CA AA . -11.50 -32.08 33.22
S SO4 BA . -8.37 9.70 39.71
O1 SO4 BA . -7.14 9.09 40.23
O2 SO4 BA . -8.40 11.12 40.05
O3 SO4 BA . -9.48 9.10 40.45
O4 SO4 BA . -8.46 9.52 38.23
S SO4 CA . -15.33 -11.95 37.74
O1 SO4 CA . -14.92 -11.83 36.34
O2 SO4 CA . -14.17 -11.75 38.62
O3 SO4 CA . -15.90 -13.30 37.96
O4 SO4 CA . -16.32 -10.89 38.06
N1 EPE DA . -37.41 11.01 6.19
C2 EPE DA . -37.18 11.87 5.02
C3 EPE DA . -35.72 12.27 4.93
N4 EPE DA . -35.26 12.90 6.18
C5 EPE DA . -35.65 12.24 7.43
C6 EPE DA . -37.08 11.67 7.47
C7 EPE DA . -33.91 13.43 6.13
C8 EPE DA . -33.59 14.27 4.89
O8 EPE DA . -34.24 15.52 5.02
C9 EPE DA . -38.83 10.66 6.16
C10 EPE DA . -39.17 9.81 7.37
S EPE DA . -40.74 8.93 7.13
O1S EPE DA . -40.54 8.01 5.99
O2S EPE DA . -41.72 9.99 6.85
O3S EPE DA . -41.03 8.16 8.34
C1 GOL EA . -21.22 2.10 18.39
O1 GOL EA . -22.27 1.15 18.24
C2 GOL EA . -19.95 1.73 17.60
O2 GOL EA . -18.76 2.54 17.82
C3 GOL EA . -19.58 0.33 17.98
O3 GOL EA . -19.24 0.37 19.35
C1 GOL FA . -33.32 -11.16 13.77
O1 GOL FA . -34.33 -12.14 13.71
C2 GOL FA . -31.97 -11.77 13.42
O2 GOL FA . -32.05 -12.30 12.10
C3 GOL FA . -30.83 -10.74 13.58
O3 GOL FA . -29.56 -11.32 13.30
C1 GOL GA . -18.29 3.79 14.56
O1 GOL GA . -18.15 3.86 13.16
C2 GOL GA . -18.18 5.19 15.16
O2 GOL GA . -18.04 5.11 16.56
C3 GOL GA . -16.96 5.91 14.56
O3 GOL GA . -15.77 5.48 15.20
#